data_2NLA
# 
_entry.id   2NLA 
# 
_audit_conform.dict_name       mmcif_pdbx.dic 
_audit_conform.dict_version    5.399 
_audit_conform.dict_location   http://mmcif.pdb.org/dictionaries/ascii/mmcif_pdbx.dic 
# 
loop_
_database_2.database_id 
_database_2.database_code 
_database_2.pdbx_database_accession 
_database_2.pdbx_DOI 
PDB   2NLA         pdb_00002nla 10.2210/pdb2nla/pdb 
RCSB  RCSB040002   ?            ?                   
WWPDB D_1000040002 ?            ?                   
# 
loop_
_pdbx_audit_revision_history.ordinal 
_pdbx_audit_revision_history.data_content_type 
_pdbx_audit_revision_history.major_revision 
_pdbx_audit_revision_history.minor_revision 
_pdbx_audit_revision_history.revision_date 
1 'Structure model' 1 0 2007-03-27 
2 'Structure model' 1 1 2008-05-01 
3 'Structure model' 1 2 2011-07-13 
4 'Structure model' 1 3 2017-06-14 
5 'Structure model' 1 4 2017-10-18 
6 'Structure model' 1 5 2023-12-27 
7 'Structure model' 1 6 2024-11-20 
# 
_pdbx_audit_revision_details.ordinal             1 
_pdbx_audit_revision_details.revision_ordinal    1 
_pdbx_audit_revision_details.data_content_type   'Structure model' 
_pdbx_audit_revision_details.provider            repository 
_pdbx_audit_revision_details.type                'Initial release' 
_pdbx_audit_revision_details.description         ? 
_pdbx_audit_revision_details.details             ? 
# 
loop_
_pdbx_audit_revision_group.ordinal 
_pdbx_audit_revision_group.revision_ordinal 
_pdbx_audit_revision_group.data_content_type 
_pdbx_audit_revision_group.group 
1 2 'Structure model' 'Version format compliance' 
2 3 'Structure model' 'Version format compliance' 
3 4 'Structure model' 'Source and taxonomy'       
4 4 'Structure model' 'Structure summary'         
5 5 'Structure model' 'Refinement description'    
6 6 'Structure model' Advisory                    
7 6 'Structure model' 'Data collection'           
8 6 'Structure model' 'Database references'       
9 7 'Structure model' 'Structure summary'         
# 
loop_
_pdbx_audit_revision_category.ordinal 
_pdbx_audit_revision_category.revision_ordinal 
_pdbx_audit_revision_category.data_content_type 
_pdbx_audit_revision_category.category 
1  4 'Structure model' entity                       
2  4 'Structure model' entity_src_gen               
3  4 'Structure model' entity_src_nat               
4  4 'Structure model' pdbx_entity_src_syn          
5  5 'Structure model' software                     
6  6 'Structure model' chem_comp_atom               
7  6 'Structure model' chem_comp_bond               
8  6 'Structure model' database_2                   
9  6 'Structure model' pdbx_unobs_or_zero_occ_atoms 
10 7 'Structure model' pdbx_entry_details           
11 7 'Structure model' pdbx_modification_feature    
# 
loop_
_pdbx_audit_revision_item.ordinal 
_pdbx_audit_revision_item.revision_ordinal 
_pdbx_audit_revision_item.data_content_type 
_pdbx_audit_revision_item.item 
1  4 'Structure model' '_entity.src_method'                  
2  5 'Structure model' '_software.classification'            
3  5 'Structure model' '_software.contact_author'            
4  5 'Structure model' '_software.contact_author_email'      
5  5 'Structure model' '_software.date'                      
6  5 'Structure model' '_software.language'                  
7  5 'Structure model' '_software.location'                  
8  5 'Structure model' '_software.name'                      
9  5 'Structure model' '_software.type'                      
10 5 'Structure model' '_software.version'                   
11 6 'Structure model' '_database_2.pdbx_DOI'                
12 6 'Structure model' '_database_2.pdbx_database_accession' 
# 
_pdbx_database_status.entry_id                        2NLA 
_pdbx_database_status.deposit_site                    RCSB 
_pdbx_database_status.process_site                    PDBJ 
_pdbx_database_status.recvd_initial_deposition_date   2006-10-19 
_pdbx_database_status.status_code                     REL 
_pdbx_database_status.status_code_sf                  REL 
_pdbx_database_status.status_code_mr                  ? 
_pdbx_database_status.SG_entry                        ? 
_pdbx_database_status.status_code_cs                  ? 
_pdbx_database_status.pdb_format_compatible           Y 
_pdbx_database_status.methods_development_category    ? 
_pdbx_database_status.status_code_nmr_data            ? 
# 
loop_
_pdbx_database_related.db_name 
_pdbx_database_related.db_id 
_pdbx_database_related.details 
_pdbx_database_related.content_type 
PDB 1WSX 'Solution structure of Mcl-1' unspecified 
PDB 2NL9 .                             unspecified 
# 
loop_
_audit_author.name 
_audit_author.pdbx_ordinal 
'Czabotar, P.E.' 1 
'Colman, P.M.'   2 
# 
_citation.id                        primary 
_citation.title                     'Structural insights into the degradation of Mcl-1 induced by BH3 domains.' 
_citation.journal_abbrev            Proc.Natl.Acad.Sci.USA 
_citation.journal_volume            104 
_citation.page_first                6217 
_citation.page_last                 6222 
_citation.year                      2007 
_citation.journal_id_ASTM           PNASA6 
_citation.country                   US 
_citation.journal_id_ISSN           0027-8424 
_citation.journal_id_CSD            0040 
_citation.book_publisher            ? 
_citation.pdbx_database_id_PubMed   17389404 
_citation.pdbx_database_id_DOI      10.1073/pnas.0701297104 
# 
loop_
_citation_author.citation_id 
_citation_author.name 
_citation_author.ordinal 
_citation_author.identifier_ORCID 
primary 'Czabotar, P.E.'  1 ? 
primary 'Lee, E.F.'       2 ? 
primary 'van Delft, M.F.' 3 ? 
primary 'Day, C.L.'       4 ? 
primary 'Smith, B.J.'     5 ? 
primary 'Huang, D.C.'     6 ? 
primary 'Fairlie, W.D.'   7 ? 
primary 'Hinds, M.G.'     8 ? 
primary 'Colman, P.M.'    9 ? 
# 
loop_
_entity.id 
_entity.type 
_entity.src_method 
_entity.pdbx_description 
_entity.formula_weight 
_entity.pdbx_number_of_molecules 
_entity.pdbx_ec 
_entity.pdbx_mutation 
_entity.pdbx_fragment 
_entity.details 
1 polymer man 'FUSION PROTEIN CONSISTING OF Induced myeloid leukemia cell differentiation protein Mcl-1 homolog' 17816.135 1  ? ? 
'residues 171-208 and residues 209-327' ? 
2 polymer nat 'Phorbol-12-myristate-13-acetate-induced protein 1'                                                3013.519  1  ? ? 
'BH3 (UNP residues 68-93)'              ? 
3 water   nat water                                                                                              18.015    31 ? ? 
?                                       ? 
# 
_entity_name_com.entity_id   2 
_entity_name_com.name        'Protein Noxa' 
# 
loop_
_entity_poly.entity_id 
_entity_poly.type 
_entity_poly.nstd_linkage 
_entity_poly.nstd_monomer 
_entity_poly.pdbx_seq_one_letter_code 
_entity_poly.pdbx_seq_one_letter_code_can 
_entity_poly.pdbx_strand_id 
_entity_poly.pdbx_target_identifier 
1 'polypeptide(L)' no no 
;EDDLYRQSLEIISRYLREQATGSKDSKPLGEAGAAGRRALETLRRVGDGVQRNHETAFQGMLRKLDIKNEDDVKSLSRVM
IHVFSDGVTNWGRIVTLISFGAFVAKHLKTINQESCIEPLAESITDVLVRTKRDWLVKQRGWDGFVEFFHVEDLEGG
;
;EDDLYRQSLEIISRYLREQATGSKDSKPLGEAGAAGRRALETLRRVGDGVQRNHETAFQGMLRKLDIKNEDDVKSLSRVM
IHVFSDGVTNWGRIVTLISFGAFVAKHLKTINQESCIEPLAESITDVLVRTKRDWLVKQRGWDGFVEFFHVEDLEGG
;
A ? 
2 'polypeptide(L)' no no PADLKDECAQLRRIGDKVNLRQKLLN PADLKDECAQLRRIGDKVNLRQKLLN B ? 
# 
_pdbx_entity_nonpoly.entity_id   3 
_pdbx_entity_nonpoly.name        water 
_pdbx_entity_nonpoly.comp_id     HOH 
# 
loop_
_entity_poly_seq.entity_id 
_entity_poly_seq.num 
_entity_poly_seq.mon_id 
_entity_poly_seq.hetero 
1 1   GLU n 
1 2   ASP n 
1 3   ASP n 
1 4   LEU n 
1 5   TYR n 
1 6   ARG n 
1 7   GLN n 
1 8   SER n 
1 9   LEU n 
1 10  GLU n 
1 11  ILE n 
1 12  ILE n 
1 13  SER n 
1 14  ARG n 
1 15  TYR n 
1 16  LEU n 
1 17  ARG n 
1 18  GLU n 
1 19  GLN n 
1 20  ALA n 
1 21  THR n 
1 22  GLY n 
1 23  SER n 
1 24  LYS n 
1 25  ASP n 
1 26  SER n 
1 27  LYS n 
1 28  PRO n 
1 29  LEU n 
1 30  GLY n 
1 31  GLU n 
1 32  ALA n 
1 33  GLY n 
1 34  ALA n 
1 35  ALA n 
1 36  GLY n 
1 37  ARG n 
1 38  ARG n 
1 39  ALA n 
1 40  LEU n 
1 41  GLU n 
1 42  THR n 
1 43  LEU n 
1 44  ARG n 
1 45  ARG n 
1 46  VAL n 
1 47  GLY n 
1 48  ASP n 
1 49  GLY n 
1 50  VAL n 
1 51  GLN n 
1 52  ARG n 
1 53  ASN n 
1 54  HIS n 
1 55  GLU n 
1 56  THR n 
1 57  ALA n 
1 58  PHE n 
1 59  GLN n 
1 60  GLY n 
1 61  MET n 
1 62  LEU n 
1 63  ARG n 
1 64  LYS n 
1 65  LEU n 
1 66  ASP n 
1 67  ILE n 
1 68  LYS n 
1 69  ASN n 
1 70  GLU n 
1 71  ASP n 
1 72  ASP n 
1 73  VAL n 
1 74  LYS n 
1 75  SER n 
1 76  LEU n 
1 77  SER n 
1 78  ARG n 
1 79  VAL n 
1 80  MET n 
1 81  ILE n 
1 82  HIS n 
1 83  VAL n 
1 84  PHE n 
1 85  SER n 
1 86  ASP n 
1 87  GLY n 
1 88  VAL n 
1 89  THR n 
1 90  ASN n 
1 91  TRP n 
1 92  GLY n 
1 93  ARG n 
1 94  ILE n 
1 95  VAL n 
1 96  THR n 
1 97  LEU n 
1 98  ILE n 
1 99  SER n 
1 100 PHE n 
1 101 GLY n 
1 102 ALA n 
1 103 PHE n 
1 104 VAL n 
1 105 ALA n 
1 106 LYS n 
1 107 HIS n 
1 108 LEU n 
1 109 LYS n 
1 110 THR n 
1 111 ILE n 
1 112 ASN n 
1 113 GLN n 
1 114 GLU n 
1 115 SER n 
1 116 CYS n 
1 117 ILE n 
1 118 GLU n 
1 119 PRO n 
1 120 LEU n 
1 121 ALA n 
1 122 GLU n 
1 123 SER n 
1 124 ILE n 
1 125 THR n 
1 126 ASP n 
1 127 VAL n 
1 128 LEU n 
1 129 VAL n 
1 130 ARG n 
1 131 THR n 
1 132 LYS n 
1 133 ARG n 
1 134 ASP n 
1 135 TRP n 
1 136 LEU n 
1 137 VAL n 
1 138 LYS n 
1 139 GLN n 
1 140 ARG n 
1 141 GLY n 
1 142 TRP n 
1 143 ASP n 
1 144 GLY n 
1 145 PHE n 
1 146 VAL n 
1 147 GLU n 
1 148 PHE n 
1 149 PHE n 
1 150 HIS n 
1 151 VAL n 
1 152 GLU n 
1 153 ASP n 
1 154 LEU n 
1 155 GLU n 
1 156 GLY n 
1 157 GLY n 
2 1   PRO n 
2 2   ALA n 
2 3   ASP n 
2 4   LEU n 
2 5   LYS n 
2 6   ASP n 
2 7   GLU n 
2 8   CYS n 
2 9   ALA n 
2 10  GLN n 
2 11  LEU n 
2 12  ARG n 
2 13  ARG n 
2 14  ILE n 
2 15  GLY n 
2 16  ASP n 
2 17  LYS n 
2 18  VAL n 
2 19  ASN n 
2 20  LEU n 
2 21  ARG n 
2 22  GLN n 
2 23  LYS n 
2 24  LEU n 
2 25  LEU n 
2 26  ASN n 
# 
loop_
_entity_src_gen.entity_id 
_entity_src_gen.pdbx_src_id 
_entity_src_gen.pdbx_alt_source_flag 
_entity_src_gen.pdbx_seq_type 
_entity_src_gen.pdbx_beg_seq_num 
_entity_src_gen.pdbx_end_seq_num 
_entity_src_gen.gene_src_common_name 
_entity_src_gen.gene_src_genus 
_entity_src_gen.pdbx_gene_src_gene 
_entity_src_gen.gene_src_species 
_entity_src_gen.gene_src_strain 
_entity_src_gen.gene_src_tissue 
_entity_src_gen.gene_src_tissue_fraction 
_entity_src_gen.gene_src_details 
_entity_src_gen.pdbx_gene_src_fragment 
_entity_src_gen.pdbx_gene_src_scientific_name 
_entity_src_gen.pdbx_gene_src_ncbi_taxonomy_id 
_entity_src_gen.pdbx_gene_src_variant 
_entity_src_gen.pdbx_gene_src_cell_line 
_entity_src_gen.pdbx_gene_src_atcc 
_entity_src_gen.pdbx_gene_src_organ 
_entity_src_gen.pdbx_gene_src_organelle 
_entity_src_gen.pdbx_gene_src_cell 
_entity_src_gen.pdbx_gene_src_cellular_location 
_entity_src_gen.host_org_common_name 
_entity_src_gen.pdbx_host_org_scientific_name 
_entity_src_gen.pdbx_host_org_ncbi_taxonomy_id 
_entity_src_gen.host_org_genus 
_entity_src_gen.pdbx_host_org_gene 
_entity_src_gen.pdbx_host_org_organ 
_entity_src_gen.host_org_species 
_entity_src_gen.pdbx_host_org_tissue 
_entity_src_gen.pdbx_host_org_tissue_fraction 
_entity_src_gen.pdbx_host_org_strain 
_entity_src_gen.pdbx_host_org_variant 
_entity_src_gen.pdbx_host_org_cell_line 
_entity_src_gen.pdbx_host_org_atcc 
_entity_src_gen.pdbx_host_org_culture_collection 
_entity_src_gen.pdbx_host_org_cell 
_entity_src_gen.pdbx_host_org_organelle 
_entity_src_gen.pdbx_host_org_cellular_location 
_entity_src_gen.pdbx_host_org_vector_type 
_entity_src_gen.pdbx_host_org_vector 
_entity_src_gen.host_org_details 
_entity_src_gen.expression_system_id 
_entity_src_gen.plasmid_name 
_entity_src_gen.plasmid_details 
_entity_src_gen.pdbx_description 
1 1 sample ? ? ? mouse 'Rattus, Homo' Mcl1 , , ? ? ? ? 'Mus musculus'  10090 ? ? ? ? ? ? ? ? 'Escherichia coli BL21(DE3)' 469008 
Escherichia ? ? 'Escherichia coli' ? ? 'BL21 (DE3)' ? ? ? ? ? ? ? Plasmid ? ? ? pGEX-6P3 ? ? 
1 2 sample ? ? ? human ?              ?    ? ? ? ? ? ? ' Homo sapiens' 9606  ? ? ? ? ? ? ? ? 'Escherichia coli BL21(DE3)' 469008 ? 
? ? ?                  ? ? 'BL21 (DE3)' ? ? ? ? ? ? ? Plasmid ? ? ? pGEX-6P3 ? ? 
# 
_entity_src_nat.entity_id                  2 
_entity_src_nat.pdbx_src_id                1 
_entity_src_nat.pdbx_alt_source_flag       sample 
_entity_src_nat.pdbx_beg_seq_num           ? 
_entity_src_nat.pdbx_end_seq_num           ? 
_entity_src_nat.common_name                mouse 
_entity_src_nat.pdbx_organism_scientific   'Mus musculus' 
_entity_src_nat.pdbx_ncbi_taxonomy_id      10090 
_entity_src_nat.genus                      ? 
_entity_src_nat.species                    ? 
_entity_src_nat.strain                     ? 
_entity_src_nat.tissue                     ? 
_entity_src_nat.tissue_fraction            ? 
_entity_src_nat.pdbx_secretion             ? 
_entity_src_nat.pdbx_fragment              ? 
_entity_src_nat.pdbx_variant               ? 
_entity_src_nat.pdbx_cell_line             ? 
_entity_src_nat.pdbx_atcc                  ? 
_entity_src_nat.pdbx_cellular_location     ? 
_entity_src_nat.pdbx_organ                 ? 
_entity_src_nat.pdbx_organelle             ? 
_entity_src_nat.pdbx_cell                  ? 
_entity_src_nat.pdbx_plasmid_name          ? 
_entity_src_nat.pdbx_plasmid_details       ? 
_entity_src_nat.details                    ? 
# 
loop_
_chem_comp.id 
_chem_comp.type 
_chem_comp.mon_nstd_flag 
_chem_comp.name 
_chem_comp.pdbx_synonyms 
_chem_comp.formula 
_chem_comp.formula_weight 
ALA 'L-peptide linking' y ALANINE         ? 'C3 H7 N O2'     89.093  
ARG 'L-peptide linking' y ARGININE        ? 'C6 H15 N4 O2 1' 175.209 
ASN 'L-peptide linking' y ASPARAGINE      ? 'C4 H8 N2 O3'    132.118 
ASP 'L-peptide linking' y 'ASPARTIC ACID' ? 'C4 H7 N O4'     133.103 
CYS 'L-peptide linking' y CYSTEINE        ? 'C3 H7 N O2 S'   121.158 
GLN 'L-peptide linking' y GLUTAMINE       ? 'C5 H10 N2 O3'   146.144 
GLU 'L-peptide linking' y 'GLUTAMIC ACID' ? 'C5 H9 N O4'     147.129 
GLY 'peptide linking'   y GLYCINE         ? 'C2 H5 N O2'     75.067  
HIS 'L-peptide linking' y HISTIDINE       ? 'C6 H10 N3 O2 1' 156.162 
HOH non-polymer         . WATER           ? 'H2 O'           18.015  
ILE 'L-peptide linking' y ISOLEUCINE      ? 'C6 H13 N O2'    131.173 
LEU 'L-peptide linking' y LEUCINE         ? 'C6 H13 N O2'    131.173 
LYS 'L-peptide linking' y LYSINE          ? 'C6 H15 N2 O2 1' 147.195 
MET 'L-peptide linking' y METHIONINE      ? 'C5 H11 N O2 S'  149.211 
PHE 'L-peptide linking' y PHENYLALANINE   ? 'C9 H11 N O2'    165.189 
PRO 'L-peptide linking' y PROLINE         ? 'C5 H9 N O2'     115.130 
SER 'L-peptide linking' y SERINE          ? 'C3 H7 N O3'     105.093 
THR 'L-peptide linking' y THREONINE       ? 'C4 H9 N O3'     119.119 
TRP 'L-peptide linking' y TRYPTOPHAN      ? 'C11 H12 N2 O2'  204.225 
TYR 'L-peptide linking' y TYROSINE        ? 'C9 H11 N O3'    181.189 
VAL 'L-peptide linking' y VALINE          ? 'C5 H11 N O2'    117.146 
# 
loop_
_pdbx_poly_seq_scheme.asym_id 
_pdbx_poly_seq_scheme.entity_id 
_pdbx_poly_seq_scheme.seq_id 
_pdbx_poly_seq_scheme.mon_id 
_pdbx_poly_seq_scheme.ndb_seq_num 
_pdbx_poly_seq_scheme.pdb_seq_num 
_pdbx_poly_seq_scheme.auth_seq_num 
_pdbx_poly_seq_scheme.pdb_mon_id 
_pdbx_poly_seq_scheme.auth_mon_id 
_pdbx_poly_seq_scheme.pdb_strand_id 
_pdbx_poly_seq_scheme.pdb_ins_code 
_pdbx_poly_seq_scheme.hetero 
A 1 1   GLU 1   171 ?   ?   ?   A . n 
A 1 2   ASP 2   172 172 ASP ASP A . n 
A 1 3   ASP 3   173 173 ASP ASP A . n 
A 1 4   LEU 4   174 174 LEU LEU A . n 
A 1 5   TYR 5   175 175 TYR TYR A . n 
A 1 6   ARG 6   176 176 ARG ARG A . n 
A 1 7   GLN 7   177 177 GLN GLN A . n 
A 1 8   SER 8   178 178 SER SER A . n 
A 1 9   LEU 9   179 179 LEU LEU A . n 
A 1 10  GLU 10  180 180 GLU GLU A . n 
A 1 11  ILE 11  181 181 ILE ILE A . n 
A 1 12  ILE 12  182 182 ILE ILE A . n 
A 1 13  SER 13  183 183 SER SER A . n 
A 1 14  ARG 14  184 184 ARG ARG A . n 
A 1 15  TYR 15  185 185 TYR TYR A . n 
A 1 16  LEU 16  186 186 LEU LEU A . n 
A 1 17  ARG 17  187 187 ARG ARG A . n 
A 1 18  GLU 18  188 188 GLU GLU A . n 
A 1 19  GLN 19  189 189 GLN GLN A . n 
A 1 20  ALA 20  190 190 ALA ALA A . n 
A 1 21  THR 21  191 191 THR THR A . n 
A 1 22  GLY 22  192 192 GLY GLY A . n 
A 1 23  SER 23  193 193 SER SER A . n 
A 1 24  LYS 24  194 194 LYS LYS A . n 
A 1 25  ASP 25  195 195 ASP ASP A . n 
A 1 26  SER 26  196 196 SER SER A . n 
A 1 27  LYS 27  197 197 LYS LYS A . n 
A 1 28  PRO 28  198 198 PRO PRO A . n 
A 1 29  LEU 29  199 199 LEU LEU A . n 
A 1 30  GLY 30  200 200 GLY GLY A . n 
A 1 31  GLU 31  201 201 GLU GLU A . n 
A 1 32  ALA 32  202 202 ALA ALA A . n 
A 1 33  GLY 33  203 203 GLY GLY A . n 
A 1 34  ALA 34  204 204 ALA ALA A . n 
A 1 35  ALA 35  205 205 ALA ALA A . n 
A 1 36  GLY 36  206 206 GLY GLY A . n 
A 1 37  ARG 37  207 207 ARG ARG A . n 
A 1 38  ARG 38  208 208 ARG ARG A . n 
A 1 39  ALA 39  209 209 ALA ALA A . n 
A 1 40  LEU 40  210 210 LEU LEU A . n 
A 1 41  GLU 41  211 211 GLU GLU A . n 
A 1 42  THR 42  212 212 THR THR A . n 
A 1 43  LEU 43  213 213 LEU LEU A . n 
A 1 44  ARG 44  214 214 ARG ARG A . n 
A 1 45  ARG 45  215 215 ARG ARG A . n 
A 1 46  VAL 46  216 216 VAL VAL A . n 
A 1 47  GLY 47  217 217 GLY GLY A . n 
A 1 48  ASP 48  218 218 ASP ASP A . n 
A 1 49  GLY 49  219 219 GLY GLY A . n 
A 1 50  VAL 50  220 220 VAL VAL A . n 
A 1 51  GLN 51  221 221 GLN GLN A . n 
A 1 52  ARG 52  222 222 ARG ARG A . n 
A 1 53  ASN 53  223 223 ASN ASN A . n 
A 1 54  HIS 54  224 224 HIS HIS A . n 
A 1 55  GLU 55  225 225 GLU GLU A . n 
A 1 56  THR 56  226 226 THR THR A . n 
A 1 57  ALA 57  227 227 ALA ALA A . n 
A 1 58  PHE 58  228 228 PHE PHE A . n 
A 1 59  GLN 59  229 229 GLN GLN A . n 
A 1 60  GLY 60  230 230 GLY GLY A . n 
A 1 61  MET 61  231 231 MET MET A . n 
A 1 62  LEU 62  232 232 LEU LEU A . n 
A 1 63  ARG 63  233 233 ARG ARG A . n 
A 1 64  LYS 64  234 234 LYS LYS A . n 
A 1 65  LEU 65  235 235 LEU LEU A . n 
A 1 66  ASP 66  236 236 ASP ASP A . n 
A 1 67  ILE 67  237 237 ILE ILE A . n 
A 1 68  LYS 68  238 238 LYS LYS A . n 
A 1 69  ASN 69  239 239 ASN ASN A . n 
A 1 70  GLU 70  240 240 GLU GLU A . n 
A 1 71  ASP 71  241 241 ASP ASP A . n 
A 1 72  ASP 72  242 242 ASP ASP A . n 
A 1 73  VAL 73  243 243 VAL VAL A . n 
A 1 74  LYS 74  244 244 LYS LYS A . n 
A 1 75  SER 75  245 245 SER SER A . n 
A 1 76  LEU 76  246 246 LEU LEU A . n 
A 1 77  SER 77  247 247 SER SER A . n 
A 1 78  ARG 78  248 248 ARG ARG A . n 
A 1 79  VAL 79  249 249 VAL VAL A . n 
A 1 80  MET 80  250 250 MET MET A . n 
A 1 81  ILE 81  251 251 ILE ILE A . n 
A 1 82  HIS 82  252 252 HIS HIS A . n 
A 1 83  VAL 83  253 253 VAL VAL A . n 
A 1 84  PHE 84  254 254 PHE PHE A . n 
A 1 85  SER 85  255 255 SER SER A . n 
A 1 86  ASP 86  256 256 ASP ASP A . n 
A 1 87  GLY 87  257 257 GLY GLY A . n 
A 1 88  VAL 88  258 258 VAL VAL A . n 
A 1 89  THR 89  259 259 THR THR A . n 
A 1 90  ASN 90  260 260 ASN ASN A . n 
A 1 91  TRP 91  261 261 TRP TRP A . n 
A 1 92  GLY 92  262 262 GLY GLY A . n 
A 1 93  ARG 93  263 263 ARG ARG A . n 
A 1 94  ILE 94  264 264 ILE ILE A . n 
A 1 95  VAL 95  265 265 VAL VAL A . n 
A 1 96  THR 96  266 266 THR THR A . n 
A 1 97  LEU 97  267 267 LEU LEU A . n 
A 1 98  ILE 98  268 268 ILE ILE A . n 
A 1 99  SER 99  269 269 SER SER A . n 
A 1 100 PHE 100 270 270 PHE PHE A . n 
A 1 101 GLY 101 271 271 GLY GLY A . n 
A 1 102 ALA 102 272 272 ALA ALA A . n 
A 1 103 PHE 103 273 273 PHE PHE A . n 
A 1 104 VAL 104 274 274 VAL VAL A . n 
A 1 105 ALA 105 275 275 ALA ALA A . n 
A 1 106 LYS 106 276 276 LYS LYS A . n 
A 1 107 HIS 107 277 277 HIS HIS A . n 
A 1 108 LEU 108 278 278 LEU LEU A . n 
A 1 109 LYS 109 279 279 LYS LYS A . n 
A 1 110 THR 110 280 280 THR THR A . n 
A 1 111 ILE 111 281 281 ILE ILE A . n 
A 1 112 ASN 112 282 282 ASN ASN A . n 
A 1 113 GLN 113 283 283 GLN GLN A . n 
A 1 114 GLU 114 284 284 GLU GLU A . n 
A 1 115 SER 115 285 285 SER SER A . n 
A 1 116 CYS 116 286 286 CYS CYS A . n 
A 1 117 ILE 117 287 287 ILE ILE A . n 
A 1 118 GLU 118 288 288 GLU GLU A . n 
A 1 119 PRO 119 289 289 PRO PRO A . n 
A 1 120 LEU 120 290 290 LEU LEU A . n 
A 1 121 ALA 121 291 291 ALA ALA A . n 
A 1 122 GLU 122 292 292 GLU GLU A . n 
A 1 123 SER 123 293 293 SER SER A . n 
A 1 124 ILE 124 294 294 ILE ILE A . n 
A 1 125 THR 125 295 295 THR THR A . n 
A 1 126 ASP 126 296 296 ASP ASP A . n 
A 1 127 VAL 127 297 297 VAL VAL A . n 
A 1 128 LEU 128 298 298 LEU LEU A . n 
A 1 129 VAL 129 299 299 VAL VAL A . n 
A 1 130 ARG 130 300 300 ARG ARG A . n 
A 1 131 THR 131 301 301 THR THR A . n 
A 1 132 LYS 132 302 302 LYS LYS A . n 
A 1 133 ARG 133 303 303 ARG ARG A . n 
A 1 134 ASP 134 304 304 ASP ASP A . n 
A 1 135 TRP 135 305 305 TRP TRP A . n 
A 1 136 LEU 136 306 306 LEU LEU A . n 
A 1 137 VAL 137 307 307 VAL VAL A . n 
A 1 138 LYS 138 308 308 LYS LYS A . n 
A 1 139 GLN 139 309 309 GLN GLN A . n 
A 1 140 ARG 140 310 310 ARG ARG A . n 
A 1 141 GLY 141 311 311 GLY GLY A . n 
A 1 142 TRP 142 312 312 TRP TRP A . n 
A 1 143 ASP 143 313 313 ASP ASP A . n 
A 1 144 GLY 144 314 314 GLY GLY A . n 
A 1 145 PHE 145 315 315 PHE PHE A . n 
A 1 146 VAL 146 316 316 VAL VAL A . n 
A 1 147 GLU 147 317 317 GLU GLU A . n 
A 1 148 PHE 148 318 318 PHE PHE A . n 
A 1 149 PHE 149 319 319 PHE PHE A . n 
A 1 150 HIS 150 320 320 HIS HIS A . n 
A 1 151 VAL 151 321 321 VAL VAL A . n 
A 1 152 GLU 152 322 ?   ?   ?   A . n 
A 1 153 ASP 153 323 ?   ?   ?   A . n 
A 1 154 LEU 154 324 ?   ?   ?   A . n 
A 1 155 GLU 155 325 ?   ?   ?   A . n 
A 1 156 GLY 156 326 ?   ?   ?   A . n 
A 1 157 GLY 157 327 ?   ?   ?   A . n 
B 2 1   PRO 1   68  ?   ?   ?   B . n 
B 2 2   ALA 2   69  ?   ?   ?   B . n 
B 2 3   ASP 3   70  ?   ?   ?   B . n 
B 2 4   LEU 4   71  ?   ?   ?   B . n 
B 2 5   LYS 5   72  ?   ?   ?   B . n 
B 2 6   ASP 6   73  73  ASP ASP B . n 
B 2 7   GLU 7   74  74  GLU GLU B . n 
B 2 8   CYS 8   75  75  CYS CYS B . n 
B 2 9   ALA 9   76  76  ALA ALA B . n 
B 2 10  GLN 10  77  77  GLN GLN B . n 
B 2 11  LEU 11  78  78  LEU LEU B . n 
B 2 12  ARG 12  79  79  ARG ARG B . n 
B 2 13  ARG 13  80  80  ARG ARG B . n 
B 2 14  ILE 14  81  81  ILE ILE B . n 
B 2 15  GLY 15  82  82  GLY GLY B . n 
B 2 16  ASP 16  83  83  ASP ASP B . n 
B 2 17  LYS 17  84  84  LYS LYS B . n 
B 2 18  VAL 18  85  85  VAL VAL B . n 
B 2 19  ASN 19  86  86  ASN ASN B . n 
B 2 20  LEU 20  87  87  LEU LEU B . n 
B 2 21  ARG 21  88  88  ARG ARG B . n 
B 2 22  GLN 22  89  89  GLN GLN B . n 
B 2 23  LYS 23  90  90  LYS LYS B . n 
B 2 24  LEU 24  91  91  LEU LEU B . n 
B 2 25  LEU 25  92  92  LEU LEU B . n 
B 2 26  ASN 26  93  93  ASN ASN B . n 
# 
loop_
_pdbx_nonpoly_scheme.asym_id 
_pdbx_nonpoly_scheme.entity_id 
_pdbx_nonpoly_scheme.mon_id 
_pdbx_nonpoly_scheme.ndb_seq_num 
_pdbx_nonpoly_scheme.pdb_seq_num 
_pdbx_nonpoly_scheme.auth_seq_num 
_pdbx_nonpoly_scheme.pdb_mon_id 
_pdbx_nonpoly_scheme.auth_mon_id 
_pdbx_nonpoly_scheme.pdb_strand_id 
_pdbx_nonpoly_scheme.pdb_ins_code 
C 3 HOH 1  3  3  HOH HOH A . 
C 3 HOH 2  4  4  HOH HOH A . 
C 3 HOH 3  7  7  HOH HOH A . 
C 3 HOH 4  8  8  HOH HOH A . 
C 3 HOH 5  9  9  HOH HOH A . 
C 3 HOH 6  10 10 HOH HOH A . 
C 3 HOH 7  11 11 HOH HOH A . 
C 3 HOH 8  13 13 HOH HOH A . 
C 3 HOH 9  14 14 HOH HOH A . 
C 3 HOH 10 15 15 HOH HOH A . 
C 3 HOH 11 16 16 HOH HOH A . 
C 3 HOH 12 17 17 HOH HOH A . 
C 3 HOH 13 18 18 HOH HOH A . 
C 3 HOH 14 19 19 HOH HOH A . 
C 3 HOH 15 20 20 HOH HOH A . 
C 3 HOH 16 21 21 HOH HOH A . 
C 3 HOH 17 22 22 HOH HOH A . 
C 3 HOH 18 23 23 HOH HOH A . 
C 3 HOH 19 24 24 HOH HOH A . 
C 3 HOH 20 25 25 HOH HOH A . 
C 3 HOH 21 26 26 HOH HOH A . 
C 3 HOH 22 28 28 HOH HOH A . 
C 3 HOH 23 29 29 HOH HOH A . 
C 3 HOH 24 30 30 HOH HOH A . 
C 3 HOH 25 31 31 HOH HOH A . 
D 3 HOH 1  1  1  HOH HOH B . 
D 3 HOH 2  2  2  HOH HOH B . 
D 3 HOH 3  5  5  HOH HOH B . 
D 3 HOH 4  6  6  HOH HOH B . 
D 3 HOH 5  12 12 HOH HOH B . 
D 3 HOH 6  27 27 HOH HOH B . 
# 
loop_
_pdbx_unobs_or_zero_occ_atoms.id 
_pdbx_unobs_or_zero_occ_atoms.PDB_model_num 
_pdbx_unobs_or_zero_occ_atoms.polymer_flag 
_pdbx_unobs_or_zero_occ_atoms.occupancy_flag 
_pdbx_unobs_or_zero_occ_atoms.auth_asym_id 
_pdbx_unobs_or_zero_occ_atoms.auth_comp_id 
_pdbx_unobs_or_zero_occ_atoms.auth_seq_id 
_pdbx_unobs_or_zero_occ_atoms.PDB_ins_code 
_pdbx_unobs_or_zero_occ_atoms.auth_atom_id 
_pdbx_unobs_or_zero_occ_atoms.label_alt_id 
_pdbx_unobs_or_zero_occ_atoms.label_asym_id 
_pdbx_unobs_or_zero_occ_atoms.label_comp_id 
_pdbx_unobs_or_zero_occ_atoms.label_seq_id 
_pdbx_unobs_or_zero_occ_atoms.label_atom_id 
1  1 Y 0 A GLU 180 ? OE1 ? A GLU 10  OE1 
2  1 Y 0 A GLU 180 ? OE2 ? A GLU 10  OE2 
3  1 Y 0 A ARG 184 ? CZ  ? A ARG 14  CZ  
4  1 Y 0 A ARG 184 ? NH1 ? A ARG 14  NH1 
5  1 Y 0 A ARG 184 ? NH2 ? A ARG 14  NH2 
6  1 Y 0 A ARG 187 ? CZ  ? A ARG 17  CZ  
7  1 Y 0 A ARG 187 ? NH1 ? A ARG 17  NH1 
8  1 Y 0 A ARG 187 ? NH2 ? A ARG 17  NH2 
9  1 Y 0 A ARG 208 ? CZ  ? A ARG 38  CZ  
10 1 Y 0 A ARG 208 ? NH1 ? A ARG 38  NH1 
11 1 Y 0 A ARG 208 ? NH2 ? A ARG 38  NH2 
12 1 Y 0 A GLU 225 ? OE1 ? A GLU 55  OE1 
13 1 Y 0 A GLU 225 ? OE2 ? A GLU 55  OE2 
14 1 Y 0 A GLN 229 ? OE1 ? A GLN 59  OE1 
15 1 Y 0 A GLN 229 ? NE2 ? A GLN 59  NE2 
16 1 Y 0 A HIS 252 ? CG  ? A HIS 82  CG  
17 1 Y 0 A HIS 252 ? ND1 ? A HIS 82  ND1 
18 1 Y 0 A HIS 252 ? CD2 ? A HIS 82  CD2 
19 1 Y 0 A HIS 252 ? CE1 ? A HIS 82  CE1 
20 1 Y 0 A HIS 252 ? NE2 ? A HIS 82  NE2 
21 1 Y 0 A GLU 284 ? OE1 ? A GLU 114 OE1 
22 1 Y 0 A GLU 284 ? OE2 ? A GLU 114 OE2 
23 1 Y 0 A GLU 288 ? CG  ? A GLU 118 CG  
24 1 Y 0 A GLU 288 ? CD  ? A GLU 118 CD  
25 1 Y 0 A GLU 288 ? OE1 ? A GLU 118 OE1 
26 1 Y 0 A GLU 288 ? OE2 ? A GLU 118 OE2 
27 1 Y 0 B ASP 73  ? OD1 ? B ASP 6   OD1 
28 1 Y 0 B ASP 73  ? OD2 ? B ASP 6   OD2 
29 1 Y 0 B GLU 74  ? CD  ? B GLU 7   CD  
30 1 Y 0 B GLU 74  ? OE1 ? B GLU 7   OE1 
31 1 Y 0 B GLU 74  ? OE2 ? B GLU 7   OE2 
32 1 Y 0 B LEU 87  ? CG  ? B LEU 20  CG  
33 1 Y 0 B LEU 87  ? CD1 ? B LEU 20  CD1 
34 1 Y 0 B LEU 87  ? CD2 ? B LEU 20  CD2 
35 1 Y 0 B ARG 88  ? CG  ? B ARG 21  CG  
36 1 Y 0 B ARG 88  ? CD  ? B ARG 21  CD  
37 1 Y 0 B ARG 88  ? NE  ? B ARG 21  NE  
38 1 Y 0 B ARG 88  ? CZ  ? B ARG 21  CZ  
39 1 Y 0 B ARG 88  ? NH1 ? B ARG 21  NH1 
40 1 Y 0 B ARG 88  ? NH2 ? B ARG 21  NH2 
# 
loop_
_software.name 
_software.version 
_software.date 
_software.type 
_software.contact_author 
_software.contact_author_email 
_software.classification 
_software.location 
_software.language 
_software.citation_id 
_software.pdbx_ordinal 
DENZO       .          ?                package 'Zbyszek Otwinowski' zbyszek@mix.swmed.edu    'data reduction'  
http://www.lnls.br/infra/linhasluz/denzo-hkl.htm ?          ? 1 
SCALEPACK   .          ?                package 'Zbyszek Otwinowski' zbyszek@mix.swmed.edu    'data scaling'    
http://www.lnls.br/infra/linhasluz/denzo-hkl.htm ?          ? 2 
REFMAC      5.2.0005   ?                program 'Murshudov, G.N.'    ccp4@dl.ac.uk            refinement        
http://www.ccp4.ac.uk/main.html                  Fortran_77 ? 3 
PDB_EXTRACT 2.000      'April. 3, 2006' package PDB                  sw-help@rcsb.rutgers.edu 'data extraction' 
http://pdb.rutgers.edu/software/                 C++        ? 4 
HKL-2000    .          ?                ?       ?                    ?                        'data collection' ? ?          ? 5 
HKL-2000    .          ?                ?       ?                    ?                        'data reduction'  ? ?          ? 6 
PHASER      'V. 1.3.1' ?                ?       ?                    ?                        phasing           ? ?          ? 7 
# 
_cell.entry_id           2NLA 
_cell.length_a           85.381 
_cell.length_b           85.381 
_cell.length_c           46.916 
_cell.angle_alpha        90.00 
_cell.angle_beta         90.00 
_cell.angle_gamma        120.00 
_cell.Z_PDB              6 
_cell.pdbx_unique_axis   ? 
_cell.length_a_esd       ? 
_cell.length_b_esd       ? 
_cell.length_c_esd       ? 
_cell.angle_alpha_esd    ? 
_cell.angle_beta_esd     ? 
_cell.angle_gamma_esd    ? 
# 
_symmetry.entry_id                         2NLA 
_symmetry.space_group_name_H-M             'P 63' 
_symmetry.pdbx_full_space_group_name_H-M   ? 
_symmetry.cell_setting                     ? 
_symmetry.Int_Tables_number                173 
_symmetry.space_group_name_Hall            ? 
# 
_exptl.crystals_number   1 
_exptl.entry_id          2NLA 
_exptl.method            'X-RAY DIFFRACTION' 
# 
_exptl_crystal.id                    1 
_exptl_crystal.density_Matthews      2.37 
_exptl_crystal.density_meas          ? 
_exptl_crystal.density_percent_sol   48.09 
_exptl_crystal.description           ? 
_exptl_crystal.F_000                 ? 
_exptl_crystal.preparation           ? 
# 
_exptl_crystal_grow.crystal_id      1 
_exptl_crystal_grow.method          'VAPOR DIFFUSION, HANGING DROP' 
_exptl_crystal_grow.pH              8.0 
_exptl_crystal_grow.temp            298 
_exptl_crystal_grow.temp_details    ? 
_exptl_crystal_grow.pdbx_details    
'12% PEG 4K, 4% isopropanol, 5% dioxane, 0.1M tris-HCl, pH 8.0, VAPOR DIFFUSION, HANGING DROP, temperature 298K' 
_exptl_crystal_grow.pdbx_pH_range   . 
# 
_diffrn.id                     1 
_diffrn.ambient_temp           100 
_diffrn.ambient_temp_details   ? 
_diffrn.crystal_id             1 
# 
_diffrn_detector.diffrn_id              1 
_diffrn_detector.detector               CCD 
_diffrn_detector.type                   'ADSC QUANTUM 315' 
_diffrn_detector.pdbx_collection_date   2005-11-08 
_diffrn_detector.details                monochrometer 
# 
_diffrn_radiation.diffrn_id                        1 
_diffrn_radiation.wavelength_id                    1 
_diffrn_radiation.pdbx_diffrn_protocol             'SINGLE WAVELENGTH' 
_diffrn_radiation.monochromator                    'Rosenbaum-Rock double crystal sagittal focusing monochrometer' 
_diffrn_radiation.pdbx_monochromatic_or_laue_m_l   M 
_diffrn_radiation.pdbx_scattering_type             x-ray 
# 
_diffrn_radiation_wavelength.id           1 
_diffrn_radiation_wavelength.wavelength   0.9715 
_diffrn_radiation_wavelength.wt           1.0 
# 
_diffrn_source.diffrn_id                   1 
_diffrn_source.source                      SYNCHROTRON 
_diffrn_source.type                        'NSLS BEAMLINE X29A' 
_diffrn_source.pdbx_wavelength             ? 
_diffrn_source.pdbx_wavelength_list        0.9715 
_diffrn_source.pdbx_synchrotron_site       NSLS 
_diffrn_source.pdbx_synchrotron_beamline   X29A 
# 
_reflns.entry_id                     2NLA 
_reflns.d_resolution_high            2.800 
_reflns.d_resolution_low             100.000 
_reflns.number_obs                   4938 
_reflns.pdbx_Rmerge_I_obs            0.068 
_reflns.pdbx_netI_over_sigmaI        13.200 
_reflns.pdbx_chi_squared             1.383 
_reflns.pdbx_redundancy              9.000 
_reflns.percent_possible_obs         99.900 
_reflns.observed_criterion_sigma_F   ? 
_reflns.observed_criterion_sigma_I   ? 
_reflns.number_all                   ? 
_reflns.pdbx_Rsym_value              ? 
_reflns.B_iso_Wilson_estimate        ? 
_reflns.R_free_details               ? 
_reflns.limit_h_max                  ? 
_reflns.limit_h_min                  ? 
_reflns.limit_k_max                  ? 
_reflns.limit_k_min                  ? 
_reflns.limit_l_max                  ? 
_reflns.limit_l_min                  ? 
_reflns.observed_criterion_F_max     ? 
_reflns.observed_criterion_F_min     ? 
_reflns.pdbx_scaling_rejects         ? 
_reflns.pdbx_diffrn_id               1 
_reflns.pdbx_ordinal                 1 
# 
_reflns_shell.d_res_high             2.80 
_reflns_shell.d_res_low              2.90 
_reflns_shell.number_measured_obs    ? 
_reflns_shell.number_measured_all    ? 
_reflns_shell.number_unique_obs      ? 
_reflns_shell.Rmerge_I_obs           0.646 
_reflns_shell.meanI_over_sigI_obs    ? 
_reflns_shell.pdbx_Rsym_value        ? 
_reflns_shell.pdbx_chi_squared       0.941 
_reflns_shell.pdbx_redundancy        7.90 
_reflns_shell.percent_possible_obs   ? 
_reflns_shell.number_unique_all      476 
_reflns_shell.percent_possible_all   100.00 
_reflns_shell.pdbx_diffrn_id         ? 
_reflns_shell.pdbx_ordinal           1 
# 
_refine.entry_id                                 2NLA 
_refine.ls_d_res_high                            2.800 
_refine.ls_d_res_low                             73.920 
_refine.pdbx_ls_sigma_F                          0.00 
_refine.ls_percent_reflns_obs                    99.860 
_refine.ls_number_reflns_obs                     4699 
_refine.pdbx_ls_cross_valid_method               THROUGHOUT 
_refine.pdbx_R_Free_selection_details            RANDOM 
_refine.details                                  
;CHAIN D REFERS TO THE NOXA PEPTIDE WHICH IS COVALENTLY LINKED TO MCL-1 THROUGH CYS 286 OF MCL-1 AND CYS 75 OF NOXA. HYDROGENS HAVE BEEN ADDED IN THE RIDING POSITIONS.
;
_refine.ls_R_factor_obs                          0.211 
_refine.ls_R_factor_R_work                       0.207 
_refine.ls_R_factor_R_free                       0.291 
_refine.ls_percent_reflns_R_free                 4.700 
_refine.ls_number_reflns_R_free                  230 
_refine.B_iso_mean                               80.220 
_refine.aniso_B[1][1]                            1.360 
_refine.aniso_B[2][2]                            1.360 
_refine.aniso_B[3][3]                            -2.040 
_refine.aniso_B[1][2]                            0.680 
_refine.aniso_B[1][3]                            0.000 
_refine.aniso_B[2][3]                            0.000 
_refine.correlation_coeff_Fo_to_Fc               0.955 
_refine.correlation_coeff_Fo_to_Fc_free          0.873 
_refine.pdbx_overall_ESU_R_Free                  0.452 
_refine.overall_SU_ML                            0.472 
_refine.overall_SU_B                             55.937 
_refine.solvent_model_details                    MASK 
_refine.pdbx_solvent_vdw_probe_radii             1.200 
_refine.pdbx_solvent_ion_probe_radii             0.800 
_refine.pdbx_solvent_shrinkage_radii             0.800 
_refine.pdbx_stereochemistry_target_values       'MAXIMUM LIKELIHOOD' 
_refine.pdbx_ls_sigma_I                          ? 
_refine.ls_number_reflns_all                     ? 
_refine.ls_R_factor_all                          ? 
_refine.ls_redundancy_reflns_obs                 ? 
_refine.pdbx_data_cutoff_high_absF               ? 
_refine.pdbx_data_cutoff_low_absF                ? 
_refine.ls_number_parameters                     ? 
_refine.ls_number_restraints                     ? 
_refine.ls_R_factor_R_free_error                 ? 
_refine.ls_R_factor_R_free_error_details         ? 
_refine.pdbx_method_to_determine_struct          'MOLECULAR REPLACEMENT' 
_refine.pdbx_starting_model                      ? 
_refine.pdbx_stereochem_target_val_spec_case     ? 
_refine.solvent_model_param_bsol                 ? 
_refine.solvent_model_param_ksol                 ? 
_refine.occupancy_max                            ? 
_refine.occupancy_min                            ? 
_refine.pdbx_isotropic_thermal_model             ? 
_refine.B_iso_min                                ? 
_refine.B_iso_max                                ? 
_refine.overall_SU_R_Cruickshank_DPI             ? 
_refine.overall_SU_R_free                        ? 
_refine.pdbx_data_cutoff_high_rms_absF           ? 
_refine.pdbx_overall_ESU_R                       ? 
_refine.ls_wR_factor_R_free                      ? 
_refine.ls_wR_factor_R_work                      ? 
_refine.overall_FOM_free_R_set                   ? 
_refine.overall_FOM_work_R_set                   ? 
_refine.pdbx_refine_id                           'X-RAY DIFFRACTION' 
_refine.pdbx_diffrn_id                           1 
_refine.pdbx_TLS_residual_ADP_flag               ? 
_refine.pdbx_overall_phase_error                 ? 
_refine.pdbx_overall_SU_R_free_Cruickshank_DPI   ? 
_refine.pdbx_overall_SU_R_Blow_DPI               ? 
_refine.pdbx_overall_SU_R_free_Blow_DPI          ? 
# 
_refine_hist.pdbx_refine_id                   'X-RAY DIFFRACTION' 
_refine_hist.cycle_id                         LAST 
_refine_hist.pdbx_number_atoms_protein        1375 
_refine_hist.pdbx_number_atoms_nucleic_acid   0 
_refine_hist.pdbx_number_atoms_ligand         0 
_refine_hist.number_atoms_solvent             31 
_refine_hist.number_atoms_total               1406 
_refine_hist.d_res_high                       2.800 
_refine_hist.d_res_low                        73.920 
# 
loop_
_refine_ls_restr.type 
_refine_ls_restr.number 
_refine_ls_restr.dev_ideal 
_refine_ls_restr.dev_ideal_target 
_refine_ls_restr.weight 
_refine_ls_restr.pdbx_refine_id 
_refine_ls_restr.pdbx_restraint_function 
r_bond_refined_d         1395 0.012  0.022  ? 'X-RAY DIFFRACTION' ? 
r_angle_refined_deg      1874 1.341  1.951  ? 'X-RAY DIFFRACTION' ? 
r_dihedral_angle_1_deg   169  5.571  5.000  ? 'X-RAY DIFFRACTION' ? 
r_dihedral_angle_2_deg   71   34.213 22.958 ? 'X-RAY DIFFRACTION' ? 
r_dihedral_angle_3_deg   264  19.407 15.000 ? 'X-RAY DIFFRACTION' ? 
r_dihedral_angle_4_deg   17   16.516 15.000 ? 'X-RAY DIFFRACTION' ? 
r_chiral_restr           208  0.088  0.200  ? 'X-RAY DIFFRACTION' ? 
r_gen_planes_refined     1044 0.004  0.020  ? 'X-RAY DIFFRACTION' ? 
r_nbd_refined            717  0.242  0.200  ? 'X-RAY DIFFRACTION' ? 
r_nbtor_refined          947  0.303  0.200  ? 'X-RAY DIFFRACTION' ? 
r_xyhbond_nbd_refined    68   0.204  0.200  ? 'X-RAY DIFFRACTION' ? 
r_symmetry_vdw_refined   47   0.208  0.200  ? 'X-RAY DIFFRACTION' ? 
r_symmetry_hbond_refined 9    0.226  0.200  ? 'X-RAY DIFFRACTION' ? 
r_mcbond_it              875  0.425  1.500  ? 'X-RAY DIFFRACTION' ? 
r_mcangle_it             1353 0.705  2.000  ? 'X-RAY DIFFRACTION' ? 
r_scbond_it              590  0.949  3.000  ? 'X-RAY DIFFRACTION' ? 
r_scangle_it             521  1.561  4.500  ? 'X-RAY DIFFRACTION' ? 
# 
_refine_ls_shell.d_res_high                       2.798 
_refine_ls_shell.d_res_low                        2.871 
_refine_ls_shell.pdbx_total_number_of_bins_used   20 
_refine_ls_shell.percent_reflns_obs               98.910 
_refine_ls_shell.number_reflns_R_work             344 
_refine_ls_shell.R_factor_all                     ? 
_refine_ls_shell.R_factor_R_work                  0.413 
_refine_ls_shell.R_factor_R_free                  0.428 
_refine_ls_shell.percent_reflns_R_free            ? 
_refine_ls_shell.number_reflns_R_free             18 
_refine_ls_shell.R_factor_R_free_error            ? 
_refine_ls_shell.number_reflns_all                ? 
_refine_ls_shell.number_reflns_obs                362 
_refine_ls_shell.redundancy_reflns_obs            ? 
_refine_ls_shell.pdbx_refine_id                   'X-RAY DIFFRACTION' 
# 
_struct.entry_id                  2NLA 
_struct.title                     'Crystal structure of the Mcl-1:mNoxaB BH3 complex' 
_struct.pdbx_model_details        ? 
_struct.pdbx_CASP_flag            ? 
_struct.pdbx_model_type_details   ? 
# 
_struct_keywords.entry_id        2NLA 
_struct_keywords.pdbx_keywords   APOPTOSIS 
_struct_keywords.text            'Apoptosis, Bcl-2, Mcl-1, Noxa' 
# 
loop_
_struct_asym.id 
_struct_asym.pdbx_blank_PDB_chainid_flag 
_struct_asym.pdbx_modified 
_struct_asym.entity_id 
_struct_asym.details 
A N N 1 ? 
B N N 2 ? 
C N N 3 ? 
D N N 3 ? 
# 
loop_
_struct_ref.id 
_struct_ref.db_name 
_struct_ref.db_code 
_struct_ref.pdbx_db_accession 
_struct_ref.entity_id 
_struct_ref.pdbx_seq_one_letter_code 
_struct_ref.pdbx_align_begin 
_struct_ref.pdbx_db_isoform 
1 UNP MCL1_MOUSE P97287 1 EDDELYRQSLEIISRYLREQATGSKDAKPLGEAGAAGRR 151 ? 
2 UNP MCL1_HUMAN Q07820 1 
;ALETLRRVGDGVQRNHETAFQGMLRKLDIKNEDDVKSLSRVMIHVFSDGVTNWGRIVTLISFGAFVAKHLKTINQESCIE
PLAESITDVLVRTKRDWLVKQRGWDGFVEFFHVEDLEGG
;
209 ? 
3 UNP APR_MOUSE  Q9JM54 2 PADLKDECAQLRRIGDKVNLRQKLLN 68  ? 
# 
loop_
_struct_ref_seq.align_id 
_struct_ref_seq.ref_id 
_struct_ref_seq.pdbx_PDB_id_code 
_struct_ref_seq.pdbx_strand_id 
_struct_ref_seq.seq_align_beg 
_struct_ref_seq.pdbx_seq_align_beg_ins_code 
_struct_ref_seq.seq_align_end 
_struct_ref_seq.pdbx_seq_align_end_ins_code 
_struct_ref_seq.pdbx_db_accession 
_struct_ref_seq.db_align_beg 
_struct_ref_seq.pdbx_db_align_beg_ins_code 
_struct_ref_seq.db_align_end 
_struct_ref_seq.pdbx_db_align_end_ins_code 
_struct_ref_seq.pdbx_auth_seq_align_beg 
_struct_ref_seq.pdbx_auth_seq_align_end 
1 1 2NLA A 1  ? 38  ? P97287 152 ? 189 ? 171 208 
2 2 2NLA A 39 ? 157 ? Q07820 209 ? 327 ? 209 327 
3 3 2NLA B 1  ? 26  ? Q9JM54 68  ? 93  ? 68  93  
# 
_pdbx_struct_assembly.id                   1 
_pdbx_struct_assembly.details              author_and_software_defined_assembly 
_pdbx_struct_assembly.method_details       PISA 
_pdbx_struct_assembly.oligomeric_details   dimeric 
_pdbx_struct_assembly.oligomeric_count     2 
# 
loop_
_pdbx_struct_assembly_prop.biol_id 
_pdbx_struct_assembly_prop.type 
_pdbx_struct_assembly_prop.value 
_pdbx_struct_assembly_prop.details 
1 'ABSA (A^2)' 1620 ? 
1 MORE         -10  ? 
1 'SSA (A^2)'  9110 ? 
# 
_pdbx_struct_assembly_gen.assembly_id       1 
_pdbx_struct_assembly_gen.oper_expression   1 
_pdbx_struct_assembly_gen.asym_id_list      A,B,C,D 
# 
_pdbx_struct_oper_list.id                   1 
_pdbx_struct_oper_list.type                 'identity operation' 
_pdbx_struct_oper_list.name                 1_555 
_pdbx_struct_oper_list.symmetry_operation   x,y,z 
_pdbx_struct_oper_list.matrix[1][1]         1.0000000000 
_pdbx_struct_oper_list.matrix[1][2]         0.0000000000 
_pdbx_struct_oper_list.matrix[1][3]         0.0000000000 
_pdbx_struct_oper_list.vector[1]            0.0000000000 
_pdbx_struct_oper_list.matrix[2][1]         0.0000000000 
_pdbx_struct_oper_list.matrix[2][2]         1.0000000000 
_pdbx_struct_oper_list.matrix[2][3]         0.0000000000 
_pdbx_struct_oper_list.vector[2]            0.0000000000 
_pdbx_struct_oper_list.matrix[3][1]         0.0000000000 
_pdbx_struct_oper_list.matrix[3][2]         0.0000000000 
_pdbx_struct_oper_list.matrix[3][3]         1.0000000000 
_pdbx_struct_oper_list.vector[3]            0.0000000000 
# 
loop_
_struct_conf.conf_type_id 
_struct_conf.id 
_struct_conf.pdbx_PDB_helix_id 
_struct_conf.beg_label_comp_id 
_struct_conf.beg_label_asym_id 
_struct_conf.beg_label_seq_id 
_struct_conf.pdbx_beg_PDB_ins_code 
_struct_conf.end_label_comp_id 
_struct_conf.end_label_asym_id 
_struct_conf.end_label_seq_id 
_struct_conf.pdbx_end_PDB_ins_code 
_struct_conf.beg_auth_comp_id 
_struct_conf.beg_auth_asym_id 
_struct_conf.beg_auth_seq_id 
_struct_conf.end_auth_comp_id 
_struct_conf.end_auth_asym_id 
_struct_conf.end_auth_seq_id 
_struct_conf.pdbx_PDB_helix_class 
_struct_conf.details 
_struct_conf.pdbx_PDB_helix_length 
HELX_P HELX_P1  1  ASP A 2   ? LEU A 4   ? ASP A 172 LEU A 174 5 ? 3  
HELX_P HELX_P2  2  TYR A 5   ? THR A 21  ? TYR A 175 THR A 191 1 ? 17 
HELX_P HELX_P3  3  ALA A 32  ? HIS A 54  ? ALA A 202 HIS A 224 1 ? 23 
HELX_P HELX_P4  4  HIS A 54  ? LEU A 65  ? HIS A 224 LEU A 235 1 ? 12 
HELX_P HELX_P5  5  ASN A 69  ? PHE A 84  ? ASN A 239 PHE A 254 1 ? 16 
HELX_P HELX_P6  6  SER A 85  ? GLY A 87  ? SER A 255 GLY A 257 5 ? 3  
HELX_P HELX_P7  7  ASN A 90  ? ILE A 111 ? ASN A 260 ILE A 281 1 ? 22 
HELX_P HELX_P8  8  GLN A 113 ? SER A 115 ? GLN A 283 SER A 285 5 ? 3  
HELX_P HELX_P9  9  CYS A 116 ? LYS A 132 ? CYS A 286 LYS A 302 1 ? 17 
HELX_P HELX_P10 10 LYS A 132 ? GLN A 139 ? LYS A 302 GLN A 309 1 ? 8  
HELX_P HELX_P11 11 GLY A 141 ? PHE A 149 ? GLY A 311 PHE A 319 1 ? 9  
HELX_P HELX_P12 12 ALA B 9   ? LEU B 24  ? ALA B 76  LEU B 91  1 ? 16 
# 
_struct_conf_type.id          HELX_P 
_struct_conf_type.criteria    ? 
_struct_conf_type.reference   ? 
# 
_struct_conn.id                            disulf1 
_struct_conn.conn_type_id                  disulf 
_struct_conn.pdbx_leaving_atom_flag        ? 
_struct_conn.pdbx_PDB_id                   ? 
_struct_conn.ptnr1_label_asym_id           A 
_struct_conn.ptnr1_label_comp_id           CYS 
_struct_conn.ptnr1_label_seq_id            116 
_struct_conn.ptnr1_label_atom_id           SG 
_struct_conn.pdbx_ptnr1_label_alt_id       ? 
_struct_conn.pdbx_ptnr1_PDB_ins_code       ? 
_struct_conn.pdbx_ptnr1_standard_comp_id   ? 
_struct_conn.ptnr1_symmetry                1_555 
_struct_conn.ptnr2_label_asym_id           B 
_struct_conn.ptnr2_label_comp_id           CYS 
_struct_conn.ptnr2_label_seq_id            8 
_struct_conn.ptnr2_label_atom_id           SG 
_struct_conn.pdbx_ptnr2_label_alt_id       ? 
_struct_conn.pdbx_ptnr2_PDB_ins_code       ? 
_struct_conn.ptnr1_auth_asym_id            A 
_struct_conn.ptnr1_auth_comp_id            CYS 
_struct_conn.ptnr1_auth_seq_id             286 
_struct_conn.ptnr2_auth_asym_id            B 
_struct_conn.ptnr2_auth_comp_id            CYS 
_struct_conn.ptnr2_auth_seq_id             75 
_struct_conn.ptnr2_symmetry                5_555 
_struct_conn.pdbx_ptnr3_label_atom_id      ? 
_struct_conn.pdbx_ptnr3_label_seq_id       ? 
_struct_conn.pdbx_ptnr3_label_comp_id      ? 
_struct_conn.pdbx_ptnr3_label_asym_id      ? 
_struct_conn.pdbx_ptnr3_label_alt_id       ? 
_struct_conn.pdbx_ptnr3_PDB_ins_code       ? 
_struct_conn.details                       ? 
_struct_conn.pdbx_dist_value               2.026 
_struct_conn.pdbx_value_order              ? 
_struct_conn.pdbx_role                     ? 
# 
_struct_conn_type.id          disulf 
_struct_conn_type.criteria    ? 
_struct_conn_type.reference   ? 
# 
_pdbx_modification_feature.ordinal                            1 
_pdbx_modification_feature.label_comp_id                      CYS 
_pdbx_modification_feature.label_asym_id                      A 
_pdbx_modification_feature.label_seq_id                       116 
_pdbx_modification_feature.label_alt_id                       ? 
_pdbx_modification_feature.modified_residue_label_comp_id     CYS 
_pdbx_modification_feature.modified_residue_label_asym_id     B 
_pdbx_modification_feature.modified_residue_label_seq_id      8 
_pdbx_modification_feature.modified_residue_label_alt_id      ? 
_pdbx_modification_feature.auth_comp_id                       CYS 
_pdbx_modification_feature.auth_asym_id                       A 
_pdbx_modification_feature.auth_seq_id                        286 
_pdbx_modification_feature.PDB_ins_code                       ? 
_pdbx_modification_feature.symmetry                           1_555 
_pdbx_modification_feature.modified_residue_auth_comp_id      CYS 
_pdbx_modification_feature.modified_residue_auth_asym_id      B 
_pdbx_modification_feature.modified_residue_auth_seq_id       75 
_pdbx_modification_feature.modified_residue_PDB_ins_code      ? 
_pdbx_modification_feature.modified_residue_symmetry          5_555 
_pdbx_modification_feature.comp_id_linking_atom               SG 
_pdbx_modification_feature.modified_residue_id_linking_atom   SG 
_pdbx_modification_feature.modified_residue_id                . 
_pdbx_modification_feature.ref_pcm_id                         . 
_pdbx_modification_feature.ref_comp_id                        . 
_pdbx_modification_feature.type                               None 
_pdbx_modification_feature.category                           'Disulfide bridge' 
# 
_pdbx_entry_details.entry_id                   2NLA 
_pdbx_entry_details.compound_details           ? 
_pdbx_entry_details.source_details             ? 
_pdbx_entry_details.nonpolymer_details         ? 
_pdbx_entry_details.sequence_details           ? 
_pdbx_entry_details.has_ligand_of_interest     ? 
_pdbx_entry_details.has_protein_modification   Y 
# 
_pdbx_validate_close_contact.id               1 
_pdbx_validate_close_contact.PDB_model_num    1 
_pdbx_validate_close_contact.auth_atom_id_1   O 
_pdbx_validate_close_contact.auth_asym_id_1   A 
_pdbx_validate_close_contact.auth_comp_id_1   HOH 
_pdbx_validate_close_contact.auth_seq_id_1    9 
_pdbx_validate_close_contact.PDB_ins_code_1   ? 
_pdbx_validate_close_contact.label_alt_id_1   ? 
_pdbx_validate_close_contact.auth_atom_id_2   O 
_pdbx_validate_close_contact.auth_asym_id_2   A 
_pdbx_validate_close_contact.auth_comp_id_2   HOH 
_pdbx_validate_close_contact.auth_seq_id_2    29 
_pdbx_validate_close_contact.PDB_ins_code_2   ? 
_pdbx_validate_close_contact.label_alt_id_2   ? 
_pdbx_validate_close_contact.dist             2.06 
# 
loop_
_pdbx_validate_torsion.id 
_pdbx_validate_torsion.PDB_model_num 
_pdbx_validate_torsion.auth_comp_id 
_pdbx_validate_torsion.auth_asym_id 
_pdbx_validate_torsion.auth_seq_id 
_pdbx_validate_torsion.PDB_ins_code 
_pdbx_validate_torsion.label_alt_id 
_pdbx_validate_torsion.phi 
_pdbx_validate_torsion.psi 
1 1 ASP A 173 ? ? -58.56  -85.63  
2 1 ALA A 202 ? ? -147.84 -25.49  
3 1 ASP A 236 ? ? -48.98  104.04  
4 1 LYS A 238 ? ? -131.84 -89.73  
5 1 ASN A 239 ? ? -67.15  -169.57 
6 1 VAL A 297 ? ? -46.93  -71.53  
7 1 ALA B 76  ? ? -67.40  57.82   
# 
loop_
_pdbx_refine_tls.id 
_pdbx_refine_tls.details 
_pdbx_refine_tls.method 
_pdbx_refine_tls.origin_x 
_pdbx_refine_tls.origin_y 
_pdbx_refine_tls.origin_z 
_pdbx_refine_tls.T[1][1] 
_pdbx_refine_tls.T[2][2] 
_pdbx_refine_tls.T[3][3] 
_pdbx_refine_tls.T[1][2] 
_pdbx_refine_tls.T[1][3] 
_pdbx_refine_tls.T[2][3] 
_pdbx_refine_tls.L[1][1] 
_pdbx_refine_tls.L[2][2] 
_pdbx_refine_tls.L[3][3] 
_pdbx_refine_tls.L[1][2] 
_pdbx_refine_tls.L[1][3] 
_pdbx_refine_tls.L[2][3] 
_pdbx_refine_tls.S[1][1] 
_pdbx_refine_tls.S[2][2] 
_pdbx_refine_tls.S[3][3] 
_pdbx_refine_tls.S[1][2] 
_pdbx_refine_tls.S[1][3] 
_pdbx_refine_tls.S[2][3] 
_pdbx_refine_tls.S[2][1] 
_pdbx_refine_tls.S[3][1] 
_pdbx_refine_tls.S[3][2] 
_pdbx_refine_tls.pdbx_refine_id 
1 ? refined 0.2730  -0.0268 -1.4999  -0.2669 -0.3671 -0.3493 -0.0459 0.0402 0.0486  8.1790 7.2896  8.1323  0.1398  -2.4877 0.4138  0.1298  0.3172 -0.4472 0.3922  0.6033 0.0326  -0.8460 -0.7061 -0.4090 'X-RAY DIFFRACTION' 
2 ? refined -6.3979 -0.9461 -22.7893 -0.1903 -0.1329 -0.4218 -0.0336 0.1243 -0.0149 7.0192 28.9589 12.6772 -1.6992 2.6223  -4.5010 -0.5792 0.2712 0.3080  -0.6726 0.8656 -0.0455 2.2544  -0.8184 -1.0377 'X-RAY DIFFRACTION' 
# 
loop_
_pdbx_refine_tls_group.id 
_pdbx_refine_tls_group.refine_tls_id 
_pdbx_refine_tls_group.beg_label_asym_id 
_pdbx_refine_tls_group.beg_label_seq_id 
_pdbx_refine_tls_group.end_label_asym_id 
_pdbx_refine_tls_group.end_label_seq_id 
_pdbx_refine_tls_group.selection 
_pdbx_refine_tls_group.beg_auth_asym_id 
_pdbx_refine_tls_group.beg_auth_seq_id 
_pdbx_refine_tls_group.end_auth_asym_id 
_pdbx_refine_tls_group.end_auth_seq_id 
_pdbx_refine_tls_group.pdbx_refine_id 
_pdbx_refine_tls_group.selection_details 
1 1 A 5 A 151 ALL A 175 A 321 'X-RAY DIFFRACTION' ? 
2 2 B 6 B 26  ALL B 73  B 93  'X-RAY DIFFRACTION' ? 
# 
loop_
_pdbx_unobs_or_zero_occ_residues.id 
_pdbx_unobs_or_zero_occ_residues.PDB_model_num 
_pdbx_unobs_or_zero_occ_residues.polymer_flag 
_pdbx_unobs_or_zero_occ_residues.occupancy_flag 
_pdbx_unobs_or_zero_occ_residues.auth_asym_id 
_pdbx_unobs_or_zero_occ_residues.auth_comp_id 
_pdbx_unobs_or_zero_occ_residues.auth_seq_id 
_pdbx_unobs_or_zero_occ_residues.PDB_ins_code 
_pdbx_unobs_or_zero_occ_residues.label_asym_id 
_pdbx_unobs_or_zero_occ_residues.label_comp_id 
_pdbx_unobs_or_zero_occ_residues.label_seq_id 
1  1 Y 1 A GLU 171 ? A GLU 1   
2  1 Y 1 A GLU 322 ? A GLU 152 
3  1 Y 1 A ASP 323 ? A ASP 153 
4  1 Y 1 A LEU 324 ? A LEU 154 
5  1 Y 1 A GLU 325 ? A GLU 155 
6  1 Y 1 A GLY 326 ? A GLY 156 
7  1 Y 1 A GLY 327 ? A GLY 157 
8  1 Y 1 B PRO 68  ? B PRO 1   
9  1 Y 1 B ALA 69  ? B ALA 2   
10 1 Y 1 B ASP 70  ? B ASP 3   
11 1 Y 1 B LEU 71  ? B LEU 4   
12 1 Y 1 B LYS 72  ? B LYS 5   
# 
loop_
_chem_comp_atom.comp_id 
_chem_comp_atom.atom_id 
_chem_comp_atom.type_symbol 
_chem_comp_atom.pdbx_aromatic_flag 
_chem_comp_atom.pdbx_stereo_config 
_chem_comp_atom.pdbx_ordinal 
ALA N    N N N 1   
ALA CA   C N S 2   
ALA C    C N N 3   
ALA O    O N N 4   
ALA CB   C N N 5   
ALA OXT  O N N 6   
ALA H    H N N 7   
ALA H2   H N N 8   
ALA HA   H N N 9   
ALA HB1  H N N 10  
ALA HB2  H N N 11  
ALA HB3  H N N 12  
ALA HXT  H N N 13  
ARG N    N N N 14  
ARG CA   C N S 15  
ARG C    C N N 16  
ARG O    O N N 17  
ARG CB   C N N 18  
ARG CG   C N N 19  
ARG CD   C N N 20  
ARG NE   N N N 21  
ARG CZ   C N N 22  
ARG NH1  N N N 23  
ARG NH2  N N N 24  
ARG OXT  O N N 25  
ARG H    H N N 26  
ARG H2   H N N 27  
ARG HA   H N N 28  
ARG HB2  H N N 29  
ARG HB3  H N N 30  
ARG HG2  H N N 31  
ARG HG3  H N N 32  
ARG HD2  H N N 33  
ARG HD3  H N N 34  
ARG HE   H N N 35  
ARG HH11 H N N 36  
ARG HH12 H N N 37  
ARG HH21 H N N 38  
ARG HH22 H N N 39  
ARG HXT  H N N 40  
ASN N    N N N 41  
ASN CA   C N S 42  
ASN C    C N N 43  
ASN O    O N N 44  
ASN CB   C N N 45  
ASN CG   C N N 46  
ASN OD1  O N N 47  
ASN ND2  N N N 48  
ASN OXT  O N N 49  
ASN H    H N N 50  
ASN H2   H N N 51  
ASN HA   H N N 52  
ASN HB2  H N N 53  
ASN HB3  H N N 54  
ASN HD21 H N N 55  
ASN HD22 H N N 56  
ASN HXT  H N N 57  
ASP N    N N N 58  
ASP CA   C N S 59  
ASP C    C N N 60  
ASP O    O N N 61  
ASP CB   C N N 62  
ASP CG   C N N 63  
ASP OD1  O N N 64  
ASP OD2  O N N 65  
ASP OXT  O N N 66  
ASP H    H N N 67  
ASP H2   H N N 68  
ASP HA   H N N 69  
ASP HB2  H N N 70  
ASP HB3  H N N 71  
ASP HD2  H N N 72  
ASP HXT  H N N 73  
CYS N    N N N 74  
CYS CA   C N R 75  
CYS C    C N N 76  
CYS O    O N N 77  
CYS CB   C N N 78  
CYS SG   S N N 79  
CYS OXT  O N N 80  
CYS H    H N N 81  
CYS H2   H N N 82  
CYS HA   H N N 83  
CYS HB2  H N N 84  
CYS HB3  H N N 85  
CYS HG   H N N 86  
CYS HXT  H N N 87  
GLN N    N N N 88  
GLN CA   C N S 89  
GLN C    C N N 90  
GLN O    O N N 91  
GLN CB   C N N 92  
GLN CG   C N N 93  
GLN CD   C N N 94  
GLN OE1  O N N 95  
GLN NE2  N N N 96  
GLN OXT  O N N 97  
GLN H    H N N 98  
GLN H2   H N N 99  
GLN HA   H N N 100 
GLN HB2  H N N 101 
GLN HB3  H N N 102 
GLN HG2  H N N 103 
GLN HG3  H N N 104 
GLN HE21 H N N 105 
GLN HE22 H N N 106 
GLN HXT  H N N 107 
GLU N    N N N 108 
GLU CA   C N S 109 
GLU C    C N N 110 
GLU O    O N N 111 
GLU CB   C N N 112 
GLU CG   C N N 113 
GLU CD   C N N 114 
GLU OE1  O N N 115 
GLU OE2  O N N 116 
GLU OXT  O N N 117 
GLU H    H N N 118 
GLU H2   H N N 119 
GLU HA   H N N 120 
GLU HB2  H N N 121 
GLU HB3  H N N 122 
GLU HG2  H N N 123 
GLU HG3  H N N 124 
GLU HE2  H N N 125 
GLU HXT  H N N 126 
GLY N    N N N 127 
GLY CA   C N N 128 
GLY C    C N N 129 
GLY O    O N N 130 
GLY OXT  O N N 131 
GLY H    H N N 132 
GLY H2   H N N 133 
GLY HA2  H N N 134 
GLY HA3  H N N 135 
GLY HXT  H N N 136 
HIS N    N N N 137 
HIS CA   C N S 138 
HIS C    C N N 139 
HIS O    O N N 140 
HIS CB   C N N 141 
HIS CG   C Y N 142 
HIS ND1  N Y N 143 
HIS CD2  C Y N 144 
HIS CE1  C Y N 145 
HIS NE2  N Y N 146 
HIS OXT  O N N 147 
HIS H    H N N 148 
HIS H2   H N N 149 
HIS HA   H N N 150 
HIS HB2  H N N 151 
HIS HB3  H N N 152 
HIS HD1  H N N 153 
HIS HD2  H N N 154 
HIS HE1  H N N 155 
HIS HE2  H N N 156 
HIS HXT  H N N 157 
HOH O    O N N 158 
HOH H1   H N N 159 
HOH H2   H N N 160 
ILE N    N N N 161 
ILE CA   C N S 162 
ILE C    C N N 163 
ILE O    O N N 164 
ILE CB   C N S 165 
ILE CG1  C N N 166 
ILE CG2  C N N 167 
ILE CD1  C N N 168 
ILE OXT  O N N 169 
ILE H    H N N 170 
ILE H2   H N N 171 
ILE HA   H N N 172 
ILE HB   H N N 173 
ILE HG12 H N N 174 
ILE HG13 H N N 175 
ILE HG21 H N N 176 
ILE HG22 H N N 177 
ILE HG23 H N N 178 
ILE HD11 H N N 179 
ILE HD12 H N N 180 
ILE HD13 H N N 181 
ILE HXT  H N N 182 
LEU N    N N N 183 
LEU CA   C N S 184 
LEU C    C N N 185 
LEU O    O N N 186 
LEU CB   C N N 187 
LEU CG   C N N 188 
LEU CD1  C N N 189 
LEU CD2  C N N 190 
LEU OXT  O N N 191 
LEU H    H N N 192 
LEU H2   H N N 193 
LEU HA   H N N 194 
LEU HB2  H N N 195 
LEU HB3  H N N 196 
LEU HG   H N N 197 
LEU HD11 H N N 198 
LEU HD12 H N N 199 
LEU HD13 H N N 200 
LEU HD21 H N N 201 
LEU HD22 H N N 202 
LEU HD23 H N N 203 
LEU HXT  H N N 204 
LYS N    N N N 205 
LYS CA   C N S 206 
LYS C    C N N 207 
LYS O    O N N 208 
LYS CB   C N N 209 
LYS CG   C N N 210 
LYS CD   C N N 211 
LYS CE   C N N 212 
LYS NZ   N N N 213 
LYS OXT  O N N 214 
LYS H    H N N 215 
LYS H2   H N N 216 
LYS HA   H N N 217 
LYS HB2  H N N 218 
LYS HB3  H N N 219 
LYS HG2  H N N 220 
LYS HG3  H N N 221 
LYS HD2  H N N 222 
LYS HD3  H N N 223 
LYS HE2  H N N 224 
LYS HE3  H N N 225 
LYS HZ1  H N N 226 
LYS HZ2  H N N 227 
LYS HZ3  H N N 228 
LYS HXT  H N N 229 
MET N    N N N 230 
MET CA   C N S 231 
MET C    C N N 232 
MET O    O N N 233 
MET CB   C N N 234 
MET CG   C N N 235 
MET SD   S N N 236 
MET CE   C N N 237 
MET OXT  O N N 238 
MET H    H N N 239 
MET H2   H N N 240 
MET HA   H N N 241 
MET HB2  H N N 242 
MET HB3  H N N 243 
MET HG2  H N N 244 
MET HG3  H N N 245 
MET HE1  H N N 246 
MET HE2  H N N 247 
MET HE3  H N N 248 
MET HXT  H N N 249 
PHE N    N N N 250 
PHE CA   C N S 251 
PHE C    C N N 252 
PHE O    O N N 253 
PHE CB   C N N 254 
PHE CG   C Y N 255 
PHE CD1  C Y N 256 
PHE CD2  C Y N 257 
PHE CE1  C Y N 258 
PHE CE2  C Y N 259 
PHE CZ   C Y N 260 
PHE OXT  O N N 261 
PHE H    H N N 262 
PHE H2   H N N 263 
PHE HA   H N N 264 
PHE HB2  H N N 265 
PHE HB3  H N N 266 
PHE HD1  H N N 267 
PHE HD2  H N N 268 
PHE HE1  H N N 269 
PHE HE2  H N N 270 
PHE HZ   H N N 271 
PHE HXT  H N N 272 
PRO N    N N N 273 
PRO CA   C N S 274 
PRO C    C N N 275 
PRO O    O N N 276 
PRO CB   C N N 277 
PRO CG   C N N 278 
PRO CD   C N N 279 
PRO OXT  O N N 280 
PRO H    H N N 281 
PRO HA   H N N 282 
PRO HB2  H N N 283 
PRO HB3  H N N 284 
PRO HG2  H N N 285 
PRO HG3  H N N 286 
PRO HD2  H N N 287 
PRO HD3  H N N 288 
PRO HXT  H N N 289 
SER N    N N N 290 
SER CA   C N S 291 
SER C    C N N 292 
SER O    O N N 293 
SER CB   C N N 294 
SER OG   O N N 295 
SER OXT  O N N 296 
SER H    H N N 297 
SER H2   H N N 298 
SER HA   H N N 299 
SER HB2  H N N 300 
SER HB3  H N N 301 
SER HG   H N N 302 
SER HXT  H N N 303 
THR N    N N N 304 
THR CA   C N S 305 
THR C    C N N 306 
THR O    O N N 307 
THR CB   C N R 308 
THR OG1  O N N 309 
THR CG2  C N N 310 
THR OXT  O N N 311 
THR H    H N N 312 
THR H2   H N N 313 
THR HA   H N N 314 
THR HB   H N N 315 
THR HG1  H N N 316 
THR HG21 H N N 317 
THR HG22 H N N 318 
THR HG23 H N N 319 
THR HXT  H N N 320 
TRP N    N N N 321 
TRP CA   C N S 322 
TRP C    C N N 323 
TRP O    O N N 324 
TRP CB   C N N 325 
TRP CG   C Y N 326 
TRP CD1  C Y N 327 
TRP CD2  C Y N 328 
TRP NE1  N Y N 329 
TRP CE2  C Y N 330 
TRP CE3  C Y N 331 
TRP CZ2  C Y N 332 
TRP CZ3  C Y N 333 
TRP CH2  C Y N 334 
TRP OXT  O N N 335 
TRP H    H N N 336 
TRP H2   H N N 337 
TRP HA   H N N 338 
TRP HB2  H N N 339 
TRP HB3  H N N 340 
TRP HD1  H N N 341 
TRP HE1  H N N 342 
TRP HE3  H N N 343 
TRP HZ2  H N N 344 
TRP HZ3  H N N 345 
TRP HH2  H N N 346 
TRP HXT  H N N 347 
TYR N    N N N 348 
TYR CA   C N S 349 
TYR C    C N N 350 
TYR O    O N N 351 
TYR CB   C N N 352 
TYR CG   C Y N 353 
TYR CD1  C Y N 354 
TYR CD2  C Y N 355 
TYR CE1  C Y N 356 
TYR CE2  C Y N 357 
TYR CZ   C Y N 358 
TYR OH   O N N 359 
TYR OXT  O N N 360 
TYR H    H N N 361 
TYR H2   H N N 362 
TYR HA   H N N 363 
TYR HB2  H N N 364 
TYR HB3  H N N 365 
TYR HD1  H N N 366 
TYR HD2  H N N 367 
TYR HE1  H N N 368 
TYR HE2  H N N 369 
TYR HH   H N N 370 
TYR HXT  H N N 371 
VAL N    N N N 372 
VAL CA   C N S 373 
VAL C    C N N 374 
VAL O    O N N 375 
VAL CB   C N N 376 
VAL CG1  C N N 377 
VAL CG2  C N N 378 
VAL OXT  O N N 379 
VAL H    H N N 380 
VAL H2   H N N 381 
VAL HA   H N N 382 
VAL HB   H N N 383 
VAL HG11 H N N 384 
VAL HG12 H N N 385 
VAL HG13 H N N 386 
VAL HG21 H N N 387 
VAL HG22 H N N 388 
VAL HG23 H N N 389 
VAL HXT  H N N 390 
# 
loop_
_chem_comp_bond.comp_id 
_chem_comp_bond.atom_id_1 
_chem_comp_bond.atom_id_2 
_chem_comp_bond.value_order 
_chem_comp_bond.pdbx_aromatic_flag 
_chem_comp_bond.pdbx_stereo_config 
_chem_comp_bond.pdbx_ordinal 
ALA N   CA   sing N N 1   
ALA N   H    sing N N 2   
ALA N   H2   sing N N 3   
ALA CA  C    sing N N 4   
ALA CA  CB   sing N N 5   
ALA CA  HA   sing N N 6   
ALA C   O    doub N N 7   
ALA C   OXT  sing N N 8   
ALA CB  HB1  sing N N 9   
ALA CB  HB2  sing N N 10  
ALA CB  HB3  sing N N 11  
ALA OXT HXT  sing N N 12  
ARG N   CA   sing N N 13  
ARG N   H    sing N N 14  
ARG N   H2   sing N N 15  
ARG CA  C    sing N N 16  
ARG CA  CB   sing N N 17  
ARG CA  HA   sing N N 18  
ARG C   O    doub N N 19  
ARG C   OXT  sing N N 20  
ARG CB  CG   sing N N 21  
ARG CB  HB2  sing N N 22  
ARG CB  HB3  sing N N 23  
ARG CG  CD   sing N N 24  
ARG CG  HG2  sing N N 25  
ARG CG  HG3  sing N N 26  
ARG CD  NE   sing N N 27  
ARG CD  HD2  sing N N 28  
ARG CD  HD3  sing N N 29  
ARG NE  CZ   sing N N 30  
ARG NE  HE   sing N N 31  
ARG CZ  NH1  sing N N 32  
ARG CZ  NH2  doub N N 33  
ARG NH1 HH11 sing N N 34  
ARG NH1 HH12 sing N N 35  
ARG NH2 HH21 sing N N 36  
ARG NH2 HH22 sing N N 37  
ARG OXT HXT  sing N N 38  
ASN N   CA   sing N N 39  
ASN N   H    sing N N 40  
ASN N   H2   sing N N 41  
ASN CA  C    sing N N 42  
ASN CA  CB   sing N N 43  
ASN CA  HA   sing N N 44  
ASN C   O    doub N N 45  
ASN C   OXT  sing N N 46  
ASN CB  CG   sing N N 47  
ASN CB  HB2  sing N N 48  
ASN CB  HB3  sing N N 49  
ASN CG  OD1  doub N N 50  
ASN CG  ND2  sing N N 51  
ASN ND2 HD21 sing N N 52  
ASN ND2 HD22 sing N N 53  
ASN OXT HXT  sing N N 54  
ASP N   CA   sing N N 55  
ASP N   H    sing N N 56  
ASP N   H2   sing N N 57  
ASP CA  C    sing N N 58  
ASP CA  CB   sing N N 59  
ASP CA  HA   sing N N 60  
ASP C   O    doub N N 61  
ASP C   OXT  sing N N 62  
ASP CB  CG   sing N N 63  
ASP CB  HB2  sing N N 64  
ASP CB  HB3  sing N N 65  
ASP CG  OD1  doub N N 66  
ASP CG  OD2  sing N N 67  
ASP OD2 HD2  sing N N 68  
ASP OXT HXT  sing N N 69  
CYS N   CA   sing N N 70  
CYS N   H    sing N N 71  
CYS N   H2   sing N N 72  
CYS CA  C    sing N N 73  
CYS CA  CB   sing N N 74  
CYS CA  HA   sing N N 75  
CYS C   O    doub N N 76  
CYS C   OXT  sing N N 77  
CYS CB  SG   sing N N 78  
CYS CB  HB2  sing N N 79  
CYS CB  HB3  sing N N 80  
CYS SG  HG   sing N N 81  
CYS OXT HXT  sing N N 82  
GLN N   CA   sing N N 83  
GLN N   H    sing N N 84  
GLN N   H2   sing N N 85  
GLN CA  C    sing N N 86  
GLN CA  CB   sing N N 87  
GLN CA  HA   sing N N 88  
GLN C   O    doub N N 89  
GLN C   OXT  sing N N 90  
GLN CB  CG   sing N N 91  
GLN CB  HB2  sing N N 92  
GLN CB  HB3  sing N N 93  
GLN CG  CD   sing N N 94  
GLN CG  HG2  sing N N 95  
GLN CG  HG3  sing N N 96  
GLN CD  OE1  doub N N 97  
GLN CD  NE2  sing N N 98  
GLN NE2 HE21 sing N N 99  
GLN NE2 HE22 sing N N 100 
GLN OXT HXT  sing N N 101 
GLU N   CA   sing N N 102 
GLU N   H    sing N N 103 
GLU N   H2   sing N N 104 
GLU CA  C    sing N N 105 
GLU CA  CB   sing N N 106 
GLU CA  HA   sing N N 107 
GLU C   O    doub N N 108 
GLU C   OXT  sing N N 109 
GLU CB  CG   sing N N 110 
GLU CB  HB2  sing N N 111 
GLU CB  HB3  sing N N 112 
GLU CG  CD   sing N N 113 
GLU CG  HG2  sing N N 114 
GLU CG  HG3  sing N N 115 
GLU CD  OE1  doub N N 116 
GLU CD  OE2  sing N N 117 
GLU OE2 HE2  sing N N 118 
GLU OXT HXT  sing N N 119 
GLY N   CA   sing N N 120 
GLY N   H    sing N N 121 
GLY N   H2   sing N N 122 
GLY CA  C    sing N N 123 
GLY CA  HA2  sing N N 124 
GLY CA  HA3  sing N N 125 
GLY C   O    doub N N 126 
GLY C   OXT  sing N N 127 
GLY OXT HXT  sing N N 128 
HIS N   CA   sing N N 129 
HIS N   H    sing N N 130 
HIS N   H2   sing N N 131 
HIS CA  C    sing N N 132 
HIS CA  CB   sing N N 133 
HIS CA  HA   sing N N 134 
HIS C   O    doub N N 135 
HIS C   OXT  sing N N 136 
HIS CB  CG   sing N N 137 
HIS CB  HB2  sing N N 138 
HIS CB  HB3  sing N N 139 
HIS CG  ND1  sing Y N 140 
HIS CG  CD2  doub Y N 141 
HIS ND1 CE1  doub Y N 142 
HIS ND1 HD1  sing N N 143 
HIS CD2 NE2  sing Y N 144 
HIS CD2 HD2  sing N N 145 
HIS CE1 NE2  sing Y N 146 
HIS CE1 HE1  sing N N 147 
HIS NE2 HE2  sing N N 148 
HIS OXT HXT  sing N N 149 
HOH O   H1   sing N N 150 
HOH O   H2   sing N N 151 
ILE N   CA   sing N N 152 
ILE N   H    sing N N 153 
ILE N   H2   sing N N 154 
ILE CA  C    sing N N 155 
ILE CA  CB   sing N N 156 
ILE CA  HA   sing N N 157 
ILE C   O    doub N N 158 
ILE C   OXT  sing N N 159 
ILE CB  CG1  sing N N 160 
ILE CB  CG2  sing N N 161 
ILE CB  HB   sing N N 162 
ILE CG1 CD1  sing N N 163 
ILE CG1 HG12 sing N N 164 
ILE CG1 HG13 sing N N 165 
ILE CG2 HG21 sing N N 166 
ILE CG2 HG22 sing N N 167 
ILE CG2 HG23 sing N N 168 
ILE CD1 HD11 sing N N 169 
ILE CD1 HD12 sing N N 170 
ILE CD1 HD13 sing N N 171 
ILE OXT HXT  sing N N 172 
LEU N   CA   sing N N 173 
LEU N   H    sing N N 174 
LEU N   H2   sing N N 175 
LEU CA  C    sing N N 176 
LEU CA  CB   sing N N 177 
LEU CA  HA   sing N N 178 
LEU C   O    doub N N 179 
LEU C   OXT  sing N N 180 
LEU CB  CG   sing N N 181 
LEU CB  HB2  sing N N 182 
LEU CB  HB3  sing N N 183 
LEU CG  CD1  sing N N 184 
LEU CG  CD2  sing N N 185 
LEU CG  HG   sing N N 186 
LEU CD1 HD11 sing N N 187 
LEU CD1 HD12 sing N N 188 
LEU CD1 HD13 sing N N 189 
LEU CD2 HD21 sing N N 190 
LEU CD2 HD22 sing N N 191 
LEU CD2 HD23 sing N N 192 
LEU OXT HXT  sing N N 193 
LYS N   CA   sing N N 194 
LYS N   H    sing N N 195 
LYS N   H2   sing N N 196 
LYS CA  C    sing N N 197 
LYS CA  CB   sing N N 198 
LYS CA  HA   sing N N 199 
LYS C   O    doub N N 200 
LYS C   OXT  sing N N 201 
LYS CB  CG   sing N N 202 
LYS CB  HB2  sing N N 203 
LYS CB  HB3  sing N N 204 
LYS CG  CD   sing N N 205 
LYS CG  HG2  sing N N 206 
LYS CG  HG3  sing N N 207 
LYS CD  CE   sing N N 208 
LYS CD  HD2  sing N N 209 
LYS CD  HD3  sing N N 210 
LYS CE  NZ   sing N N 211 
LYS CE  HE2  sing N N 212 
LYS CE  HE3  sing N N 213 
LYS NZ  HZ1  sing N N 214 
LYS NZ  HZ2  sing N N 215 
LYS NZ  HZ3  sing N N 216 
LYS OXT HXT  sing N N 217 
MET N   CA   sing N N 218 
MET N   H    sing N N 219 
MET N   H2   sing N N 220 
MET CA  C    sing N N 221 
MET CA  CB   sing N N 222 
MET CA  HA   sing N N 223 
MET C   O    doub N N 224 
MET C   OXT  sing N N 225 
MET CB  CG   sing N N 226 
MET CB  HB2  sing N N 227 
MET CB  HB3  sing N N 228 
MET CG  SD   sing N N 229 
MET CG  HG2  sing N N 230 
MET CG  HG3  sing N N 231 
MET SD  CE   sing N N 232 
MET CE  HE1  sing N N 233 
MET CE  HE2  sing N N 234 
MET CE  HE3  sing N N 235 
MET OXT HXT  sing N N 236 
PHE N   CA   sing N N 237 
PHE N   H    sing N N 238 
PHE N   H2   sing N N 239 
PHE CA  C    sing N N 240 
PHE CA  CB   sing N N 241 
PHE CA  HA   sing N N 242 
PHE C   O    doub N N 243 
PHE C   OXT  sing N N 244 
PHE CB  CG   sing N N 245 
PHE CB  HB2  sing N N 246 
PHE CB  HB3  sing N N 247 
PHE CG  CD1  doub Y N 248 
PHE CG  CD2  sing Y N 249 
PHE CD1 CE1  sing Y N 250 
PHE CD1 HD1  sing N N 251 
PHE CD2 CE2  doub Y N 252 
PHE CD2 HD2  sing N N 253 
PHE CE1 CZ   doub Y N 254 
PHE CE1 HE1  sing N N 255 
PHE CE2 CZ   sing Y N 256 
PHE CE2 HE2  sing N N 257 
PHE CZ  HZ   sing N N 258 
PHE OXT HXT  sing N N 259 
PRO N   CA   sing N N 260 
PRO N   CD   sing N N 261 
PRO N   H    sing N N 262 
PRO CA  C    sing N N 263 
PRO CA  CB   sing N N 264 
PRO CA  HA   sing N N 265 
PRO C   O    doub N N 266 
PRO C   OXT  sing N N 267 
PRO CB  CG   sing N N 268 
PRO CB  HB2  sing N N 269 
PRO CB  HB3  sing N N 270 
PRO CG  CD   sing N N 271 
PRO CG  HG2  sing N N 272 
PRO CG  HG3  sing N N 273 
PRO CD  HD2  sing N N 274 
PRO CD  HD3  sing N N 275 
PRO OXT HXT  sing N N 276 
SER N   CA   sing N N 277 
SER N   H    sing N N 278 
SER N   H2   sing N N 279 
SER CA  C    sing N N 280 
SER CA  CB   sing N N 281 
SER CA  HA   sing N N 282 
SER C   O    doub N N 283 
SER C   OXT  sing N N 284 
SER CB  OG   sing N N 285 
SER CB  HB2  sing N N 286 
SER CB  HB3  sing N N 287 
SER OG  HG   sing N N 288 
SER OXT HXT  sing N N 289 
THR N   CA   sing N N 290 
THR N   H    sing N N 291 
THR N   H2   sing N N 292 
THR CA  C    sing N N 293 
THR CA  CB   sing N N 294 
THR CA  HA   sing N N 295 
THR C   O    doub N N 296 
THR C   OXT  sing N N 297 
THR CB  OG1  sing N N 298 
THR CB  CG2  sing N N 299 
THR CB  HB   sing N N 300 
THR OG1 HG1  sing N N 301 
THR CG2 HG21 sing N N 302 
THR CG2 HG22 sing N N 303 
THR CG2 HG23 sing N N 304 
THR OXT HXT  sing N N 305 
TRP N   CA   sing N N 306 
TRP N   H    sing N N 307 
TRP N   H2   sing N N 308 
TRP CA  C    sing N N 309 
TRP CA  CB   sing N N 310 
TRP CA  HA   sing N N 311 
TRP C   O    doub N N 312 
TRP C   OXT  sing N N 313 
TRP CB  CG   sing N N 314 
TRP CB  HB2  sing N N 315 
TRP CB  HB3  sing N N 316 
TRP CG  CD1  doub Y N 317 
TRP CG  CD2  sing Y N 318 
TRP CD1 NE1  sing Y N 319 
TRP CD1 HD1  sing N N 320 
TRP CD2 CE2  doub Y N 321 
TRP CD2 CE3  sing Y N 322 
TRP NE1 CE2  sing Y N 323 
TRP NE1 HE1  sing N N 324 
TRP CE2 CZ2  sing Y N 325 
TRP CE3 CZ3  doub Y N 326 
TRP CE3 HE3  sing N N 327 
TRP CZ2 CH2  doub Y N 328 
TRP CZ2 HZ2  sing N N 329 
TRP CZ3 CH2  sing Y N 330 
TRP CZ3 HZ3  sing N N 331 
TRP CH2 HH2  sing N N 332 
TRP OXT HXT  sing N N 333 
TYR N   CA   sing N N 334 
TYR N   H    sing N N 335 
TYR N   H2   sing N N 336 
TYR CA  C    sing N N 337 
TYR CA  CB   sing N N 338 
TYR CA  HA   sing N N 339 
TYR C   O    doub N N 340 
TYR C   OXT  sing N N 341 
TYR CB  CG   sing N N 342 
TYR CB  HB2  sing N N 343 
TYR CB  HB3  sing N N 344 
TYR CG  CD1  doub Y N 345 
TYR CG  CD2  sing Y N 346 
TYR CD1 CE1  sing Y N 347 
TYR CD1 HD1  sing N N 348 
TYR CD2 CE2  doub Y N 349 
TYR CD2 HD2  sing N N 350 
TYR CE1 CZ   doub Y N 351 
TYR CE1 HE1  sing N N 352 
TYR CE2 CZ   sing Y N 353 
TYR CE2 HE2  sing N N 354 
TYR CZ  OH   sing N N 355 
TYR OH  HH   sing N N 356 
TYR OXT HXT  sing N N 357 
VAL N   CA   sing N N 358 
VAL N   H    sing N N 359 
VAL N   H2   sing N N 360 
VAL CA  C    sing N N 361 
VAL CA  CB   sing N N 362 
VAL CA  HA   sing N N 363 
VAL C   O    doub N N 364 
VAL C   OXT  sing N N 365 
VAL CB  CG1  sing N N 366 
VAL CB  CG2  sing N N 367 
VAL CB  HB   sing N N 368 
VAL CG1 HG11 sing N N 369 
VAL CG1 HG12 sing N N 370 
VAL CG1 HG13 sing N N 371 
VAL CG2 HG21 sing N N 372 
VAL CG2 HG22 sing N N 373 
VAL CG2 HG23 sing N N 374 
VAL OXT HXT  sing N N 375 
# 
_atom_sites.entry_id                    2NLA 
_atom_sites.fract_transf_matrix[1][1]   -0.00983305 
_atom_sites.fract_transf_matrix[1][2]   -0.00660727 
_atom_sites.fract_transf_matrix[1][3]   -0.00652310 
_atom_sites.fract_transf_matrix[2][1]   -0.00774008 
_atom_sites.fract_transf_matrix[2][2]   0.00652870 
_atom_sites.fract_transf_matrix[2][3]   -0.00896470 
_atom_sites.fract_transf_matrix[3][1]   0.01370188 
_atom_sites.fract_transf_matrix[3][2]   -0.00506806 
_atom_sites.fract_transf_matrix[3][3]   -0.01552103 
_atom_sites.fract_transf_vector[1]      -0.297034 
_atom_sites.fract_transf_vector[2]      0.032549 
_atom_sites.fract_transf_vector[3]      -0.180546 
# 
loop_
_atom_type.symbol 
C 
N 
O 
S 
# 
loop_
_atom_site.group_PDB 
_atom_site.id 
_atom_site.type_symbol 
_atom_site.label_atom_id 
_atom_site.label_alt_id 
_atom_site.label_comp_id 
_atom_site.label_asym_id 
_atom_site.label_entity_id 
_atom_site.label_seq_id 
_atom_site.pdbx_PDB_ins_code 
_atom_site.Cartn_x 
_atom_site.Cartn_y 
_atom_site.Cartn_z 
_atom_site.occupancy 
_atom_site.B_iso_or_equiv 
_atom_site.pdbx_formal_charge 
_atom_site.auth_seq_id 
_atom_site.auth_comp_id 
_atom_site.auth_asym_id 
_atom_site.auth_atom_id 
_atom_site.pdbx_PDB_model_num 
ATOM   1    N N   . ASP A 1 2   ? -10.963 11.543  -12.569 1.00 96.19 ? 172 ASP A N   1 
ATOM   2    C CA  . ASP A 1 2   ? -10.244 11.384  -11.270 1.00 96.26 ? 172 ASP A CA  1 
ATOM   3    C C   . ASP A 1 2   ? -8.907  12.128  -11.288 1.00 95.89 ? 172 ASP A C   1 
ATOM   4    O O   . ASP A 1 2   ? -7.879  11.583  -11.699 1.00 95.71 ? 172 ASP A O   1 
ATOM   5    C CB  . ASP A 1 2   ? -10.030 9.894   -10.921 1.00 96.65 ? 172 ASP A CB  1 
ATOM   6    C CG  . ASP A 1 2   ? -11.328 9.165   -10.541 1.00 97.20 ? 172 ASP A CG  1 
ATOM   7    O OD1 . ASP A 1 2   ? -12.173 9.748   -9.817  1.00 97.97 ? 172 ASP A OD1 1 
ATOM   8    O OD2 . ASP A 1 2   ? -11.489 7.995   -10.962 1.00 97.35 ? 172 ASP A OD2 1 
ATOM   9    N N   . ASP A 1 3   ? -8.948  13.382  -10.847 1.00 95.58 ? 173 ASP A N   1 
ATOM   10   C CA  . ASP A 1 3   ? -7.760  14.209  -10.672 1.00 95.01 ? 173 ASP A CA  1 
ATOM   11   C C   . ASP A 1 3   ? -6.788  13.525  -9.684  1.00 94.17 ? 173 ASP A C   1 
ATOM   12   O O   . ASP A 1 3   ? -5.900  12.787  -10.124 1.00 94.07 ? 173 ASP A O   1 
ATOM   13   C CB  . ASP A 1 3   ? -8.175  15.616  -10.206 1.00 95.46 ? 173 ASP A CB  1 
ATOM   14   C CG  . ASP A 1 3   ? -7.132  16.683  -10.510 1.00 96.43 ? 173 ASP A CG  1 
ATOM   15   O OD1 . ASP A 1 3   ? -5.983  16.332  -10.861 1.00 96.63 ? 173 ASP A OD1 1 
ATOM   16   O OD2 . ASP A 1 3   ? -7.465  17.885  -10.370 1.00 97.57 ? 173 ASP A OD2 1 
ATOM   17   N N   . LEU A 1 4   ? -6.968  13.733  -8.371  1.00 93.04 ? 174 LEU A N   1 
ATOM   18   C CA  . LEU A 1 4   ? -6.054  13.140  -7.363  1.00 91.69 ? 174 LEU A CA  1 
ATOM   19   C C   . LEU A 1 4   ? -6.342  11.648  -7.098  1.00 90.46 ? 174 LEU A C   1 
ATOM   20   O O   . LEU A 1 4   ? -6.601  11.242  -5.961  1.00 90.50 ? 174 LEU A O   1 
ATOM   21   C CB  . LEU A 1 4   ? -5.987  13.954  -6.041  1.00 91.89 ? 174 LEU A CB  1 
ATOM   22   C CG  . LEU A 1 4   ? -5.926  15.495  -5.986  1.00 92.18 ? 174 LEU A CG  1 
ATOM   23   C CD1 . LEU A 1 4   ? -7.361  16.069  -5.871  1.00 92.08 ? 174 LEU A CD1 1 
ATOM   24   C CD2 . LEU A 1 4   ? -4.998  16.043  -4.867  1.00 91.48 ? 174 LEU A CD2 1 
ATOM   25   N N   . TYR A 1 5   ? -6.309  10.853  -8.165  1.00 88.83 ? 175 TYR A N   1 
ATOM   26   C CA  . TYR A 1 5   ? -6.322  9.391   -8.089  1.00 87.01 ? 175 TYR A CA  1 
ATOM   27   C C   . TYR A 1 5   ? -5.163  8.836   -8.913  1.00 85.85 ? 175 TYR A C   1 
ATOM   28   O O   . TYR A 1 5   ? -4.494  7.888   -8.510  1.00 85.33 ? 175 TYR A O   1 
ATOM   29   C CB  . TYR A 1 5   ? -7.636  8.827   -8.634  1.00 87.16 ? 175 TYR A CB  1 
ATOM   30   C CG  . TYR A 1 5   ? -7.473  7.465   -9.283  1.00 87.20 ? 175 TYR A CG  1 
ATOM   31   C CD1 . TYR A 1 5   ? -7.073  7.347   -10.613 1.00 87.15 ? 175 TYR A CD1 1 
ATOM   32   C CD2 . TYR A 1 5   ? -7.699  6.296   -8.559  1.00 87.66 ? 175 TYR A CD2 1 
ATOM   33   C CE1 . TYR A 1 5   ? -6.901  6.100   -11.204 1.00 87.20 ? 175 TYR A CE1 1 
ATOM   34   C CE2 . TYR A 1 5   ? -7.539  5.040   -9.145  1.00 87.45 ? 175 TYR A CE2 1 
ATOM   35   C CZ  . TYR A 1 5   ? -7.137  4.953   -10.466 1.00 87.42 ? 175 TYR A CZ  1 
ATOM   36   O OH  . TYR A 1 5   ? -6.980  3.717   -11.054 1.00 87.70 ? 175 TYR A OH  1 
ATOM   37   N N   . ARG A 1 6   ? -4.967  9.428   -10.095 1.00 84.57 ? 176 ARG A N   1 
ATOM   38   C CA  . ARG A 1 6   ? -3.866  9.093   -10.998 1.00 83.22 ? 176 ARG A CA  1 
ATOM   39   C C   . ARG A 1 6   ? -2.529  9.332   -10.282 1.00 82.34 ? 176 ARG A C   1 
ATOM   40   O O   . ARG A 1 6   ? -1.535  8.643   -10.546 1.00 81.93 ? 176 ARG A O   1 
ATOM   41   C CB  . ARG A 1 6   ? -3.958  9.933   -12.282 1.00 83.33 ? 176 ARG A CB  1 
ATOM   42   C CG  . ARG A 1 6   ? -5.369  10.012  -12.911 1.00 83.41 ? 176 ARG A CG  1 
ATOM   43   C CD  . ARG A 1 6   ? -5.424  10.822  -14.234 1.00 82.97 ? 176 ARG A CD  1 
ATOM   44   N NE  . ARG A 1 6   ? -5.394  12.279  -14.047 1.00 82.06 ? 176 ARG A NE  1 
ATOM   45   C CZ  . ARG A 1 6   ? -6.462  13.078  -14.090 0.50 81.98 ? 176 ARG A CZ  1 
ATOM   46   N NH1 . ARG A 1 6   ? -7.673  12.584  -14.316 0.50 81.90 ? 176 ARG A NH1 1 
ATOM   47   N NH2 . ARG A 1 6   ? -6.321  14.382  -13.907 0.50 81.92 ? 176 ARG A NH2 1 
ATOM   48   N N   . GLN A 1 7   ? -2.547  10.320  -9.380  1.00 81.30 ? 177 GLN A N   1 
ATOM   49   C CA  . GLN A 1 7   ? -1.462  10.640  -8.450  1.00 80.15 ? 177 GLN A CA  1 
ATOM   50   C C   . GLN A 1 7   ? -1.267  9.540   -7.417  1.00 79.64 ? 177 GLN A C   1 
ATOM   51   O O   . GLN A 1 7   ? -0.140  9.260   -7.023  1.00 79.62 ? 177 GLN A O   1 
ATOM   52   C CB  . GLN A 1 7   ? -1.759  11.958  -7.740  1.00 79.96 ? 177 GLN A CB  1 
ATOM   53   C CG  . GLN A 1 7   ? -0.828  12.307  -6.602  1.00 79.60 ? 177 GLN A CG  1 
ATOM   54   C CD  . GLN A 1 7   ? -1.445  13.300  -5.642  1.00 80.20 ? 177 GLN A CD  1 
ATOM   55   O OE1 . GLN A 1 7   ? -0.992  14.433  -5.532  1.00 81.61 ? 177 GLN A OE1 1 
ATOM   56   N NE2 . GLN A 1 7   ? -2.499  12.887  -4.956  1.00 80.37 ? 177 GLN A NE2 1 
ATOM   57   N N   . SER A 1 8   ? -2.354  8.925   -6.966  1.00 78.96 ? 178 SER A N   1 
ATOM   58   C CA  . SER A 1 8   ? -2.235  7.777   -6.061  1.00 78.56 ? 178 SER A CA  1 
ATOM   59   C C   . SER A 1 8   ? -1.767  6.548   -6.811  1.00 77.98 ? 178 SER A C   1 
ATOM   60   O O   . SER A 1 8   ? -0.963  5.772   -6.305  1.00 77.76 ? 178 SER A O   1 
ATOM   61   C CB  . SER A 1 8   ? -3.565  7.451   -5.375  1.00 78.60 ? 178 SER A CB  1 
ATOM   62   O OG  . SER A 1 8   ? -4.168  8.613   -4.852  1.00 78.85 ? 178 SER A OG  1 
ATOM   63   N N   . LEU A 1 9   ? -2.291  6.378   -8.018  1.00 77.72 ? 179 LEU A N   1 
ATOM   64   C CA  . LEU A 1 9   ? -1.975  5.223   -8.838  1.00 77.61 ? 179 LEU A CA  1 
ATOM   65   C C   . LEU A 1 9   ? -0.485  5.129   -9.126  1.00 77.79 ? 179 LEU A C   1 
ATOM   66   O O   . LEU A 1 9   ? 0.107   4.054   -9.003  1.00 77.66 ? 179 LEU A O   1 
ATOM   67   C CB  . LEU A 1 9   ? -2.777  5.263   -10.142 1.00 77.48 ? 179 LEU A CB  1 
ATOM   68   C CG  . LEU A 1 9   ? -2.610  4.100   -11.132 1.00 77.07 ? 179 LEU A CG  1 
ATOM   69   C CD1 . LEU A 1 9   ? -2.634  2.706   -10.459 1.00 74.98 ? 179 LEU A CD1 1 
ATOM   70   C CD2 . LEU A 1 9   ? -3.651  4.205   -12.276 1.00 77.27 ? 179 LEU A CD2 1 
ATOM   71   N N   . GLU A 1 10  ? 0.109   6.267   -9.486  1.00 78.01 ? 180 GLU A N   1 
ATOM   72   C CA  . GLU A 1 10  ? 1.501   6.315   -9.889  1.00 78.20 ? 180 GLU A CA  1 
ATOM   73   C C   . GLU A 1 10  ? 2.433   6.152   -8.707  1.00 78.28 ? 180 GLU A C   1 
ATOM   74   O O   . GLU A 1 10  ? 3.526   5.599   -8.854  1.00 78.53 ? 180 GLU A O   1 
ATOM   75   C CB  . GLU A 1 10  ? 1.810   7.598   -10.667 1.00 78.26 ? 180 GLU A CB  1 
ATOM   76   C CG  . GLU A 1 10  ? 2.931   7.400   -11.713 1.00 78.83 ? 180 GLU A CG  1 
ATOM   77   C CD  . GLU A 1 10  ? 3.340   8.682   -12.424 1.00 78.33 ? 180 GLU A CD  1 
ATOM   78   O OE1 . GLU A 1 10  ? 2.461   9.330   -13.023 0.00 78.47 ? 180 GLU A OE1 1 
ATOM   79   O OE2 . GLU A 1 10  ? 4.540   9.023   -12.397 0.00 78.46 ? 180 GLU A OE2 1 
ATOM   80   N N   . ILE A 1 11  ? 2.002   6.626   -7.541  1.00 78.47 ? 181 ILE A N   1 
ATOM   81   C CA  . ILE A 1 11  ? 2.725   6.370   -6.290  1.00 78.98 ? 181 ILE A CA  1 
ATOM   82   C C   . ILE A 1 11  ? 2.804   4.861   -5.998  1.00 79.18 ? 181 ILE A C   1 
ATOM   83   O O   . ILE A 1 11  ? 3.889   4.310   -5.805  1.00 79.56 ? 181 ILE A O   1 
ATOM   84   C CB  . ILE A 1 11  ? 2.105   7.130   -5.071  1.00 78.93 ? 181 ILE A CB  1 
ATOM   85   C CG1 . ILE A 1 11  ? 2.246   8.645   -5.253  1.00 79.50 ? 181 ILE A CG1 1 
ATOM   86   C CG2 . ILE A 1 11  ? 2.777   6.707   -3.760  1.00 78.68 ? 181 ILE A CG2 1 
ATOM   87   C CD1 . ILE A 1 11  ? 1.752   9.481   -4.073  1.00 79.34 ? 181 ILE A CD1 1 
ATOM   88   N N   . ILE A 1 12  ? 1.662   4.189   -5.973  1.00 79.21 ? 182 ILE A N   1 
ATOM   89   C CA  . ILE A 1 12  ? 1.655   2.790   -5.585  1.00 79.18 ? 182 ILE A CA  1 
ATOM   90   C C   . ILE A 1 12  ? 2.377   1.911   -6.620  1.00 79.39 ? 182 ILE A C   1 
ATOM   91   O O   . ILE A 1 12  ? 3.156   1.027   -6.244  1.00 79.46 ? 182 ILE A O   1 
ATOM   92   C CB  . ILE A 1 12  ? 0.226   2.313   -5.220  1.00 79.18 ? 182 ILE A CB  1 
ATOM   93   C CG1 . ILE A 1 12  ? -0.260  3.117   -4.014  1.00 78.19 ? 182 ILE A CG1 1 
ATOM   94   C CG2 . ILE A 1 12  ? 0.201   0.809   -4.886  1.00 78.97 ? 182 ILE A CG2 1 
ATOM   95   C CD1 . ILE A 1 12  ? -1.744  3.286   -3.928  1.00 77.01 ? 182 ILE A CD1 1 
ATOM   96   N N   . SER A 1 13  ? 2.163   2.189   -7.904  1.00 79.27 ? 183 SER A N   1 
ATOM   97   C CA  . SER A 1 13  ? 2.803   1.413   -8.959  1.00 79.58 ? 183 SER A CA  1 
ATOM   98   C C   . SER A 1 13  ? 4.303   1.460   -8.858  1.00 79.54 ? 183 SER A C   1 
ATOM   99   O O   . SER A 1 13  ? 4.966   0.455   -9.075  1.00 79.41 ? 183 SER A O   1 
ATOM   100  C CB  . SER A 1 13  ? 2.407   1.915   -10.337 1.00 79.77 ? 183 SER A CB  1 
ATOM   101  O OG  . SER A 1 13  ? 1.006   1.993   -10.456 1.00 81.55 ? 183 SER A OG  1 
ATOM   102  N N   . ARG A 1 14  ? 4.841   2.633   -8.543  1.00 79.79 ? 184 ARG A N   1 
ATOM   103  C CA  . ARG A 1 14  ? 6.286   2.797   -8.570  1.00 80.25 ? 184 ARG A CA  1 
ATOM   104  C C   . ARG A 1 14  ? 6.922   2.136   -7.352  1.00 80.37 ? 184 ARG A C   1 
ATOM   105  O O   . ARG A 1 14  ? 7.878   1.358   -7.495  1.00 80.33 ? 184 ARG A O   1 
ATOM   106  C CB  . ARG A 1 14  ? 6.719   4.266   -8.824  1.00 79.88 ? 184 ARG A CB  1 
ATOM   107  C CG  . ARG A 1 14  ? 6.515   4.666   -10.309 1.00 80.39 ? 184 ARG A CG  1 
ATOM   108  C CD  . ARG A 1 14  ? 7.513   5.709   -10.888 1.00 80.76 ? 184 ARG A CD  1 
ATOM   109  N NE  . ARG A 1 14  ? 8.902   5.512   -10.471 1.00 81.43 ? 184 ARG A NE  1 
ATOM   110  C CZ  . ARG A 1 14  ? 9.795   6.493   -10.353 0.00 81.24 ? 184 ARG A CZ  1 
ATOM   111  N NH1 . ARG A 1 14  ? 9.456   7.746   -10.626 0.00 81.21 ? 184 ARG A NH1 1 
ATOM   112  N NH2 . ARG A 1 14  ? 11.032  6.228   -9.956  0.00 81.28 ? 184 ARG A NH2 1 
ATOM   113  N N   . TYR A 1 15  ? 6.362   2.394   -6.169  1.00 80.73 ? 185 TYR A N   1 
ATOM   114  C CA  . TYR A 1 15  ? 6.874   1.790   -4.948  1.00 81.09 ? 185 TYR A CA  1 
ATOM   115  C C   . TYR A 1 15  ? 6.886   0.286   -5.108  1.00 81.12 ? 185 TYR A C   1 
ATOM   116  O O   . TYR A 1 15  ? 7.877   -0.383  -4.781  1.00 80.82 ? 185 TYR A O   1 
ATOM   117  C CB  . TYR A 1 15  ? 6.027   2.154   -3.729  1.00 81.57 ? 185 TYR A CB  1 
ATOM   118  C CG  . TYR A 1 15  ? 6.499   1.453   -2.455  1.00 82.16 ? 185 TYR A CG  1 
ATOM   119  C CD1 . TYR A 1 15  ? 7.820   1.621   -1.989  1.00 83.17 ? 185 TYR A CD1 1 
ATOM   120  C CD2 . TYR A 1 15  ? 5.644   0.621   -1.728  1.00 81.04 ? 185 TYR A CD2 1 
ATOM   121  C CE1 . TYR A 1 15  ? 8.272   0.983   -0.833  1.00 82.33 ? 185 TYR A CE1 1 
ATOM   122  C CE2 . TYR A 1 15  ? 6.081   -0.014  -0.566  1.00 81.66 ? 185 TYR A CE2 1 
ATOM   123  C CZ  . TYR A 1 15  ? 7.399   0.173   -0.131  1.00 82.50 ? 185 TYR A CZ  1 
ATOM   124  O OH  . TYR A 1 15  ? 7.851   -0.449  1.006   1.00 83.02 ? 185 TYR A OH  1 
ATOM   125  N N   . LEU A 1 16  ? 5.776   -0.234  -5.621  1.00 81.24 ? 186 LEU A N   1 
ATOM   126  C CA  . LEU A 1 16  ? 5.655   -1.667  -5.851  1.00 81.60 ? 186 LEU A CA  1 
ATOM   127  C C   . LEU A 1 16  ? 6.628   -2.192  -6.924  1.00 81.65 ? 186 LEU A C   1 
ATOM   128  O O   . LEU A 1 16  ? 7.238   -3.242  -6.713  1.00 81.75 ? 186 LEU A O   1 
ATOM   129  C CB  . LEU A 1 16  ? 4.189   -2.093  -6.104  1.00 81.83 ? 186 LEU A CB  1 
ATOM   130  C CG  . LEU A 1 16  ? 3.298   -2.565  -4.935  1.00 81.35 ? 186 LEU A CG  1 
ATOM   131  C CD1 . LEU A 1 16  ? 3.083   -1.488  -3.875  1.00 81.39 ? 186 LEU A CD1 1 
ATOM   132  C CD2 . LEU A 1 16  ? 1.948   -3.054  -5.460  1.00 81.45 ? 186 LEU A CD2 1 
ATOM   133  N N   . ARG A 1 17  ? 6.797   -1.466  -8.035  1.00 81.72 ? 187 ARG A N   1 
ATOM   134  C CA  . ARG A 1 17  ? 7.773   -1.867  -9.076  1.00 82.18 ? 187 ARG A CA  1 
ATOM   135  C C   . ARG A 1 17  ? 9.221   -1.857  -8.578  1.00 81.62 ? 187 ARG A C   1 
ATOM   136  O O   . ARG A 1 17  ? 10.005  -2.744  -8.925  1.00 81.26 ? 187 ARG A O   1 
ATOM   137  C CB  . ARG A 1 17  ? 7.654   -1.020  -10.355 1.00 82.12 ? 187 ARG A CB  1 
ATOM   138  C CG  . ARG A 1 17  ? 6.501   -1.401  -11.296 1.00 83.47 ? 187 ARG A CG  1 
ATOM   139  C CD  . ARG A 1 17  ? 6.425   -0.465  -12.531 1.00 83.87 ? 187 ARG A CD  1 
ATOM   140  N NE  . ARG A 1 17  ? 5.062   -0.307  -13.071 1.00 86.13 ? 187 ARG A NE  1 
ATOM   141  C CZ  . ARG A 1 17  ? 4.357   0.823   -13.048 0.00 85.21 ? 187 ARG A CZ  1 
ATOM   142  N NH1 . ARG A 1 17  ? 4.858   1.929   -12.515 0.00 85.06 ? 187 ARG A NH1 1 
ATOM   143  N NH2 . ARG A 1 17  ? 3.136   0.845   -13.566 0.00 85.21 ? 187 ARG A NH2 1 
ATOM   144  N N   . GLU A 1 18  ? 9.565   -0.863  -7.764  1.00 81.47 ? 188 GLU A N   1 
ATOM   145  C CA  . GLU A 1 18  ? 10.928  -0.728  -7.273  1.00 81.68 ? 188 GLU A CA  1 
ATOM   146  C C   . GLU A 1 18  ? 11.247  -1.776  -6.243  1.00 81.68 ? 188 GLU A C   1 
ATOM   147  O O   . GLU A 1 18  ? 12.400  -2.194  -6.120  1.00 81.67 ? 188 GLU A O   1 
ATOM   148  C CB  . GLU A 1 18  ? 11.145  0.642   -6.682  1.00 81.46 ? 188 GLU A CB  1 
ATOM   149  C CG  . GLU A 1 18  ? 11.199  1.689   -7.730  1.00 82.79 ? 188 GLU A CG  1 
ATOM   150  C CD  . GLU A 1 18  ? 11.044  3.056   -7.139  1.00 84.83 ? 188 GLU A CD  1 
ATOM   151  O OE1 . GLU A 1 18  ? 10.853  3.118   -5.886  1.00 83.75 ? 188 GLU A OE1 1 
ATOM   152  O OE2 . GLU A 1 18  ? 11.120  4.049   -7.927  1.00 85.25 ? 188 GLU A OE2 1 
ATOM   153  N N   . GLN A 1 19  ? 10.216  -2.177  -5.499  1.00 81.82 ? 189 GLN A N   1 
ATOM   154  C CA  . GLN A 1 19  ? 10.322  -3.236  -4.509  1.00 81.97 ? 189 GLN A CA  1 
ATOM   155  C C   . GLN A 1 19  ? 10.532  -4.590  -5.173  1.00 81.94 ? 189 GLN A C   1 
ATOM   156  O O   . GLN A 1 19  ? 11.482  -5.301  -4.846  1.00 82.09 ? 189 GLN A O   1 
ATOM   157  C CB  . GLN A 1 19  ? 9.074   -3.259  -3.664  1.00 82.03 ? 189 GLN A CB  1 
ATOM   158  C CG  . GLN A 1 19  ? 8.997   -2.103  -2.716  1.00 83.99 ? 189 GLN A CG  1 
ATOM   159  C CD  . GLN A 1 19  ? 9.864   -2.282  -1.465  1.00 86.56 ? 189 GLN A CD  1 
ATOM   160  O OE1 . GLN A 1 19  ? 10.618  -1.384  -1.116  1.00 86.81 ? 189 GLN A OE1 1 
ATOM   161  N NE2 . GLN A 1 19  ? 9.738   -3.432  -0.780  1.00 86.92 ? 189 GLN A NE2 1 
ATOM   162  N N   . ALA A 1 20  ? 9.647   -4.928  -6.112  1.00 81.79 ? 190 ALA A N   1 
ATOM   163  C CA  . ALA A 1 20  ? 9.784   -6.116  -6.961  1.00 81.51 ? 190 ALA A CA  1 
ATOM   164  C C   . ALA A 1 20  ? 11.144  -6.202  -7.651  1.00 81.30 ? 190 ALA A C   1 
ATOM   165  O O   . ALA A 1 20  ? 11.804  -7.239  -7.595  1.00 81.20 ? 190 ALA A O   1 
ATOM   166  C CB  . ALA A 1 20  ? 8.666   -6.155  -7.996  1.00 81.41 ? 190 ALA A CB  1 
ATOM   167  N N   . THR A 1 21  ? 11.554  -5.107  -8.289  1.00 81.35 ? 191 THR A N   1 
ATOM   168  C CA  . THR A 1 21  ? 12.822  -5.054  -9.030  1.00 81.42 ? 191 THR A CA  1 
ATOM   169  C C   . THR A 1 21  ? 14.018  -4.668  -8.155  1.00 81.33 ? 191 THR A C   1 
ATOM   170  O O   . THR A 1 21  ? 15.138  -4.624  -8.634  1.00 81.30 ? 191 THR A O   1 
ATOM   171  C CB  . THR A 1 21  ? 12.751  -4.100  -10.251 1.00 81.23 ? 191 THR A CB  1 
ATOM   172  O OG1 . THR A 1 21  ? 12.553  -2.758  -9.800  1.00 82.15 ? 191 THR A OG1 1 
ATOM   173  C CG2 . THR A 1 21  ? 11.613  -4.486  -11.190 1.00 81.52 ? 191 THR A CG2 1 
ATOM   174  N N   . GLY A 1 22  ? 13.782  -4.376  -6.878  1.00 81.55 ? 192 GLY A N   1 
ATOM   175  C CA  . GLY A 1 22  ? 14.871  -4.187  -5.918  1.00 81.66 ? 192 GLY A CA  1 
ATOM   176  C C   . GLY A 1 22  ? 15.728  -2.965  -6.157  1.00 81.86 ? 192 GLY A C   1 
ATOM   177  O O   . GLY A 1 22  ? 16.536  -2.576  -5.305  1.00 81.74 ? 192 GLY A O   1 
ATOM   178  N N   . SER A 1 23  ? 15.551  -2.357  -7.322  1.00 82.20 ? 193 SER A N   1 
ATOM   179  C CA  . SER A 1 23  ? 16.265  -1.142  -7.649  1.00 82.70 ? 193 SER A CA  1 
ATOM   180  C C   . SER A 1 23  ? 15.307  -0.016  -8.002  1.00 82.92 ? 193 SER A C   1 
ATOM   181  O O   . SER A 1 23  ? 14.223  -0.249  -8.567  1.00 82.43 ? 193 SER A O   1 
ATOM   182  C CB  . SER A 1 23  ? 17.265  -1.380  -8.779  1.00 82.83 ? 193 SER A CB  1 
ATOM   183  O OG  . SER A 1 23  ? 16.591  -1.758  -9.962  1.00 82.94 ? 193 SER A OG  1 
ATOM   184  N N   . LYS A 1 24  ? 15.742  1.198   -7.646  1.00 83.55 ? 194 LYS A N   1 
ATOM   185  C CA  . LYS A 1 24  ? 14.990  2.442   -7.842  1.00 83.98 ? 194 LYS A CA  1 
ATOM   186  C C   . LYS A 1 24  ? 15.000  2.878   -9.290  1.00 83.93 ? 194 LYS A C   1 
ATOM   187  O O   . LYS A 1 24  ? 16.007  2.749   -9.986  1.00 83.68 ? 194 LYS A O   1 
ATOM   188  C CB  . LYS A 1 24  ? 15.529  3.566   -6.947  1.00 84.21 ? 194 LYS A CB  1 
ATOM   189  C CG  . LYS A 1 24  ? 15.212  3.362   -5.477  1.00 85.23 ? 194 LYS A CG  1 
ATOM   190  C CD  . LYS A 1 24  ? 15.489  4.584   -4.649  1.00 87.37 ? 194 LYS A CD  1 
ATOM   191  C CE  . LYS A 1 24  ? 15.086  4.322   -3.200  1.00 89.22 ? 194 LYS A CE  1 
ATOM   192  N NZ  . LYS A 1 24  ? 15.290  5.539   -2.339  1.00 91.07 ? 194 LYS A NZ  1 
ATOM   193  N N   . ASP A 1 25  ? 13.858  3.387   -9.728  1.00 84.29 ? 195 ASP A N   1 
ATOM   194  C CA  . ASP A 1 25  ? 13.640  3.732   -11.120 1.00 85.08 ? 195 ASP A CA  1 
ATOM   195  C C   . ASP A 1 25  ? 14.305  5.075   -11.460 1.00 85.19 ? 195 ASP A C   1 
ATOM   196  O O   . ASP A 1 25  ? 14.293  6.007   -10.652 1.00 85.43 ? 195 ASP A O   1 
ATOM   197  C CB  . ASP A 1 25  ? 12.129  3.744   -11.391 1.00 85.42 ? 195 ASP A CB  1 
ATOM   198  C CG  . ASP A 1 25  ? 11.761  4.207   -12.812 1.00 87.00 ? 195 ASP A CG  1 
ATOM   199  O OD1 . ASP A 1 25  ? 12.572  4.077   -13.778 1.00 87.04 ? 195 ASP A OD1 1 
ATOM   200  O OD2 . ASP A 1 25  ? 10.613  4.700   -12.946 1.00 89.30 ? 195 ASP A OD2 1 
ATOM   201  N N   . SER A 1 26  ? 14.887  5.168   -12.653 1.00 85.19 ? 196 SER A N   1 
ATOM   202  C CA  . SER A 1 26  ? 15.634  6.362   -13.038 1.00 85.35 ? 196 SER A CA  1 
ATOM   203  C C   . SER A 1 26  ? 14.822  7.475   -13.716 1.00 85.54 ? 196 SER A C   1 
ATOM   204  O O   . SER A 1 26  ? 15.371  8.543   -13.995 1.00 85.36 ? 196 SER A O   1 
ATOM   205  C CB  . SER A 1 26  ? 16.842  5.988   -13.896 1.00 85.39 ? 196 SER A CB  1 
ATOM   206  O OG  . SER A 1 26  ? 17.962  5.716   -13.081 1.00 85.82 ? 196 SER A OG  1 
ATOM   207  N N   . LYS A 1 27  ? 13.532  7.241   -13.968 1.00 85.84 ? 197 LYS A N   1 
ATOM   208  C CA  . LYS A 1 27  ? 12.662  8.254   -14.614 1.00 86.07 ? 197 LYS A CA  1 
ATOM   209  C C   . LYS A 1 27  ? 11.829  9.051   -13.589 1.00 86.13 ? 197 LYS A C   1 
ATOM   210  O O   . LYS A 1 27  ? 11.225  8.446   -12.694 1.00 86.06 ? 197 LYS A O   1 
ATOM   211  C CB  . LYS A 1 27  ? 11.756  7.600   -15.676 1.00 86.11 ? 197 LYS A CB  1 
ATOM   212  C CG  . LYS A 1 27  ? 12.500  7.120   -16.928 1.00 86.18 ? 197 LYS A CG  1 
ATOM   213  C CD  . LYS A 1 27  ? 11.778  5.964   -17.623 1.00 86.32 ? 197 LYS A CD  1 
ATOM   214  C CE  . LYS A 1 27  ? 12.762  4.989   -18.292 1.00 86.19 ? 197 LYS A CE  1 
ATOM   215  N NZ  . LYS A 1 27  ? 13.513  5.568   -19.455 1.00 86.39 ? 197 LYS A NZ  1 
ATOM   216  N N   . PRO A 1 28  ? 11.812  10.406  -13.699 1.00 86.24 ? 198 PRO A N   1 
ATOM   217  C CA  . PRO A 1 28  ? 11.048  11.263  -12.770 1.00 86.58 ? 198 PRO A CA  1 
ATOM   218  C C   . PRO A 1 28  ? 9.533   10.953  -12.739 1.00 87.02 ? 198 PRO A C   1 
ATOM   219  O O   . PRO A 1 28  ? 8.936   10.739  -13.801 1.00 87.20 ? 198 PRO A O   1 
ATOM   220  C CB  . PRO A 1 28  ? 11.307  12.680  -13.307 1.00 86.21 ? 198 PRO A CB  1 
ATOM   221  C CG  . PRO A 1 28  ? 12.571  12.568  -14.052 1.00 85.97 ? 198 PRO A CG  1 
ATOM   222  C CD  . PRO A 1 28  ? 12.533  11.222  -14.695 1.00 86.13 ? 198 PRO A CD  1 
ATOM   223  N N   . LEU A 1 29  ? 8.938   10.943  -11.538 1.00 87.43 ? 199 LEU A N   1 
ATOM   224  C CA  . LEU A 1 29  ? 7.516   10.590  -11.315 1.00 87.73 ? 199 LEU A CA  1 
ATOM   225  C C   . LEU A 1 29  ? 6.533   11.686  -11.783 1.00 87.90 ? 199 LEU A C   1 
ATOM   226  O O   . LEU A 1 29  ? 5.929   12.389  -10.962 1.00 88.08 ? 199 LEU A O   1 
ATOM   227  C CB  . LEU A 1 29  ? 7.299   10.266  -9.828  1.00 87.92 ? 199 LEU A CB  1 
ATOM   228  C CG  . LEU A 1 29  ? 5.951   9.734   -9.323  1.00 88.03 ? 199 LEU A CG  1 
ATOM   229  C CD1 . LEU A 1 29  ? 5.873   8.210   -9.395  1.00 87.97 ? 199 LEU A CD1 1 
ATOM   230  C CD2 . LEU A 1 29  ? 5.718   10.209  -7.902  1.00 88.85 ? 199 LEU A CD2 1 
ATOM   231  N N   . GLY A 1 30  ? 6.348   11.779  -13.103 1.00 88.03 ? 200 GLY A N   1 
ATOM   232  C CA  . GLY A 1 30  ? 5.809   12.976  -13.779 1.00 88.03 ? 200 GLY A CA  1 
ATOM   233  C C   . GLY A 1 30  ? 4.320   13.289  -13.763 1.00 88.06 ? 200 GLY A C   1 
ATOM   234  O O   . GLY A 1 30  ? 3.912   14.359  -14.246 1.00 87.98 ? 200 GLY A O   1 
ATOM   235  N N   . GLU A 1 31  ? 3.505   12.368  -13.237 1.00 88.02 ? 201 GLU A N   1 
ATOM   236  C CA  . GLU A 1 31  ? 2.085   12.660  -12.992 1.00 88.10 ? 201 GLU A CA  1 
ATOM   237  C C   . GLU A 1 31  ? 1.685   12.405  -11.536 1.00 87.43 ? 201 GLU A C   1 
ATOM   238  O O   . GLU A 1 31  ? 0.765   11.642  -11.248 1.00 87.50 ? 201 GLU A O   1 
ATOM   239  C CB  . GLU A 1 31  ? 1.155   11.923  -13.972 1.00 88.23 ? 201 GLU A CB  1 
ATOM   240  C CG  . GLU A 1 31  ? -0.200  12.635  -14.192 1.00 88.95 ? 201 GLU A CG  1 
ATOM   241  C CD  . GLU A 1 31  ? -1.292  11.720  -14.759 1.00 89.04 ? 201 GLU A CD  1 
ATOM   242  O OE1 . GLU A 1 31  ? -1.889  12.107  -15.800 1.00 89.55 ? 201 GLU A OE1 1 
ATOM   243  O OE2 . GLU A 1 31  ? -1.547  10.635  -14.162 1.00 89.64 ? 201 GLU A OE2 1 
ATOM   244  N N   . ALA A 1 32  ? 2.418   13.049  -10.633 1.00 86.94 ? 202 ALA A N   1 
ATOM   245  C CA  . ALA A 1 32  ? 2.055   13.155  -9.226  1.00 86.49 ? 202 ALA A CA  1 
ATOM   246  C C   . ALA A 1 32  ? 2.581   14.494  -8.755  1.00 86.15 ? 202 ALA A C   1 
ATOM   247  O O   . ALA A 1 32  ? 2.062   15.081  -7.811  1.00 86.00 ? 202 ALA A O   1 
ATOM   248  C CB  . ALA A 1 32  ? 2.681   12.039  -8.428  1.00 86.68 ? 202 ALA A CB  1 
ATOM   249  N N   . GLY A 1 33  ? 3.619   14.963  -9.445  1.00 86.03 ? 203 GLY A N   1 
ATOM   250  C CA  . GLY A 1 33  ? 4.221   16.269  -9.204  1.00 85.74 ? 203 GLY A CA  1 
ATOM   251  C C   . GLY A 1 33  ? 4.820   16.397  -7.816  1.00 85.44 ? 203 GLY A C   1 
ATOM   252  O O   . GLY A 1 33  ? 5.317   15.416  -7.249  1.00 85.29 ? 203 GLY A O   1 
ATOM   253  N N   . ALA A 1 34  ? 4.759   17.612  -7.272  1.00 85.17 ? 204 ALA A N   1 
ATOM   254  C CA  . ALA A 1 34  ? 5.350   17.923  -5.971  1.00 84.72 ? 204 ALA A CA  1 
ATOM   255  C C   . ALA A 1 34  ? 4.725   17.094  -4.847  1.00 84.31 ? 204 ALA A C   1 
ATOM   256  O O   . ALA A 1 34  ? 5.454   16.437  -4.085  1.00 84.17 ? 204 ALA A O   1 
ATOM   257  C CB  . ALA A 1 34  ? 5.258   19.431  -5.674  1.00 84.75 ? 204 ALA A CB  1 
ATOM   258  N N   . ALA A 1 35  ? 3.388   17.110  -4.773  1.00 83.81 ? 205 ALA A N   1 
ATOM   259  C CA  . ALA A 1 35  ? 2.622   16.361  -3.755  1.00 83.27 ? 205 ALA A CA  1 
ATOM   260  C C   . ALA A 1 35  ? 2.960   14.864  -3.698  1.00 82.77 ? 205 ALA A C   1 
ATOM   261  O O   . ALA A 1 35  ? 3.303   14.344  -2.635  1.00 82.55 ? 205 ALA A O   1 
ATOM   262  C CB  . ALA A 1 35  ? 1.106   16.574  -3.950  1.00 83.25 ? 205 ALA A CB  1 
ATOM   263  N N   . GLY A 1 36  ? 2.890   14.198  -4.851  1.00 82.48 ? 206 GLY A N   1 
ATOM   264  C CA  . GLY A 1 36  ? 3.073   12.749  -4.959  1.00 82.21 ? 206 GLY A CA  1 
ATOM   265  C C   . GLY A 1 36  ? 4.481   12.178  -4.826  1.00 81.89 ? 206 GLY A C   1 
ATOM   266  O O   . GLY A 1 36  ? 4.646   11.047  -4.342  1.00 82.04 ? 206 GLY A O   1 
ATOM   267  N N   . ARG A 1 37  ? 5.492   12.931  -5.262  1.00 81.32 ? 207 ARG A N   1 
ATOM   268  C CA  . ARG A 1 37  ? 6.882   12.501  -5.114  1.00 80.85 ? 207 ARG A CA  1 
ATOM   269  C C   . ARG A 1 37  ? 7.319   12.504  -3.656  1.00 80.70 ? 207 ARG A C   1 
ATOM   270  O O   . ARG A 1 37  ? 7.997   11.562  -3.222  1.00 80.52 ? 207 ARG A O   1 
ATOM   271  C CB  . ARG A 1 37  ? 7.823   13.337  -5.979  1.00 80.95 ? 207 ARG A CB  1 
ATOM   272  C CG  . ARG A 1 37  ? 7.765   12.952  -7.446  1.00 80.97 ? 207 ARG A CG  1 
ATOM   273  C CD  . ARG A 1 37  ? 9.076   13.195  -8.175  1.00 80.94 ? 207 ARG A CD  1 
ATOM   274  N NE  . ARG A 1 37  ? 9.229   14.582  -8.598  1.00 81.00 ? 207 ARG A NE  1 
ATOM   275  C CZ  . ARG A 1 37  ? 8.716   15.099  -9.714  1.00 81.28 ? 207 ARG A CZ  1 
ATOM   276  N NH1 . ARG A 1 37  ? 7.995   14.350  -10.538 1.00 80.88 ? 207 ARG A NH1 1 
ATOM   277  N NH2 . ARG A 1 37  ? 8.919   16.379  -10.008 1.00 82.15 ? 207 ARG A NH2 1 
ATOM   278  N N   . ARG A 1 38  ? 6.915   13.552  -2.919  1.00 80.60 ? 208 ARG A N   1 
ATOM   279  C CA  . ARG A 1 38  ? 7.117   13.666  -1.453  1.00 80.33 ? 208 ARG A CA  1 
ATOM   280  C C   . ARG A 1 38  ? 6.657   12.427  -0.648  1.00 80.65 ? 208 ARG A C   1 
ATOM   281  O O   . ARG A 1 38  ? 7.380   11.959  0.238   1.00 80.72 ? 208 ARG A O   1 
ATOM   282  C CB  . ARG A 1 38  ? 6.457   14.940  -0.890  1.00 80.27 ? 208 ARG A CB  1 
ATOM   283  C CG  . ARG A 1 38  ? 7.367   16.169  -0.794  1.00 79.68 ? 208 ARG A CG  1 
ATOM   284  C CD  . ARG A 1 38  ? 6.720   17.320  0.013   1.00 79.51 ? 208 ARG A CD  1 
ATOM   285  N NE  . ARG A 1 38  ? 5.912   18.225  -0.810  1.00 78.02 ? 208 ARG A NE  1 
ATOM   286  C CZ  . ARG A 1 38  ? 6.349   19.367  -1.339  0.00 78.12 ? 208 ARG A CZ  1 
ATOM   287  N NH1 . ARG A 1 38  ? 7.598   19.771  -1.141  0.00 77.95 ? 208 ARG A NH1 1 
ATOM   288  N NH2 . ARG A 1 38  ? 5.531   20.113  -2.070  0.00 77.91 ? 208 ARG A NH2 1 
ATOM   289  N N   . ALA A 1 39  ? 5.464   11.910  -0.976  1.00 80.81 ? 209 ALA A N   1 
ATOM   290  C CA  . ALA A 1 39  ? 4.849   10.736  -0.320  1.00 80.55 ? 209 ALA A CA  1 
ATOM   291  C C   . ALA A 1 39  ? 5.517   9.416   -0.685  1.00 80.56 ? 209 ALA A C   1 
ATOM   292  O O   . ALA A 1 39  ? 5.460   8.464   0.091   1.00 80.52 ? 209 ALA A O   1 
ATOM   293  C CB  . ALA A 1 39  ? 3.370   10.670  -0.651  1.00 80.50 ? 209 ALA A CB  1 
ATOM   294  N N   . LEU A 1 40  ? 6.113   9.357   -1.879  1.00 80.54 ? 210 LEU A N   1 
ATOM   295  C CA  . LEU A 1 40  ? 6.895   8.205   -2.325  1.00 80.35 ? 210 LEU A CA  1 
ATOM   296  C C   . LEU A 1 40  ? 8.140   8.071   -1.446  1.00 80.11 ? 210 LEU A C   1 
ATOM   297  O O   . LEU A 1 40  ? 8.478   6.979   -0.991  1.00 79.65 ? 210 LEU A O   1 
ATOM   298  C CB  . LEU A 1 40  ? 7.300   8.369   -3.798  1.00 80.49 ? 210 LEU A CB  1 
ATOM   299  C CG  . LEU A 1 40  ? 7.344   7.160   -4.759  1.00 80.87 ? 210 LEU A CG  1 
ATOM   300  C CD1 . LEU A 1 40  ? 7.963   7.560   -6.104  1.00 80.68 ? 210 LEU A CD1 1 
ATOM   301  C CD2 . LEU A 1 40  ? 8.059   5.922   -4.192  1.00 80.95 ? 210 LEU A CD2 1 
ATOM   302  N N   . GLU A 1 41  ? 8.802   9.205   -1.218  1.00 80.09 ? 211 GLU A N   1 
ATOM   303  C CA  . GLU A 1 41  ? 9.934   9.310   -0.301  1.00 80.39 ? 211 GLU A CA  1 
ATOM   304  C C   . GLU A 1 41  ? 9.549   8.837   1.112   1.00 79.67 ? 211 GLU A C   1 
ATOM   305  O O   . GLU A 1 41  ? 10.352  8.165   1.768   1.00 79.53 ? 211 GLU A O   1 
ATOM   306  C CB  . GLU A 1 41  ? 10.443  10.763  -0.240  1.00 80.35 ? 211 GLU A CB  1 
ATOM   307  C CG  . GLU A 1 41  ? 10.606  11.499  -1.610  1.00 81.91 ? 211 GLU A CG  1 
ATOM   308  C CD  . GLU A 1 41  ? 10.736  13.062  -1.484  1.00 82.12 ? 211 GLU A CD  1 
ATOM   309  O OE1 . GLU A 1 41  ? 10.152  13.649  -0.533  1.00 84.78 ? 211 GLU A OE1 1 
ATOM   310  O OE2 . GLU A 1 41  ? 11.413  13.707  -2.340  1.00 82.13 ? 211 GLU A OE2 1 
ATOM   311  N N   . THR A 1 42  ? 8.336   9.210   1.562   1.00 79.01 ? 212 THR A N   1 
ATOM   312  C CA  . THR A 1 42  ? 7.771   8.815   2.872   1.00 78.69 ? 212 THR A CA  1 
ATOM   313  C C   . THR A 1 42  ? 7.381   7.343   2.897   1.00 78.62 ? 212 THR A C   1 
ATOM   314  O O   . THR A 1 42  ? 7.559   6.660   3.919   1.00 78.55 ? 212 THR A O   1 
ATOM   315  C CB  . THR A 1 42  ? 6.464   9.607   3.239   1.00 78.80 ? 212 THR A CB  1 
ATOM   316  O OG1 . THR A 1 42  ? 6.768   10.967  3.570   1.00 79.49 ? 212 THR A OG1 1 
ATOM   317  C CG2 . THR A 1 42  ? 5.747   8.964   4.441   1.00 77.88 ? 212 THR A CG2 1 
ATOM   318  N N   . LEU A 1 43  ? 6.809   6.886   1.777   1.00 78.22 ? 213 LEU A N   1 
ATOM   319  C CA  . LEU A 1 43  ? 6.327   5.530   1.613   1.00 77.52 ? 213 LEU A CA  1 
ATOM   320  C C   . LEU A 1 43  ? 7.485   4.549   1.609   1.00 77.46 ? 213 LEU A C   1 
ATOM   321  O O   . LEU A 1 43  ? 7.470   3.574   2.350   1.00 77.82 ? 213 LEU A O   1 
ATOM   322  C CB  . LEU A 1 43  ? 5.536   5.415   0.322   1.00 77.40 ? 213 LEU A CB  1 
ATOM   323  C CG  . LEU A 1 43  ? 5.017   4.022   -0.033  1.00 77.50 ? 213 LEU A CG  1 
ATOM   324  C CD1 . LEU A 1 43  ? 4.139   3.429   1.092   1.00 76.87 ? 213 LEU A CD1 1 
ATOM   325  C CD2 . LEU A 1 43  ? 4.264   4.086   -1.370  1.00 77.38 ? 213 LEU A CD2 1 
ATOM   326  N N   . ARG A 1 44  ? 8.494   4.810   0.786   1.00 76.99 ? 214 ARG A N   1 
ATOM   327  C CA  . ARG A 1 44  ? 9.720   4.038   0.837   1.00 76.70 ? 214 ARG A CA  1 
ATOM   328  C C   . ARG A 1 44  ? 10.218  3.916   2.255   1.00 76.52 ? 214 ARG A C   1 
ATOM   329  O O   . ARG A 1 44  ? 10.628  2.851   2.665   1.00 76.42 ? 214 ARG A O   1 
ATOM   330  C CB  . ARG A 1 44  ? 10.809  4.705   0.021   1.00 76.94 ? 214 ARG A CB  1 
ATOM   331  C CG  . ARG A 1 44  ? 10.741  4.452   -1.444  1.00 77.20 ? 214 ARG A CG  1 
ATOM   332  C CD  . ARG A 1 44  ? 11.608  5.462   -2.089  1.00 77.77 ? 214 ARG A CD  1 
ATOM   333  N NE  . ARG A 1 44  ? 11.479  5.434   -3.531  1.00 79.14 ? 214 ARG A NE  1 
ATOM   334  C CZ  . ARG A 1 44  ? 11.942  6.393   -4.322  1.00 80.18 ? 214 ARG A CZ  1 
ATOM   335  N NH1 . ARG A 1 44  ? 12.555  7.454   -3.794  1.00 81.08 ? 214 ARG A NH1 1 
ATOM   336  N NH2 . ARG A 1 44  ? 11.794  6.290   -5.636  1.00 80.79 ? 214 ARG A NH2 1 
ATOM   337  N N   . ARG A 1 45  ? 10.200  5.014   3.005   1.00 76.89 ? 215 ARG A N   1 
ATOM   338  C CA  . ARG A 1 45  ? 10.685  4.992   4.386   1.00 77.02 ? 215 ARG A CA  1 
ATOM   339  C C   . ARG A 1 45  ? 9.823   4.127   5.295   1.00 77.54 ? 215 ARG A C   1 
ATOM   340  O O   . ARG A 1 45  ? 10.334  3.204   5.921   1.00 77.90 ? 215 ARG A O   1 
ATOM   341  C CB  . ARG A 1 45  ? 10.825  6.397   4.967   1.00 77.09 ? 215 ARG A CB  1 
ATOM   342  C CG  . ARG A 1 45  ? 11.495  6.423   6.347   1.00 77.10 ? 215 ARG A CG  1 
ATOM   343  C CD  . ARG A 1 45  ? 11.891  7.828   6.794   1.00 76.19 ? 215 ARG A CD  1 
ATOM   344  N NE  . ARG A 1 45  ? 10.788  8.779   6.687   1.00 73.84 ? 215 ARG A NE  1 
ATOM   345  C CZ  . ARG A 1 45  ? 9.702   8.766   7.453   1.00 73.02 ? 215 ARG A CZ  1 
ATOM   346  N NH1 . ARG A 1 45  ? 9.554   7.836   8.385   1.00 73.72 ? 215 ARG A NH1 1 
ATOM   347  N NH2 . ARG A 1 45  ? 8.758   9.682   7.276   1.00 72.10 ? 215 ARG A NH2 1 
ATOM   348  N N   . VAL A 1 46  ? 8.523   4.404   5.357   1.00 77.84 ? 216 VAL A N   1 
ATOM   349  C CA  . VAL A 1 46  ? 7.662   3.669   6.287   1.00 78.28 ? 216 VAL A CA  1 
ATOM   350  C C   . VAL A 1 46  ? 7.356   2.215   5.839   1.00 78.37 ? 216 VAL A C   1 
ATOM   351  O O   . VAL A 1 46  ? 7.538   1.281   6.621   1.00 78.57 ? 216 VAL A O   1 
ATOM   352  C CB  . VAL A 1 46  ? 6.411   4.499   6.768   1.00 78.17 ? 216 VAL A CB  1 
ATOM   353  C CG1 . VAL A 1 46  ? 6.819   5.963   7.051   1.00 78.15 ? 216 VAL A CG1 1 
ATOM   354  C CG2 . VAL A 1 46  ? 5.296   4.458   5.770   1.00 78.48 ? 216 VAL A CG2 1 
ATOM   355  N N   . GLY A 1 47  ? 6.944   2.036   4.581   1.00 78.30 ? 217 GLY A N   1 
ATOM   356  C CA  . GLY A 1 47  ? 6.629   0.712   4.019   1.00 77.88 ? 217 GLY A CA  1 
ATOM   357  C C   . GLY A 1 47  ? 7.733   -0.334  4.117   1.00 77.65 ? 217 GLY A C   1 
ATOM   358  O O   . GLY A 1 47  ? 7.453   -1.524  4.230   1.00 78.00 ? 217 GLY A O   1 
ATOM   359  N N   . ASP A 1 48  ? 8.989   0.099   4.074   1.00 77.35 ? 218 ASP A N   1 
ATOM   360  C CA  . ASP A 1 48  ? 10.118  -0.822  4.223   1.00 77.15 ? 218 ASP A CA  1 
ATOM   361  C C   . ASP A 1 48  ? 10.279  -1.273  5.667   1.00 77.21 ? 218 ASP A C   1 
ATOM   362  O O   . ASP A 1 48  ? 10.774  -2.369  5.921   1.00 77.36 ? 218 ASP A O   1 
ATOM   363  C CB  . ASP A 1 48  ? 11.422  -0.188  3.734   1.00 76.91 ? 218 ASP A CB  1 
ATOM   364  C CG  . ASP A 1 48  ? 11.509  -0.101  2.211   1.00 77.00 ? 218 ASP A CG  1 
ATOM   365  O OD1 . ASP A 1 48  ? 10.550  -0.517  1.507   1.00 77.76 ? 218 ASP A OD1 1 
ATOM   366  O OD2 . ASP A 1 48  ? 12.547  0.400   1.714   1.00 76.15 ? 218 ASP A OD2 1 
ATOM   367  N N   . GLY A 1 49  ? 9.878   -0.417  6.605   1.00 77.10 ? 219 GLY A N   1 
ATOM   368  C CA  . GLY A 1 49  ? 9.906   -0.759  8.020   1.00 77.28 ? 219 GLY A CA  1 
ATOM   369  C C   . GLY A 1 49  ? 8.768   -1.702  8.344   1.00 77.60 ? 219 GLY A C   1 
ATOM   370  O O   . GLY A 1 49  ? 8.952   -2.695  9.061   1.00 77.72 ? 219 GLY A O   1 
ATOM   371  N N   . VAL A 1 50  ? 7.597   -1.386  7.787   1.00 77.56 ? 220 VAL A N   1 
ATOM   372  C CA  . VAL A 1 50  ? 6.406   -2.189  7.946   1.00 77.34 ? 220 VAL A CA  1 
ATOM   373  C C   . VAL A 1 50  ? 6.767   -3.570  7.483   1.00 77.42 ? 220 VAL A C   1 
ATOM   374  O O   . VAL A 1 50  ? 6.544   -4.526  8.209   1.00 77.66 ? 220 VAL A O   1 
ATOM   375  C CB  . VAL A 1 50  ? 5.221   -1.664  7.102   1.00 77.41 ? 220 VAL A CB  1 
ATOM   376  C CG1 . VAL A 1 50  ? 4.042   -2.633  7.178   1.00 77.17 ? 220 VAL A CG1 1 
ATOM   377  C CG2 . VAL A 1 50  ? 4.794   -0.264  7.553   1.00 77.21 ? 220 VAL A CG2 1 
ATOM   378  N N   . GLN A 1 51  ? 7.356   -3.660  6.288   1.00 77.28 ? 221 GLN A N   1 
ATOM   379  C CA  . GLN A 1 51  ? 7.704   -4.942  5.672   1.00 77.28 ? 221 GLN A CA  1 
ATOM   380  C C   . GLN A 1 51  ? 8.671   -5.704  6.553   1.00 77.28 ? 221 GLN A C   1 
ATOM   381  O O   . GLN A 1 51  ? 8.559   -6.912  6.739   1.00 77.06 ? 221 GLN A O   1 
ATOM   382  C CB  . GLN A 1 51  ? 8.297   -4.735  4.268   1.00 77.18 ? 221 GLN A CB  1 
ATOM   383  C CG  . GLN A 1 51  ? 7.259   -4.739  3.135   1.00 76.87 ? 221 GLN A CG  1 
ATOM   384  C CD  . GLN A 1 51  ? 7.850   -4.401  1.779   1.00 77.24 ? 221 GLN A CD  1 
ATOM   385  O OE1 . GLN A 1 51  ? 8.101   -3.234  1.475   1.00 75.99 ? 221 GLN A OE1 1 
ATOM   386  N NE2 . GLN A 1 51  ? 8.064   -5.427  0.944   1.00 77.60 ? 221 GLN A NE2 1 
ATOM   387  N N   . ARG A 1 52  ? 9.597   -4.955  7.125   1.00 77.91 ? 222 ARG A N   1 
ATOM   388  C CA  . ARG A 1 52  ? 10.679  -5.514  7.911   1.00 78.41 ? 222 ARG A CA  1 
ATOM   389  C C   . ARG A 1 52  ? 10.168  -5.896  9.290   1.00 77.86 ? 222 ARG A C   1 
ATOM   390  O O   . ARG A 1 52  ? 10.567  -6.932  9.831   1.00 78.07 ? 222 ARG A O   1 
ATOM   391  C CB  . ARG A 1 52  ? 11.816  -4.500  8.022   1.00 78.67 ? 222 ARG A CB  1 
ATOM   392  C CG  . ARG A 1 52  ? 13.213  -5.100  7.936   1.00 80.86 ? 222 ARG A CG  1 
ATOM   393  C CD  . ARG A 1 52  ? 14.242  -4.024  7.605   1.00 84.50 ? 222 ARG A CD  1 
ATOM   394  N NE  . ARG A 1 52  ? 13.923  -2.738  8.247   1.00 87.63 ? 222 ARG A NE  1 
ATOM   395  C CZ  . ARG A 1 52  ? 13.644  -1.596  7.602   1.00 88.21 ? 222 ARG A CZ  1 
ATOM   396  N NH1 . ARG A 1 52  ? 13.653  -1.545  6.266   1.00 88.16 ? 222 ARG A NH1 1 
ATOM   397  N NH2 . ARG A 1 52  ? 13.362  -0.494  8.301   1.00 87.03 ? 222 ARG A NH2 1 
ATOM   398  N N   . ASN A 1 53  ? 9.282   -5.073  9.842   1.00 76.91 ? 223 ASN A N   1 
ATOM   399  C CA  . ASN A 1 53  ? 8.695   -5.360  11.144  1.00 76.69 ? 223 ASN A CA  1 
ATOM   400  C C   . ASN A 1 53  ? 7.718   -6.519  11.160  1.00 75.93 ? 223 ASN A C   1 
ATOM   401  O O   . ASN A 1 53  ? 7.586   -7.205  12.158  1.00 75.89 ? 223 ASN A O   1 
ATOM   402  C CB  . ASN A 1 53  ? 8.001   -4.128  11.724  1.00 77.18 ? 223 ASN A CB  1 
ATOM   403  C CG  . ASN A 1 53  ? 8.972   -3.061  12.140  1.00 77.69 ? 223 ASN A CG  1 
ATOM   404  O OD1 . ASN A 1 53  ? 10.091  -3.346  12.583  1.00 78.38 ? 223 ASN A OD1 1 
ATOM   405  N ND2 . ASN A 1 53  ? 8.554   -1.812  11.991  1.00 79.23 ? 223 ASN A ND2 1 
ATOM   406  N N   . HIS A 1 54  ? 7.026   -6.726  10.057  1.00 75.51 ? 224 HIS A N   1 
ATOM   407  C CA  . HIS A 1 54  ? 5.978   -7.731  10.016  1.00 75.17 ? 224 HIS A CA  1 
ATOM   408  C C   . HIS A 1 54  ? 6.242   -8.794  8.980   1.00 75.08 ? 224 HIS A C   1 
ATOM   409  O O   . HIS A 1 54  ? 5.292   -9.463  8.549   1.00 74.88 ? 224 HIS A O   1 
ATOM   410  C CB  . HIS A 1 54  ? 4.633   -7.069  9.761   1.00 75.05 ? 224 HIS A CB  1 
ATOM   411  C CG  . HIS A 1 54  ? 4.373   -5.915  10.668  1.00 74.95 ? 224 HIS A CG  1 
ATOM   412  N ND1 . HIS A 1 54  ? 4.502   -4.606  10.259  1.00 75.78 ? 224 HIS A ND1 1 
ATOM   413  C CD2 . HIS A 1 54  ? 4.040   -5.872  11.980  1.00 73.57 ? 224 HIS A CD2 1 
ATOM   414  C CE1 . HIS A 1 54  ? 4.240   -3.806  11.281  1.00 75.80 ? 224 HIS A CE1 1 
ATOM   415  N NE2 . HIS A 1 54  ? 3.944   -4.549  12.332  1.00 72.42 ? 224 HIS A NE2 1 
ATOM   416  N N   . GLU A 1 55  ? 7.527   -8.940  8.607   1.00 74.93 ? 225 GLU A N   1 
ATOM   417  C CA  . GLU A 1 55  ? 8.004   -9.950  7.648   1.00 74.94 ? 225 GLU A CA  1 
ATOM   418  C C   . GLU A 1 55  ? 7.395   -11.349 7.899   1.00 75.35 ? 225 GLU A C   1 
ATOM   419  O O   . GLU A 1 55  ? 6.955   -11.999 6.940   1.00 75.41 ? 225 GLU A O   1 
ATOM   420  C CB  . GLU A 1 55  ? 9.544   -10.001 7.605   1.00 74.89 ? 225 GLU A CB  1 
ATOM   421  C CG  . GLU A 1 55  ? 10.152  -10.841 6.455   1.00 74.48 ? 225 GLU A CG  1 
ATOM   422  C CD  . GLU A 1 55  ? 11.627  -11.212 6.664   1.00 74.43 ? 225 GLU A CD  1 
ATOM   423  O OE1 . GLU A 1 55  ? 12.076  -11.294 7.829   0.00 74.23 ? 225 GLU A OE1 1 
ATOM   424  O OE2 . GLU A 1 55  ? 12.333  -11.430 5.655   0.00 74.09 ? 225 GLU A OE2 1 
ATOM   425  N N   . THR A 1 56  ? 7.334   -11.795 9.164   1.00 75.24 ? 226 THR A N   1 
ATOM   426  C CA  . THR A 1 56  ? 6.702   -13.085 9.464   1.00 75.44 ? 226 THR A CA  1 
ATOM   427  C C   . THR A 1 56  ? 5.174   -13.075 9.265   1.00 75.73 ? 226 THR A C   1 
ATOM   428  O O   . THR A 1 56  ? 4.631   -13.938 8.562   1.00 75.61 ? 226 THR A O   1 
ATOM   429  C CB  . THR A 1 56  ? 7.042   -13.616 10.852  1.00 75.11 ? 226 THR A CB  1 
ATOM   430  O OG1 . THR A 1 56  ? 8.373   -13.232 11.187  1.00 76.06 ? 226 THR A OG1 1 
ATOM   431  C CG2 . THR A 1 56  ? 6.947   -15.127 10.852  1.00 74.32 ? 226 THR A CG2 1 
ATOM   432  N N   . ALA A 1 57  ? 4.492   -12.110 9.883   1.00 76.01 ? 227 ALA A N   1 
ATOM   433  C CA  . ALA A 1 57  ? 3.053   -11.944 9.697   1.00 76.13 ? 227 ALA A CA  1 
ATOM   434  C C   . ALA A 1 57  ? 2.754   -11.874 8.206   1.00 76.53 ? 227 ALA A C   1 
ATOM   435  O O   . ALA A 1 57  ? 1.845   -12.535 7.690   1.00 76.42 ? 227 ALA A O   1 
ATOM   436  C CB  . ALA A 1 57  ? 2.572   -10.692 10.387  1.00 75.74 ? 227 ALA A CB  1 
ATOM   437  N N   . PHE A 1 58  ? 3.550   -11.082 7.508   1.00 77.14 ? 228 PHE A N   1 
ATOM   438  C CA  . PHE A 1 58  ? 3.345   -10.899 6.087   1.00 77.88 ? 228 PHE A CA  1 
ATOM   439  C C   . PHE A 1 58  ? 3.460   -12.205 5.340   1.00 78.36 ? 228 PHE A C   1 
ATOM   440  O O   . PHE A 1 58  ? 2.558   -12.551 4.565   1.00 78.45 ? 228 PHE A O   1 
ATOM   441  C CB  . PHE A 1 58  ? 4.296   -9.845  5.536   1.00 77.80 ? 228 PHE A CB  1 
ATOM   442  C CG  . PHE A 1 58  ? 3.720   -8.462  5.548   1.00 77.67 ? 228 PHE A CG  1 
ATOM   443  C CD1 . PHE A 1 58  ? 2.663   -8.143  6.405   1.00 75.83 ? 228 PHE A CD1 1 
ATOM   444  C CD2 . PHE A 1 58  ? 4.239   -7.470  4.712   1.00 78.00 ? 228 PHE A CD2 1 
ATOM   445  C CE1 . PHE A 1 58  ? 2.116   -6.871  6.428   1.00 75.42 ? 228 PHE A CE1 1 
ATOM   446  C CE2 . PHE A 1 58  ? 3.696   -6.189  4.714   1.00 78.42 ? 228 PHE A CE2 1 
ATOM   447  C CZ  . PHE A 1 58  ? 2.623   -5.887  5.586   1.00 77.48 ? 228 PHE A CZ  1 
ATOM   448  N N   . GLN A 1 59  ? 4.551   -12.930 5.617   1.00 78.99 ? 229 GLN A N   1 
ATOM   449  C CA  . GLN A 1 59  ? 4.842   -14.230 5.001   1.00 79.20 ? 229 GLN A CA  1 
ATOM   450  C C   . GLN A 1 59  ? 3.723   -15.222 5.272   1.00 79.47 ? 229 GLN A C   1 
ATOM   451  O O   . GLN A 1 59  ? 3.301   -15.938 4.380   1.00 79.23 ? 229 GLN A O   1 
ATOM   452  C CB  . GLN A 1 59  ? 6.202   -14.782 5.462   1.00 78.90 ? 229 GLN A CB  1 
ATOM   453  C CG  . GLN A 1 59  ? 6.680   -16.045 4.704   1.00 79.56 ? 229 GLN A CG  1 
ATOM   454  C CD  . GLN A 1 59  ? 6.641   -15.928 3.165   1.00 78.54 ? 229 GLN A CD  1 
ATOM   455  O OE1 . GLN A 1 59  ? 7.078   -14.929 2.590   0.00 78.59 ? 229 GLN A OE1 1 
ATOM   456  N NE2 . GLN A 1 59  ? 6.128   -16.962 2.509   0.00 78.38 ? 229 GLN A NE2 1 
ATOM   457  N N   . GLY A 1 60  ? 3.220   -15.230 6.498   1.00 80.34 ? 230 GLY A N   1 
ATOM   458  C CA  . GLY A 1 60  ? 2.102   -16.087 6.859   1.00 81.71 ? 230 GLY A CA  1 
ATOM   459  C C   . GLY A 1 60  ? 0.871   -15.895 5.994   1.00 82.80 ? 230 GLY A C   1 
ATOM   460  O O   . GLY A 1 60  ? 0.193   -16.868 5.639   1.00 82.82 ? 230 GLY A O   1 
ATOM   461  N N   . MET A 1 61  ? 0.581   -14.638 5.659   1.00 83.85 ? 231 MET A N   1 
ATOM   462  C CA  . MET A 1 61  ? -0.604  -14.303 4.875   1.00 85.27 ? 231 MET A CA  1 
ATOM   463  C C   . MET A 1 61  ? -0.450  -14.578 3.394   1.00 84.67 ? 231 MET A C   1 
ATOM   464  O O   . MET A 1 61  ? -1.368  -15.133 2.775   1.00 85.02 ? 231 MET A O   1 
ATOM   465  C CB  . MET A 1 61  ? -0.981  -12.853 5.068   1.00 85.29 ? 231 MET A CB  1 
ATOM   466  C CG  . MET A 1 61  ? -1.588  -12.575 6.424   1.00 87.00 ? 231 MET A CG  1 
ATOM   467  S SD  . MET A 1 61  ? -1.723  -10.796 6.709   1.00 88.83 ? 231 MET A SD  1 
ATOM   468  C CE  . MET A 1 61  ? -0.153  -10.157 6.083   1.00 88.41 ? 231 MET A CE  1 
ATOM   469  N N   . LEU A 1 62  ? 0.689   -14.178 2.826   1.00 84.07 ? 232 LEU A N   1 
ATOM   470  C CA  . LEU A 1 62  ? 1.000   -14.468 1.425   1.00 83.44 ? 232 LEU A CA  1 
ATOM   471  C C   . LEU A 1 62  ? 0.908   -15.977 1.096   1.00 83.29 ? 232 LEU A C   1 
ATOM   472  O O   . LEU A 1 62  ? 0.544   -16.362 -0.023  1.00 83.29 ? 232 LEU A O   1 
ATOM   473  C CB  . LEU A 1 62  ? 2.354   -13.867 1.057   1.00 83.01 ? 232 LEU A CB  1 
ATOM   474  C CG  . LEU A 1 62  ? 3.156   -14.512 -0.066  1.00 83.23 ? 232 LEU A CG  1 
ATOM   475  C CD1 . LEU A 1 62  ? 2.477   -14.335 -1.410  1.00 83.74 ? 232 LEU A CD1 1 
ATOM   476  C CD2 . LEU A 1 62  ? 4.566   -13.960 -0.105  1.00 83.64 ? 232 LEU A CD2 1 
ATOM   477  N N   . ARG A 1 63  ? 1.217   -16.813 2.085   1.00 83.08 ? 233 ARG A N   1 
ATOM   478  C CA  . ARG A 1 63  ? 1.031   -18.256 1.992   1.00 83.31 ? 233 ARG A CA  1 
ATOM   479  C C   . ARG A 1 63  ? -0.442  -18.628 1.765   1.00 83.71 ? 233 ARG A C   1 
ATOM   480  O O   . ARG A 1 63  ? -0.793  -19.179 0.713   1.00 83.87 ? 233 ARG A O   1 
ATOM   481  C CB  . ARG A 1 63  ? 1.555   -18.935 3.258   1.00 83.15 ? 233 ARG A CB  1 
ATOM   482  C CG  . ARG A 1 63  ? 2.284   -20.226 2.989   1.00 82.84 ? 233 ARG A CG  1 
ATOM   483  C CD  . ARG A 1 63  ? 2.639   -20.950 4.269   1.00 82.94 ? 233 ARG A CD  1 
ATOM   484  N NE  . ARG A 1 63  ? 2.838   -22.389 4.033   1.00 82.45 ? 233 ARG A NE  1 
ATOM   485  C CZ  . ARG A 1 63  ? 3.322   -23.243 4.931   1.00 81.06 ? 233 ARG A CZ  1 
ATOM   486  N NH1 . ARG A 1 63  ? 3.679   -22.822 6.144   1.00 80.88 ? 233 ARG A NH1 1 
ATOM   487  N NH2 . ARG A 1 63  ? 3.466   -24.519 4.608   1.00 80.91 ? 233 ARG A NH2 1 
ATOM   488  N N   . LYS A 1 64  ? -1.293  -18.297 2.743   1.00 83.93 ? 234 LYS A N   1 
ATOM   489  C CA  . LYS A 1 64  ? -2.735  -18.611 2.719   1.00 84.36 ? 234 LYS A CA  1 
ATOM   490  C C   . LYS A 1 64  ? -3.453  -18.181 1.448   1.00 84.12 ? 234 LYS A C   1 
ATOM   491  O O   . LYS A 1 64  ? -4.377  -18.855 0.998   1.00 84.15 ? 234 LYS A O   1 
ATOM   492  C CB  . LYS A 1 64  ? -3.443  -18.036 3.956   1.00 84.32 ? 234 LYS A CB  1 
ATOM   493  C CG  . LYS A 1 64  ? -3.368  -18.973 5.162   1.00 85.28 ? 234 LYS A CG  1 
ATOM   494  C CD  . LYS A 1 64  ? -3.673  -18.294 6.507   1.00 85.44 ? 234 LYS A CD  1 
ATOM   495  C CE  . LYS A 1 64  ? -3.403  -19.272 7.674   1.00 86.25 ? 234 LYS A CE  1 
ATOM   496  N NZ  . LYS A 1 64  ? -1.921  -19.570 7.821   1.00 87.17 ? 234 LYS A NZ  1 
ATOM   497  N N   . LEU A 1 65  ? -3.019  -17.057 0.888   1.00 84.11 ? 235 LEU A N   1 
ATOM   498  C CA  . LEU A 1 65  ? -3.565  -16.540 -0.348  1.00 84.24 ? 235 LEU A CA  1 
ATOM   499  C C   . LEU A 1 65  ? -2.648  -16.996 -1.437  1.00 84.67 ? 235 LEU A C   1 
ATOM   500  O O   . LEU A 1 65  ? -1.784  -16.252 -1.893  1.00 85.32 ? 235 LEU A O   1 
ATOM   501  C CB  . LEU A 1 65  ? -3.581  -15.019 -0.325  1.00 84.12 ? 235 LEU A CB  1 
ATOM   502  C CG  . LEU A 1 65  ? -4.091  -14.331 0.934   1.00 83.67 ? 235 LEU A CG  1 
ATOM   503  C CD1 . LEU A 1 65  ? -3.568  -12.894 1.006   1.00 82.32 ? 235 LEU A CD1 1 
ATOM   504  C CD2 . LEU A 1 65  ? -5.634  -14.405 1.025   1.00 82.78 ? 235 LEU A CD2 1 
ATOM   505  N N   . ASP A 1 66  ? -2.797  -18.248 -1.815  1.00 85.12 ? 236 ASP A N   1 
ATOM   506  C CA  . ASP A 1 66  ? -2.100  -18.786 -2.965  1.00 85.76 ? 236 ASP A CA  1 
ATOM   507  C C   . ASP A 1 66  ? -2.307  -17.809 -4.121  1.00 85.72 ? 236 ASP A C   1 
ATOM   508  O O   . ASP A 1 66  ? -3.385  -17.743 -4.724  1.00 85.88 ? 236 ASP A O   1 
ATOM   509  C CB  . ASP A 1 66  ? -2.653  -20.185 -3.289  1.00 86.17 ? 236 ASP A CB  1 
ATOM   510  C CG  . ASP A 1 66  ? -2.135  -20.729 -4.595  1.00 86.66 ? 236 ASP A CG  1 
ATOM   511  O OD1 . ASP A 1 66  ? -0.983  -20.397 -4.967  1.00 87.57 ? 236 ASP A OD1 1 
ATOM   512  O OD2 . ASP A 1 66  ? -2.890  -21.487 -5.244  1.00 87.16 ? 236 ASP A OD2 1 
ATOM   513  N N   . ILE A 1 67  ? -1.262  -17.045 -4.406  1.00 85.79 ? 237 ILE A N   1 
ATOM   514  C CA  . ILE A 1 67  ? -1.390  -15.865 -5.259  1.00 86.01 ? 237 ILE A CA  1 
ATOM   515  C C   . ILE A 1 67  ? -0.688  -16.080 -6.610  1.00 85.72 ? 237 ILE A C   1 
ATOM   516  O O   . ILE A 1 67  ? 0.541   -16.171 -6.703  1.00 85.69 ? 237 ILE A O   1 
ATOM   517  C CB  . ILE A 1 67  ? -0.906  -14.582 -4.497  1.00 86.22 ? 237 ILE A CB  1 
ATOM   518  C CG1 . ILE A 1 67  ? -1.688  -13.321 -4.919  1.00 86.30 ? 237 ILE A CG1 1 
ATOM   519  C CG2 . ILE A 1 67  ? 0.615   -14.441 -4.531  1.00 86.63 ? 237 ILE A CG2 1 
ATOM   520  C CD1 . ILE A 1 67  ? -2.625  -12.837 -3.810  1.00 86.05 ? 237 ILE A CD1 1 
ATOM   521  N N   . LYS A 1 68  ? -1.490  -16.196 -7.655  1.00 85.35 ? 238 LYS A N   1 
ATOM   522  C CA  . LYS A 1 68  ? -0.976  -16.615 -8.943  1.00 85.17 ? 238 LYS A CA  1 
ATOM   523  C C   . LYS A 1 68  ? -1.499  -15.660 -10.016 1.00 85.14 ? 238 LYS A C   1 
ATOM   524  O O   . LYS A 1 68  ? -0.865  -14.650 -10.286 1.00 85.48 ? 238 LYS A O   1 
ATOM   525  C CB  . LYS A 1 68  ? -1.396  -18.058 -9.244  1.00 85.26 ? 238 LYS A CB  1 
ATOM   526  C CG  . LYS A 1 68  ? -1.423  -18.993 -8.043  1.00 85.02 ? 238 LYS A CG  1 
ATOM   527  C CD  . LYS A 1 68  ? -2.539  -20.027 -8.181  1.00 85.62 ? 238 LYS A CD  1 
ATOM   528  C CE  . LYS A 1 68  ? -3.876  -19.502 -7.656  1.00 85.28 ? 238 LYS A CE  1 
ATOM   529  N NZ  . LYS A 1 68  ? -4.974  -20.446 -7.986  1.00 85.47 ? 238 LYS A NZ  1 
ATOM   530  N N   . ASN A 1 69  ? -2.665  -15.974 -10.593 1.00 84.89 ? 239 ASN A N   1 
ATOM   531  C CA  . ASN A 1 69  ? -3.315  -15.182 -11.646 1.00 84.30 ? 239 ASN A CA  1 
ATOM   532  C C   . ASN A 1 69  ? -3.833  -13.789 -11.235 1.00 84.05 ? 239 ASN A C   1 
ATOM   533  O O   . ASN A 1 69  ? -3.570  -13.295 -10.124 1.00 83.67 ? 239 ASN A O   1 
ATOM   534  C CB  . ASN A 1 69  ? -4.483  -15.985 -12.204 1.00 84.37 ? 239 ASN A CB  1 
ATOM   535  C CG  . ASN A 1 69  ? -5.603  -16.163 -11.190 1.00 84.46 ? 239 ASN A CG  1 
ATOM   536  O OD1 . ASN A 1 69  ? -5.890  -15.270 -10.393 1.00 83.57 ? 239 ASN A OD1 1 
ATOM   537  N ND2 . ASN A 1 69  ? -6.247  -17.322 -11.223 1.00 85.83 ? 239 ASN A ND2 1 
ATOM   538  N N   . GLU A 1 70  ? -4.604  -13.183 -12.137 1.00 83.80 ? 240 GLU A N   1 
ATOM   539  C CA  . GLU A 1 70  ? -5.135  -11.829 -11.942 1.00 83.57 ? 240 GLU A CA  1 
ATOM   540  C C   . GLU A 1 70  ? -6.345  -11.810 -11.003 1.00 83.34 ? 240 GLU A C   1 
ATOM   541  O O   . GLU A 1 70  ? -6.580  -10.819 -10.284 1.00 83.28 ? 240 GLU A O   1 
ATOM   542  C CB  . GLU A 1 70  ? -5.467  -11.186 -13.294 1.00 83.57 ? 240 GLU A CB  1 
ATOM   543  C CG  . GLU A 1 70  ? -5.857  -9.711  -13.239 1.00 83.43 ? 240 GLU A CG  1 
ATOM   544  C CD  . GLU A 1 70  ? -7.268  -9.426  -13.758 1.00 84.14 ? 240 GLU A CD  1 
ATOM   545  O OE1 . GLU A 1 70  ? -8.027  -10.370 -14.089 1.00 84.45 ? 240 GLU A OE1 1 
ATOM   546  O OE2 . GLU A 1 70  ? -7.612  -8.228  -13.855 1.00 84.31 ? 240 GLU A OE2 1 
ATOM   547  N N   . ASP A 1 71  ? -7.104  -12.904 -11.005 1.00 82.71 ? 241 ASP A N   1 
ATOM   548  C CA  . ASP A 1 71  ? -8.258  -13.007 -10.133 1.00 82.17 ? 241 ASP A CA  1 
ATOM   549  C C   . ASP A 1 71  ? -7.890  -13.073 -8.656  1.00 81.65 ? 241 ASP A C   1 
ATOM   550  O O   . ASP A 1 71  ? -8.647  -12.576 -7.815  1.00 81.34 ? 241 ASP A O   1 
ATOM   551  C CB  . ASP A 1 71  ? -9.109  -14.200 -10.503 1.00 82.36 ? 241 ASP A CB  1 
ATOM   552  C CG  . ASP A 1 71  ? -10.494 -14.109 -9.919  1.00 83.64 ? 241 ASP A CG  1 
ATOM   553  O OD1 . ASP A 1 71  ? -10.647 -13.600 -8.764  1.00 84.19 ? 241 ASP A OD1 1 
ATOM   554  O OD2 . ASP A 1 71  ? -11.431 -14.538 -10.634 1.00 84.14 ? 241 ASP A OD2 1 
ATOM   555  N N   . ASP A 1 72  ? -6.743  -13.694 -8.356  1.00 81.13 ? 242 ASP A N   1 
ATOM   556  C CA  . ASP A 1 72  ? -6.206  -13.765 -7.001  1.00 80.73 ? 242 ASP A CA  1 
ATOM   557  C C   . ASP A 1 72  ? -5.922  -12.358 -6.559  1.00 80.51 ? 242 ASP A C   1 
ATOM   558  O O   . ASP A 1 72  ? -6.004  -12.036 -5.383  1.00 80.51 ? 242 ASP A O   1 
ATOM   559  C CB  . ASP A 1 72  ? -4.907  -14.572 -6.939  1.00 80.72 ? 242 ASP A CB  1 
ATOM   560  C CG  . ASP A 1 72  ? -5.074  -16.013 -7.408  1.00 82.31 ? 242 ASP A CG  1 
ATOM   561  O OD1 . ASP A 1 72  ? -6.055  -16.700 -7.030  1.00 84.50 ? 242 ASP A OD1 1 
ATOM   562  O OD2 . ASP A 1 72  ? -4.204  -16.485 -8.163  1.00 84.09 ? 242 ASP A OD2 1 
ATOM   563  N N   . VAL A 1 73  ? -5.580  -11.513 -7.523  1.00 80.51 ? 243 VAL A N   1 
ATOM   564  C CA  . VAL A 1 73  ? -5.273  -10.114 -7.254  1.00 80.04 ? 243 VAL A CA  1 
ATOM   565  C C   . VAL A 1 73  ? -6.578  -9.355  -6.979  1.00 79.89 ? 243 VAL A C   1 
ATOM   566  O O   . VAL A 1 73  ? -6.681  -8.626  -5.993  1.00 79.72 ? 243 VAL A O   1 
ATOM   567  C CB  . VAL A 1 73  ? -4.448  -9.502  -8.415  1.00 79.85 ? 243 VAL A CB  1 
ATOM   568  C CG1 . VAL A 1 73  ? -4.368  -8.000  -8.301  1.00 79.91 ? 243 VAL A CG1 1 
ATOM   569  C CG2 . VAL A 1 73  ? -3.059  -10.115 -8.451  1.00 79.12 ? 243 VAL A CG2 1 
ATOM   570  N N   . LYS A 1 74  ? -7.575  -9.553  -7.842  1.00 79.78 ? 244 LYS A N   1 
ATOM   571  C CA  . LYS A 1 74  ? -8.912  -8.981  -7.632  1.00 79.79 ? 244 LYS A CA  1 
ATOM   572  C C   . LYS A 1 74  ? -9.522  -9.451  -6.308  1.00 79.73 ? 244 LYS A C   1 
ATOM   573  O O   . LYS A 1 74  ? -10.238 -8.714  -5.638  1.00 79.61 ? 244 LYS A O   1 
ATOM   574  C CB  . LYS A 1 74  ? -9.850  -9.314  -8.803  1.00 79.57 ? 244 LYS A CB  1 
ATOM   575  C CG  . LYS A 1 74  ? -9.640  -8.471  -10.068 1.00 79.21 ? 244 LYS A CG  1 
ATOM   576  C CD  . LYS A 1 74  ? -10.481 -9.028  -11.249 1.00 80.00 ? 244 LYS A CD  1 
ATOM   577  C CE  . LYS A 1 74  ? -10.553 -8.078  -12.463 1.00 79.78 ? 244 LYS A CE  1 
ATOM   578  N NZ  . LYS A 1 74  ? -11.054 -8.745  -13.719 1.00 79.53 ? 244 LYS A NZ  1 
ATOM   579  N N   . SER A 1 75  ? -9.217  -10.685 -5.936  1.00 79.87 ? 245 SER A N   1 
ATOM   580  C CA  . SER A 1 75  ? -9.663  -11.259 -4.675  1.00 79.79 ? 245 SER A CA  1 
ATOM   581  C C   . SER A 1 75  ? -9.032  -10.561 -3.461  1.00 79.72 ? 245 SER A C   1 
ATOM   582  O O   . SER A 1 75  ? -9.691  -10.386 -2.436  1.00 79.66 ? 245 SER A O   1 
ATOM   583  C CB  . SER A 1 75  ? -9.299  -12.737 -4.654  1.00 79.72 ? 245 SER A CB  1 
ATOM   584  O OG  . SER A 1 75  ? -10.333 -13.500 -4.090  1.00 80.79 ? 245 SER A OG  1 
ATOM   585  N N   . LEU A 1 76  ? -7.759  -10.180 -3.595  1.00 79.48 ? 246 LEU A N   1 
ATOM   586  C CA  . LEU A 1 76  ? -6.987  -9.587  -2.520  1.00 79.22 ? 246 LEU A CA  1 
ATOM   587  C C   . LEU A 1 76  ? -7.467  -8.184  -2.298  1.00 79.72 ? 246 LEU A C   1 
ATOM   588  O O   . LEU A 1 76  ? -7.564  -7.696  -1.166  1.00 79.48 ? 246 LEU A O   1 
ATOM   589  C CB  . LEU A 1 76  ? -5.506  -9.556  -2.895  1.00 79.29 ? 246 LEU A CB  1 
ATOM   590  C CG  . LEU A 1 76  ? -4.548  -8.832  -1.932  1.00 78.77 ? 246 LEU A CG  1 
ATOM   591  C CD1 . LEU A 1 76  ? -4.550  -9.456  -0.520  1.00 77.43 ? 246 LEU A CD1 1 
ATOM   592  C CD2 . LEU A 1 76  ? -3.152  -8.806  -2.506  1.00 78.51 ? 246 LEU A CD2 1 
ATOM   593  N N   . SER A 1 77  ? -7.729  -7.530  -3.417  1.00 80.68 ? 247 SER A N   1 
ATOM   594  C CA  . SER A 1 77  ? -8.405  -6.258  -3.442  1.00 81.74 ? 247 SER A CA  1 
ATOM   595  C C   . SER A 1 77  ? -9.547  -6.277  -2.430  1.00 82.25 ? 247 SER A C   1 
ATOM   596  O O   . SER A 1 77  ? -9.653  -5.386  -1.589  1.00 82.45 ? 247 SER A O   1 
ATOM   597  C CB  . SER A 1 77  ? -8.947  -6.006  -4.846  1.00 81.61 ? 247 SER A CB  1 
ATOM   598  O OG  . SER A 1 77  ? -9.575  -4.743  -4.933  1.00 82.60 ? 247 SER A OG  1 
ATOM   599  N N   . ARG A 1 78  ? -10.368 -7.322  -2.489  1.00 82.77 ? 248 ARG A N   1 
ATOM   600  C CA  . ARG A 1 78  ? -11.523 -7.448  -1.608  1.00 83.60 ? 248 ARG A CA  1 
ATOM   601  C C   . ARG A 1 78  ? -11.141 -7.531  -0.111  1.00 83.44 ? 248 ARG A C   1 
ATOM   602  O O   . ARG A 1 78  ? -11.537 -6.669  0.669   1.00 83.61 ? 248 ARG A O   1 
ATOM   603  C CB  . ARG A 1 78  ? -12.449 -8.574  -2.093  1.00 83.56 ? 248 ARG A CB  1 
ATOM   604  C CG  . ARG A 1 78  ? -12.828 -8.405  -3.586  1.00 84.74 ? 248 ARG A CG  1 
ATOM   605  C CD  . ARG A 1 78  ? -14.057 -9.212  -4.052  1.00 85.30 ? 248 ARG A CD  1 
ATOM   606  N NE  . ARG A 1 78  ? -13.808 -10.652 -4.252  1.00 89.52 ? 248 ARG A NE  1 
ATOM   607  C CZ  . ARG A 1 78  ? -13.226 -11.209 -5.325  1.00 90.80 ? 248 ARG A CZ  1 
ATOM   608  N NH1 . ARG A 1 78  ? -12.775 -10.466 -6.339  1.00 91.04 ? 248 ARG A NH1 1 
ATOM   609  N NH2 . ARG A 1 78  ? -13.078 -12.532 -5.374  1.00 91.45 ? 248 ARG A NH2 1 
ATOM   610  N N   . VAL A 1 79  ? -10.346 -8.528  0.279   1.00 83.48 ? 249 VAL A N   1 
ATOM   611  C CA  . VAL A 1 79  ? -9.702  -8.565  1.611   1.00 83.22 ? 249 VAL A CA  1 
ATOM   612  C C   . VAL A 1 79  ? -9.380  -7.161  2.135   1.00 83.09 ? 249 VAL A C   1 
ATOM   613  O O   . VAL A 1 79  ? -9.771  -6.787  3.246   1.00 82.76 ? 249 VAL A O   1 
ATOM   614  C CB  . VAL A 1 79  ? -8.381  -9.377  1.571   1.00 83.32 ? 249 VAL A CB  1 
ATOM   615  C CG1 . VAL A 1 79  ? -7.619  -9.251  2.878   1.00 83.39 ? 249 VAL A CG1 1 
ATOM   616  C CG2 . VAL A 1 79  ? -8.650  -10.842 1.246   1.00 83.11 ? 249 VAL A CG2 1 
ATOM   617  N N   . MET A 1 80  ? -8.673  -6.391  1.313   1.00 82.97 ? 250 MET A N   1 
ATOM   618  C CA  . MET A 1 80  ? -8.337  -5.011  1.637   1.00 83.41 ? 250 MET A CA  1 
ATOM   619  C C   . MET A 1 80  ? -9.557  -4.121  1.833   1.00 82.42 ? 250 MET A C   1 
ATOM   620  O O   . MET A 1 80  ? -9.625  -3.389  2.805   1.00 82.58 ? 250 MET A O   1 
ATOM   621  C CB  . MET A 1 80  ? -7.394  -4.430  0.589   1.00 83.22 ? 250 MET A CB  1 
ATOM   622  C CG  . MET A 1 80  ? -6.065  -5.187  0.515   1.00 84.83 ? 250 MET A CG  1 
ATOM   623  S SD  . MET A 1 80  ? -4.782  -4.395  -0.483  1.00 85.91 ? 250 MET A SD  1 
ATOM   624  C CE  . MET A 1 80  ? -5.598  -4.458  -2.094  1.00 89.39 ? 250 MET A CE  1 
ATOM   625  N N   . ILE A 1 81  ? -10.526 -4.182  0.929   1.00 81.70 ? 251 ILE A N   1 
ATOM   626  C CA  . ILE A 1 81  ? -11.770 -3.462  1.156   1.00 81.15 ? 251 ILE A CA  1 
ATOM   627  C C   . ILE A 1 81  ? -12.252 -3.804  2.576   1.00 80.59 ? 251 ILE A C   1 
ATOM   628  O O   . ILE A 1 81  ? -12.483 -2.904  3.380   1.00 80.71 ? 251 ILE A O   1 
ATOM   629  C CB  . ILE A 1 81  ? -12.878 -3.813  0.107   1.00 81.33 ? 251 ILE A CB  1 
ATOM   630  C CG1 . ILE A 1 81  ? -12.381 -3.662  -1.347  1.00 81.76 ? 251 ILE A CG1 1 
ATOM   631  C CG2 . ILE A 1 81  ? -14.161 -3.013  0.368   1.00 81.39 ? 251 ILE A CG2 1 
ATOM   632  C CD1 . ILE A 1 81  ? -12.328 -2.228  -1.913  1.00 82.24 ? 251 ILE A CD1 1 
ATOM   633  N N   . HIS A 1 82  ? -12.345 -5.100  2.887   1.00 79.73 ? 252 HIS A N   1 
ATOM   634  C CA  . HIS A 1 82  ? -12.875 -5.592  4.175   1.00 78.86 ? 252 HIS A CA  1 
ATOM   635  C C   . HIS A 1 82  ? -12.138 -5.086  5.425   1.00 78.43 ? 252 HIS A C   1 
ATOM   636  O O   . HIS A 1 82  ? -12.720 -5.050  6.511   1.00 78.75 ? 252 HIS A O   1 
ATOM   637  C CB  . HIS A 1 82  ? -12.970 -7.132  4.187   1.00 78.82 ? 252 HIS A CB  1 
ATOM   638  C CG  . HIS A 1 82  ? -13.658 -7.691  5.394   0.00 78.37 ? 252 HIS A CG  1 
ATOM   639  N ND1 . HIS A 1 82  ? -15.029 -7.677  5.544   0.00 78.05 ? 252 HIS A ND1 1 
ATOM   640  C CD2 . HIS A 1 82  ? -13.164 -8.284  6.506   0.00 78.03 ? 252 HIS A CD2 1 
ATOM   641  C CE1 . HIS A 1 82  ? -15.347 -8.234  6.699   0.00 77.97 ? 252 HIS A CE1 1 
ATOM   642  N NE2 . HIS A 1 82  ? -14.235 -8.611  7.301   0.00 77.90 ? 252 HIS A NE2 1 
ATOM   643  N N   . VAL A 1 83  ? -10.870 -4.699  5.284   1.00 77.41 ? 253 VAL A N   1 
ATOM   644  C CA  . VAL A 1 83  ? -10.108 -4.112  6.396   1.00 76.16 ? 253 VAL A CA  1 
ATOM   645  C C   . VAL A 1 83  ? -10.869 -2.927  7.059   1.00 75.94 ? 253 VAL A C   1 
ATOM   646  O O   . VAL A 1 83  ? -11.004 -2.858  8.297   1.00 75.62 ? 253 VAL A O   1 
ATOM   647  C CB  . VAL A 1 83  ? -8.662  -3.724  5.923   1.00 76.08 ? 253 VAL A CB  1 
ATOM   648  C CG1 . VAL A 1 83  ? -7.970  -2.771  6.887   1.00 75.56 ? 253 VAL A CG1 1 
ATOM   649  C CG2 . VAL A 1 83  ? -7.809  -4.978  5.683   1.00 74.78 ? 253 VAL A CG2 1 
ATOM   650  N N   . PHE A 1 84  ? -11.406 -2.037  6.221   1.00 75.40 ? 254 PHE A N   1 
ATOM   651  C CA  . PHE A 1 84  ? -12.043 -0.793  6.668   1.00 74.76 ? 254 PHE A CA  1 
ATOM   652  C C   . PHE A 1 84  ? -13.516 -0.894  7.081   1.00 74.76 ? 254 PHE A C   1 
ATOM   653  O O   . PHE A 1 84  ? -14.122 0.101   7.503   1.00 74.76 ? 254 PHE A O   1 
ATOM   654  C CB  . PHE A 1 84  ? -11.865 0.279   5.602   1.00 74.28 ? 254 PHE A CB  1 
ATOM   655  C CG  . PHE A 1 84  ? -10.446 0.611   5.334   1.00 73.27 ? 254 PHE A CG  1 
ATOM   656  C CD1 . PHE A 1 84  ? -9.698  1.322   6.272   1.00 72.84 ? 254 PHE A CD1 1 
ATOM   657  C CD2 . PHE A 1 84  ? -9.845  0.200   4.162   1.00 72.23 ? 254 PHE A CD2 1 
ATOM   658  C CE1 . PHE A 1 84  ? -8.379  1.632   6.037   1.00 73.00 ? 254 PHE A CE1 1 
ATOM   659  C CE2 . PHE A 1 84  ? -8.526  0.498   3.914   1.00 72.11 ? 254 PHE A CE2 1 
ATOM   660  C CZ  . PHE A 1 84  ? -7.786  1.212   4.854   1.00 73.38 ? 254 PHE A CZ  1 
ATOM   661  N N   . SER A 1 85  ? -14.082 -2.088  6.964   1.00 74.68 ? 255 SER A N   1 
ATOM   662  C CA  . SER A 1 85  ? -15.475 -2.321  7.323   1.00 75.09 ? 255 SER A CA  1 
ATOM   663  C C   . SER A 1 85  ? -15.840 -1.933  8.764   1.00 75.29 ? 255 SER A C   1 
ATOM   664  O O   . SER A 1 85  ? -17.004 -1.617  9.056   1.00 75.68 ? 255 SER A O   1 
ATOM   665  C CB  . SER A 1 85  ? -15.865 -3.779  7.049   1.00 75.10 ? 255 SER A CB  1 
ATOM   666  O OG  . SER A 1 85  ? -15.123 -4.680  7.851   1.00 75.39 ? 255 SER A OG  1 
ATOM   667  N N   . ASP A 1 86  ? -14.851 -1.956  9.657   1.00 75.48 ? 256 ASP A N   1 
ATOM   668  C CA  . ASP A 1 86  ? -15.064 -1.633  11.065  1.00 75.61 ? 256 ASP A CA  1 
ATOM   669  C C   . ASP A 1 86  ? -15.342 -0.151  11.280  1.00 75.88 ? 256 ASP A C   1 
ATOM   670  O O   . ASP A 1 86  ? -15.661 0.276   12.396  1.00 76.13 ? 256 ASP A O   1 
ATOM   671  C CB  . ASP A 1 86  ? -13.883 -2.092  11.913  1.00 75.46 ? 256 ASP A CB  1 
ATOM   672  C CG  . ASP A 1 86  ? -12.613 -1.312  11.643  1.00 76.20 ? 256 ASP A CG  1 
ATOM   673  O OD1 . ASP A 1 86  ? -12.542 -0.490  10.691  1.00 76.12 ? 256 ASP A OD1 1 
ATOM   674  O OD2 . ASP A 1 86  ? -11.662 -1.546  12.414  1.00 77.35 ? 256 ASP A OD2 1 
ATOM   675  N N   . GLY A 1 87  ? -15.224 0.614   10.195  1.00 76.12 ? 257 GLY A N   1 
ATOM   676  C CA  . GLY A 1 87  ? -15.540 2.030   10.188  1.00 76.21 ? 257 GLY A CA  1 
ATOM   677  C C   . GLY A 1 87  ? -14.311 2.867   10.446  1.00 76.42 ? 257 GLY A C   1 
ATOM   678  O O   . GLY A 1 87  ? -14.373 4.093   10.426  1.00 76.54 ? 257 GLY A O   1 
ATOM   679  N N   . VAL A 1 88  ? -13.182 2.214   10.687  1.00 76.55 ? 258 VAL A N   1 
ATOM   680  C CA  . VAL A 1 88  ? -11.975 2.962   11.001  1.00 76.83 ? 258 VAL A CA  1 
ATOM   681  C C   . VAL A 1 88  ? -11.094 3.101   9.762   1.00 76.74 ? 258 VAL A C   1 
ATOM   682  O O   . VAL A 1 88  ? -10.891 2.143   9.022   1.00 76.63 ? 258 VAL A O   1 
ATOM   683  C CB  . VAL A 1 88  ? -11.221 2.362   12.231  1.00 77.08 ? 258 VAL A CB  1 
ATOM   684  C CG1 . VAL A 1 88  ? -9.877  3.078   12.495  1.00 76.77 ? 258 VAL A CG1 1 
ATOM   685  C CG2 . VAL A 1 88  ? -12.114 2.413   13.473  1.00 76.44 ? 258 VAL A CG2 1 
ATOM   686  N N   . THR A 1 89  ? -10.622 4.322   9.541   1.00 76.66 ? 259 THR A N   1 
ATOM   687  C CA  . THR A 1 89  ? -9.668  4.613   8.494   1.00 76.81 ? 259 THR A CA  1 
ATOM   688  C C   . THR A 1 89  ? -8.531  5.426   9.093   1.00 76.90 ? 259 THR A C   1 
ATOM   689  O O   . THR A 1 89  ? -8.751  6.411   9.804   1.00 77.02 ? 259 THR A O   1 
ATOM   690  C CB  . THR A 1 89  ? -10.309 5.393   7.320   1.00 76.84 ? 259 THR A CB  1 
ATOM   691  O OG1 . THR A 1 89  ? -11.626 4.883   7.064   1.00 76.80 ? 259 THR A OG1 1 
ATOM   692  C CG2 . THR A 1 89  ? -9.454  5.277   6.052   1.00 76.66 ? 259 THR A CG2 1 
ATOM   693  N N   . ASN A 1 90  ? -7.315  4.981   8.826   1.00 76.78 ? 260 ASN A N   1 
ATOM   694  C CA  . ASN A 1 90  ? -6.133  5.737   9.188   1.00 76.71 ? 260 ASN A CA  1 
ATOM   695  C C   . ASN A 1 90  ? -4.995  5.320   8.278   1.00 76.95 ? 260 ASN A C   1 
ATOM   696  O O   . ASN A 1 90  ? -5.110  4.316   7.565   1.00 77.24 ? 260 ASN A O   1 
ATOM   697  C CB  . ASN A 1 90  ? -5.774  5.556   10.665  1.00 76.43 ? 260 ASN A CB  1 
ATOM   698  C CG  . ASN A 1 90  ? -5.903  4.122   11.133  1.00 75.55 ? 260 ASN A CG  1 
ATOM   699  O OD1 . ASN A 1 90  ? -5.018  3.284   10.918  1.00 73.38 ? 260 ASN A OD1 1 
ATOM   700  N ND2 . ASN A 1 90  ? -7.006  3.839   11.810  1.00 75.62 ? 260 ASN A ND2 1 
ATOM   701  N N   . TRP A 1 91  ? -3.910  6.090   8.296   1.00 76.87 ? 261 TRP A N   1 
ATOM   702  C CA  . TRP A 1 91  ? -2.798  5.878   7.385   1.00 76.87 ? 261 TRP A CA  1 
ATOM   703  C C   . TRP A 1 91  ? -2.031  4.600   7.683   1.00 76.48 ? 261 TRP A C   1 
ATOM   704  O O   . TRP A 1 91  ? -1.582  3.914   6.761   1.00 76.92 ? 261 TRP A O   1 
ATOM   705  C CB  . TRP A 1 91  ? -1.860  7.073   7.413   1.00 77.42 ? 261 TRP A CB  1 
ATOM   706  C CG  . TRP A 1 91  ? -2.503  8.365   6.931   1.00 78.45 ? 261 TRP A CG  1 
ATOM   707  C CD1 . TRP A 1 91  ? -2.841  9.450   7.698   1.00 78.30 ? 261 TRP A CD1 1 
ATOM   708  C CD2 . TRP A 1 91  ? -2.862  8.706   5.577   1.00 78.25 ? 261 TRP A CD2 1 
ATOM   709  N NE1 . TRP A 1 91  ? -3.389  10.434  6.909   1.00 78.92 ? 261 TRP A NE1 1 
ATOM   710  C CE2 . TRP A 1 91  ? -3.413  10.009  5.606   1.00 78.40 ? 261 TRP A CE2 1 
ATOM   711  C CE3 . TRP A 1 91  ? -2.766  8.041   4.349   1.00 77.89 ? 261 TRP A CE3 1 
ATOM   712  C CZ2 . TRP A 1 91  ? -3.869  10.661  4.453   1.00 77.74 ? 261 TRP A CZ2 1 
ATOM   713  C CZ3 . TRP A 1 91  ? -3.223  8.687   3.203   1.00 77.93 ? 261 TRP A CZ3 1 
ATOM   714  C CH2 . TRP A 1 91  ? -3.767  9.988   3.266   1.00 77.93 ? 261 TRP A CH2 1 
ATOM   715  N N   . GLY A 1 92  ? -1.886  4.284   8.969   1.00 75.59 ? 262 GLY A N   1 
ATOM   716  C CA  . GLY A 1 92  ? -1.287  3.028   9.398   1.00 74.17 ? 262 GLY A CA  1 
ATOM   717  C C   . GLY A 1 92  ? -1.890  1.925   8.565   1.00 73.45 ? 262 GLY A C   1 
ATOM   718  O O   . GLY A 1 92  ? -1.189  1.217   7.874   1.00 73.55 ? 262 GLY A O   1 
ATOM   719  N N   . ARG A 1 93  ? -3.206  1.810   8.600   1.00 72.74 ? 263 ARG A N   1 
ATOM   720  C CA  . ARG A 1 93  ? -3.904  0.859   7.760   1.00 72.36 ? 263 ARG A CA  1 
ATOM   721  C C   . ARG A 1 93  ? -3.499  1.031   6.295   1.00 72.54 ? 263 ARG A C   1 
ATOM   722  O O   . ARG A 1 93  ? -2.918  0.123   5.651   1.00 72.50 ? 263 ARG A O   1 
ATOM   723  C CB  . ARG A 1 93  ? -5.412  1.050   7.908   1.00 72.19 ? 263 ARG A CB  1 
ATOM   724  C CG  . ARG A 1 93  ? -5.911  0.759   9.275   1.00 70.95 ? 263 ARG A CG  1 
ATOM   725  C CD  . ARG A 1 93  ? -7.388  0.538   9.251   1.00 70.62 ? 263 ARG A CD  1 
ATOM   726  N NE  . ARG A 1 93  ? -7.861  0.091   10.566  1.00 70.69 ? 263 ARG A NE  1 
ATOM   727  C CZ  . ARG A 1 93  ? -9.121  -0.228  10.864  1.00 69.62 ? 263 ARG A CZ  1 
ATOM   728  N NH1 . ARG A 1 93  ? -10.100 -0.170  9.957   1.00 68.71 ? 263 ARG A NH1 1 
ATOM   729  N NH2 . ARG A 1 93  ? -9.392  -0.612  12.092  1.00 69.21 ? 263 ARG A NH2 1 
ATOM   730  N N   . ILE A 1 94  ? -3.806  2.212   5.778   1.00 72.18 ? 264 ILE A N   1 
ATOM   731  C CA  . ILE A 1 94  ? -3.477  2.557   4.413   1.00 72.13 ? 264 ILE A CA  1 
ATOM   732  C C   . ILE A 1 94  ? -2.056  2.116   4.000   1.00 72.48 ? 264 ILE A C   1 
ATOM   733  O O   . ILE A 1 94  ? -1.882  1.351   3.047   1.00 72.54 ? 264 ILE A O   1 
ATOM   734  C CB  . ILE A 1 94  ? -3.706  4.052   4.186   1.00 71.68 ? 264 ILE A CB  1 
ATOM   735  C CG1 . ILE A 1 94  ? -5.200  4.298   3.917   1.00 72.07 ? 264 ILE A CG1 1 
ATOM   736  C CG2 . ILE A 1 94  ? -2.893  4.522   3.025   1.00 71.18 ? 264 ILE A CG2 1 
ATOM   737  C CD1 . ILE A 1 94  ? -5.818  5.523   4.589   1.00 70.34 ? 264 ILE A CD1 1 
ATOM   738  N N   . VAL A 1 95  ? -1.050  2.561   4.742   1.00 72.61 ? 265 VAL A N   1 
ATOM   739  C CA  . VAL A 1 95  ? 0.317   2.278   4.355   1.00 72.89 ? 265 VAL A CA  1 
ATOM   740  C C   . VAL A 1 95  ? 0.591   0.770   4.426   1.00 73.27 ? 265 VAL A C   1 
ATOM   741  O O   . VAL A 1 95  ? 1.234   0.188   3.524   1.00 72.88 ? 265 VAL A O   1 
ATOM   742  C CB  . VAL A 1 95  ? 1.339   3.108   5.179   1.00 72.88 ? 265 VAL A CB  1 
ATOM   743  C CG1 . VAL A 1 95  ? 1.520   2.552   6.593   1.00 71.87 ? 265 VAL A CG1 1 
ATOM   744  C CG2 . VAL A 1 95  ? 2.659   3.173   4.434   1.00 72.68 ? 265 VAL A CG2 1 
ATOM   745  N N   . THR A 1 96  ? 0.068   0.154   5.485   1.00 73.41 ? 266 THR A N   1 
ATOM   746  C CA  . THR A 1 96  ? 0.202   -1.271  5.711   1.00 73.63 ? 266 THR A CA  1 
ATOM   747  C C   . THR A 1 96  ? -0.340  -1.997  4.495   1.00 73.91 ? 266 THR A C   1 
ATOM   748  O O   . THR A 1 96  ? 0.276   -2.954  4.008   1.00 73.81 ? 266 THR A O   1 
ATOM   749  C CB  . THR A 1 96  ? -0.563  -1.710  6.972   1.00 73.80 ? 266 THR A CB  1 
ATOM   750  O OG1 . THR A 1 96  ? 0.038   -1.128  8.135   1.00 73.02 ? 266 THR A OG1 1 
ATOM   751  C CG2 . THR A 1 96  ? -0.568  -3.215  7.116   1.00 73.80 ? 266 THR A CG2 1 
ATOM   752  N N   . LEU A 1 97  ? -1.467  -1.521  3.978   1.00 74.20 ? 267 LEU A N   1 
ATOM   753  C CA  . LEU A 1 97  ? -2.010  -2.121  2.767   1.00 75.20 ? 267 LEU A CA  1 
ATOM   754  C C   . LEU A 1 97  ? -1.022  -2.098  1.595   1.00 75.25 ? 267 LEU A C   1 
ATOM   755  O O   . LEU A 1 97  ? -0.787  -3.122  0.952   1.00 75.07 ? 267 LEU A O   1 
ATOM   756  C CB  . LEU A 1 97  ? -3.340  -1.476  2.389   1.00 75.56 ? 267 LEU A CB  1 
ATOM   757  C CG  . LEU A 1 97  ? -4.526  -1.765  3.328   1.00 77.59 ? 267 LEU A CG  1 
ATOM   758  C CD1 . LEU A 1 97  ? -5.824  -1.289  2.683   1.00 79.94 ? 267 LEU A CD1 1 
ATOM   759  C CD2 . LEU A 1 97  ? -4.671  -3.241  3.724   1.00 77.32 ? 267 LEU A CD2 1 
ATOM   760  N N   . ILE A 1 98  ? -0.418  -0.938  1.350   1.00 75.79 ? 268 ILE A N   1 
ATOM   761  C CA  . ILE A 1 98  ? 0.586   -0.783  0.275   1.00 76.20 ? 268 ILE A CA  1 
ATOM   762  C C   . ILE A 1 98  ? 1.865   -1.586  0.491   1.00 76.05 ? 268 ILE A C   1 
ATOM   763  O O   . ILE A 1 98  ? 2.447   -2.109  -0.482  1.00 75.61 ? 268 ILE A O   1 
ATOM   764  C CB  . ILE A 1 98  ? 0.962   0.699   0.041   1.00 76.43 ? 268 ILE A CB  1 
ATOM   765  C CG1 . ILE A 1 98  ? -0.296  1.485   -0.356  1.00 77.40 ? 268 ILE A CG1 1 
ATOM   766  C CG2 . ILE A 1 98  ? 2.021   0.817   -1.042  1.00 74.78 ? 268 ILE A CG2 1 
ATOM   767  C CD1 . ILE A 1 98  ? -0.333  2.909   0.167   1.00 78.54 ? 268 ILE A CD1 1 
ATOM   768  N N   . SER A 1 99  ? 2.291   -1.662  1.761   1.00 75.78 ? 269 SER A N   1 
ATOM   769  C CA  . SER A 1 99  ? 3.528   -2.354  2.133   1.00 75.28 ? 269 SER A CA  1 
ATOM   770  C C   . SER A 1 99  ? 3.353   -3.814  1.787   1.00 75.04 ? 269 SER A C   1 
ATOM   771  O O   . SER A 1 99  ? 4.277   -4.447  1.224   1.00 75.00 ? 269 SER A O   1 
ATOM   772  C CB  . SER A 1 99  ? 3.831   -2.200  3.616   1.00 74.93 ? 269 SER A CB  1 
ATOM   773  O OG  . SER A 1 99  ? 3.673   -0.862  4.009   1.00 74.95 ? 269 SER A OG  1 
ATOM   774  N N   . PHE A 1 100 ? 2.161   -4.330  2.104   1.00 73.98 ? 270 PHE A N   1 
ATOM   775  C CA  . PHE A 1 100 ? 1.786   -5.680  1.697   1.00 73.90 ? 270 PHE A CA  1 
ATOM   776  C C   . PHE A 1 100 ? 1.726   -5.891  0.157   1.00 73.40 ? 270 PHE A C   1 
ATOM   777  O O   . PHE A 1 100 ? 2.268   -6.890  -0.374  1.00 72.58 ? 270 PHE A O   1 
ATOM   778  C CB  . PHE A 1 100 ? 0.492   -6.115  2.370   1.00 74.20 ? 270 PHE A CB  1 
ATOM   779  C CG  . PHE A 1 100 ? 0.201   -7.568  2.210   1.00 74.58 ? 270 PHE A CG  1 
ATOM   780  C CD1 . PHE A 1 100 ? 1.081   -8.528  2.728   1.00 76.76 ? 270 PHE A CD1 1 
ATOM   781  C CD2 . PHE A 1 100 ? -0.936  -7.993  1.529   1.00 75.46 ? 270 PHE A CD2 1 
ATOM   782  C CE1 . PHE A 1 100 ? 0.821   -9.909  2.593   1.00 78.03 ? 270 PHE A CE1 1 
ATOM   783  C CE2 . PHE A 1 100 ? -1.223  -9.365  1.382   1.00 76.50 ? 270 PHE A CE2 1 
ATOM   784  C CZ  . PHE A 1 100 ? -0.344  -10.330 1.922   1.00 76.99 ? 270 PHE A CZ  1 
ATOM   785  N N   . GLY A 1 101 ? 1.090   -4.953  -0.545  1.00 72.69 ? 271 GLY A N   1 
ATOM   786  C CA  . GLY A 1 101 ? 1.271   -4.870  -1.986  1.00 73.26 ? 271 GLY A CA  1 
ATOM   787  C C   . GLY A 1 101 ? 2.726   -5.114  -2.409  1.00 73.50 ? 271 GLY A C   1 
ATOM   788  O O   . GLY A 1 101 ? 3.017   -6.001  -3.225  1.00 73.35 ? 271 GLY A O   1 
ATOM   789  N N   . ALA A 1 102 ? 3.634   -4.328  -1.837  1.00 73.52 ? 272 ALA A N   1 
ATOM   790  C CA  . ALA A 1 102 ? 5.048   -4.431  -2.122  1.00 73.87 ? 272 ALA A CA  1 
ATOM   791  C C   . ALA A 1 102 ? 5.552   -5.848  -1.893  1.00 74.27 ? 272 ALA A C   1 
ATOM   792  O O   . ALA A 1 102 ? 6.200   -6.462  -2.762  1.00 73.73 ? 272 ALA A O   1 
ATOM   793  C CB  . ALA A 1 102 ? 5.805   -3.464  -1.247  1.00 73.80 ? 272 ALA A CB  1 
ATOM   794  N N   . PHE A 1 103 ? 5.230   -6.361  -0.710  1.00 74.66 ? 273 PHE A N   1 
ATOM   795  C CA  . PHE A 1 103 ? 5.666   -7.673  -0.305  1.00 75.13 ? 273 PHE A CA  1 
ATOM   796  C C   . PHE A 1 103 ? 5.210   -8.659  -1.374  1.00 75.50 ? 273 PHE A C   1 
ATOM   797  O O   . PHE A 1 103 ? 6.017   -9.415  -1.925  1.00 75.80 ? 273 PHE A O   1 
ATOM   798  C CB  . PHE A 1 103 ? 5.052   -8.001  1.051   1.00 74.97 ? 273 PHE A CB  1 
ATOM   799  C CG  . PHE A 1 103 ? 5.681   -9.186  1.757   1.00 75.76 ? 273 PHE A CG  1 
ATOM   800  C CD1 . PHE A 1 103 ? 6.868   -9.039  2.490   1.00 76.63 ? 273 PHE A CD1 1 
ATOM   801  C CD2 . PHE A 1 103 ? 5.060   -10.446 1.740   1.00 75.84 ? 273 PHE A CD2 1 
ATOM   802  C CE1 . PHE A 1 103 ? 7.445   -10.136 3.170   1.00 76.01 ? 273 PHE A CE1 1 
ATOM   803  C CE2 . PHE A 1 103 ? 5.628   -11.543 2.419   1.00 75.00 ? 273 PHE A CE2 1 
ATOM   804  C CZ  . PHE A 1 103 ? 6.817   -11.388 3.132   1.00 75.04 ? 273 PHE A CZ  1 
ATOM   805  N N   . VAL A 1 104 ? 3.918   -8.609  -1.697  1.00 75.60 ? 274 VAL A N   1 
ATOM   806  C CA  . VAL A 1 104 ? 3.329   -9.536  -2.666  1.00 75.60 ? 274 VAL A CA  1 
ATOM   807  C C   . VAL A 1 104 ? 3.977   -9.398  -4.046  1.00 75.85 ? 274 VAL A C   1 
ATOM   808  O O   . VAL A 1 104 ? 4.262   -10.397 -4.721  1.00 75.55 ? 274 VAL A O   1 
ATOM   809  C CB  . VAL A 1 104 ? 1.799   -9.340  -2.760  1.00 75.45 ? 274 VAL A CB  1 
ATOM   810  C CG1 . VAL A 1 104 ? 1.198   -10.272 -3.800  1.00 75.29 ? 274 VAL A CG1 1 
ATOM   811  C CG2 . VAL A 1 104 ? 1.157   -9.577  -1.411  1.00 74.59 ? 274 VAL A CG2 1 
ATOM   812  N N   . ALA A 1 105 ? 4.212   -8.148  -4.440  1.00 76.38 ? 275 ALA A N   1 
ATOM   813  C CA  . ALA A 1 105 ? 4.814   -7.813  -5.733  1.00 76.89 ? 275 ALA A CA  1 
ATOM   814  C C   . ALA A 1 105 ? 6.207   -8.438  -5.890  1.00 77.35 ? 275 ALA A C   1 
ATOM   815  O O   . ALA A 1 105 ? 6.561   -8.934  -6.973  1.00 77.12 ? 275 ALA A O   1 
ATOM   816  C CB  . ALA A 1 105 ? 4.885   -6.315  -5.887  1.00 76.72 ? 275 ALA A CB  1 
ATOM   817  N N   . LYS A 1 106 ? 6.988   -8.402  -4.803  1.00 77.76 ? 276 LYS A N   1 
ATOM   818  C CA  . LYS A 1 106 ? 8.290   -9.089  -4.736  1.00 77.76 ? 276 LYS A CA  1 
ATOM   819  C C   . LYS A 1 106 ? 8.108   -10.581 -5.044  1.00 77.70 ? 276 LYS A C   1 
ATOM   820  O O   . LYS A 1 106 ? 8.764   -11.131 -5.941  1.00 77.60 ? 276 LYS A O   1 
ATOM   821  C CB  . LYS A 1 106 ? 8.921   -8.901  -3.347  1.00 78.03 ? 276 LYS A CB  1 
ATOM   822  C CG  . LYS A 1 106 ? 9.612   -7.557  -3.113  1.00 77.60 ? 276 LYS A CG  1 
ATOM   823  C CD  . LYS A 1 106 ? 9.408   -7.091  -1.685  1.00 78.01 ? 276 LYS A CD  1 
ATOM   824  C CE  . LYS A 1 106 ? 10.518  -7.555  -0.796  1.00 78.51 ? 276 LYS A CE  1 
ATOM   825  N NZ  . LYS A 1 106 ? 10.650  -6.634  0.364   1.00 79.93 ? 276 LYS A NZ  1 
ATOM   826  N N   . HIS A 1 107 ? 7.196   -11.213 -4.305  1.00 77.39 ? 277 HIS A N   1 
ATOM   827  C CA  . HIS A 1 107 ? 6.832   -12.585 -4.548  1.00 77.45 ? 277 HIS A CA  1 
ATOM   828  C C   . HIS A 1 107 ? 6.461   -12.852 -6.006  1.00 76.95 ? 277 HIS A C   1 
ATOM   829  O O   . HIS A 1 107 ? 6.867   -13.859 -6.571  1.00 76.53 ? 277 HIS A O   1 
ATOM   830  C CB  . HIS A 1 107 ? 5.669   -12.988 -3.655  1.00 77.72 ? 277 HIS A CB  1 
ATOM   831  C CG  . HIS A 1 107 ? 5.055   -14.296 -4.048  1.00 80.22 ? 277 HIS A CG  1 
ATOM   832  N ND1 . HIS A 1 107 ? 5.752   -15.490 -4.007  1.00 81.84 ? 277 HIS A ND1 1 
ATOM   833  C CD2 . HIS A 1 107 ? 3.827   -14.595 -4.531  1.00 81.98 ? 277 HIS A CD2 1 
ATOM   834  C CE1 . HIS A 1 107 ? 4.968   -16.470 -4.421  1.00 82.56 ? 277 HIS A CE1 1 
ATOM   835  N NE2 . HIS A 1 107 ? 3.795   -15.954 -4.748  1.00 83.79 ? 277 HIS A NE2 1 
ATOM   836  N N   . LEU A 1 108 ? 5.672   -11.955 -6.594  1.00 76.70 ? 278 LEU A N   1 
ATOM   837  C CA  . LEU A 1 108 ? 5.200   -12.098 -7.972  1.00 76.27 ? 278 LEU A CA  1 
ATOM   838  C C   . LEU A 1 108 ? 6.328   -12.164 -8.966  1.00 76.31 ? 278 LEU A C   1 
ATOM   839  O O   . LEU A 1 108 ? 6.329   -13.039 -9.815  1.00 75.99 ? 278 LEU A O   1 
ATOM   840  C CB  . LEU A 1 108 ? 4.285   -10.940 -8.353  1.00 76.12 ? 278 LEU A CB  1 
ATOM   841  C CG  . LEU A 1 108 ? 2.870   -11.061 -7.821  1.00 75.46 ? 278 LEU A CG  1 
ATOM   842  C CD1 . LEU A 1 108 ? 2.175   -9.725  -7.874  1.00 74.45 ? 278 LEU A CD1 1 
ATOM   843  C CD2 . LEU A 1 108 ? 2.124   -12.114 -8.632  1.00 75.26 ? 278 LEU A CD2 1 
ATOM   844  N N   . LYS A 1 109 ? 7.275   -11.226 -8.869  1.00 76.62 ? 279 LYS A N   1 
ATOM   845  C CA  . LYS A 1 109 ? 8.489   -11.251 -9.700  1.00 76.87 ? 279 LYS A CA  1 
ATOM   846  C C   . LYS A 1 109 ? 9.309   -12.499 -9.391  1.00 77.15 ? 279 LYS A C   1 
ATOM   847  O O   . LYS A 1 109 ? 9.842   -13.135 -10.298 1.00 76.79 ? 279 LYS A O   1 
ATOM   848  C CB  . LYS A 1 109 ? 9.341   -9.994  -9.508  1.00 76.69 ? 279 LYS A CB  1 
ATOM   849  C CG  . LYS A 1 109 ? 10.673  -10.055 -10.220 1.00 76.56 ? 279 LYS A CG  1 
ATOM   850  C CD  . LYS A 1 109 ? 11.199  -8.675  -10.559 1.00 77.73 ? 279 LYS A CD  1 
ATOM   851  C CE  . LYS A 1 109 ? 12.513  -8.746  -11.348 1.00 77.60 ? 279 LYS A CE  1 
ATOM   852  N NZ  . LYS A 1 109 ? 12.329  -9.342  -12.701 1.00 77.88 ? 279 LYS A NZ  1 
ATOM   853  N N   . THR A 1 110 ? 9.389   -12.846 -8.106  1.00 77.63 ? 280 THR A N   1 
ATOM   854  C CA  . THR A 1 110 ? 10.036  -14.086 -7.677  1.00 77.97 ? 280 THR A CA  1 
ATOM   855  C C   . THR A 1 110 ? 9.498   -15.317 -8.411  1.00 78.06 ? 280 THR A C   1 
ATOM   856  O O   . THR A 1 110 ? 10.291  -16.120 -8.902  1.00 78.43 ? 280 THR A O   1 
ATOM   857  C CB  . THR A 1 110 ? 9.981   -14.260 -6.144  1.00 77.99 ? 280 THR A CB  1 
ATOM   858  O OG1 . THR A 1 110 ? 11.172  -13.699 -5.584  1.00 78.73 ? 280 THR A OG1 1 
ATOM   859  C CG2 . THR A 1 110 ? 9.892   -15.729 -5.738  1.00 77.47 ? 280 THR A CG2 1 
ATOM   860  N N   . ILE A 1 111 ? 8.168   -15.436 -8.506  1.00 78.11 ? 281 ILE A N   1 
ATOM   861  C CA  . ILE A 1 111 ? 7.486   -16.575 -9.168  1.00 77.73 ? 281 ILE A CA  1 
ATOM   862  C C   . ILE A 1 111 ? 7.149   -16.328 -10.651 1.00 78.28 ? 281 ILE A C   1 
ATOM   863  O O   . ILE A 1 111 ? 6.176   -16.879 -11.184 1.00 78.34 ? 281 ILE A O   1 
ATOM   864  C CB  . ILE A 1 111 ? 6.213   -17.029 -8.401  1.00 77.15 ? 281 ILE A CB  1 
ATOM   865  C CG1 . ILE A 1 111 ? 5.070   -16.019 -8.559  1.00 76.71 ? 281 ILE A CG1 1 
ATOM   866  C CG2 . ILE A 1 111 ? 6.544   -17.245 -6.953  1.00 76.99 ? 281 ILE A CG2 1 
ATOM   867  C CD1 . ILE A 1 111 ? 3.702   -16.610 -8.401  1.00 74.61 ? 281 ILE A CD1 1 
ATOM   868  N N   . ASN A 1 112 ? 7.969   -15.500 -11.301 1.00 78.75 ? 282 ASN A N   1 
ATOM   869  C CA  . ASN A 1 112 ? 7.835   -15.160 -12.724 1.00 79.01 ? 282 ASN A CA  1 
ATOM   870  C C   . ASN A 1 112 ? 6.450   -14.637 -13.165 1.00 79.10 ? 282 ASN A C   1 
ATOM   871  O O   . ASN A 1 112 ? 5.974   -14.940 -14.266 1.00 79.17 ? 282 ASN A O   1 
ATOM   872  C CB  . ASN A 1 112 ? 8.308   -16.320 -13.605 1.00 78.90 ? 282 ASN A CB  1 
ATOM   873  C CG  . ASN A 1 112 ? 8.904   -15.840 -14.912 1.00 79.62 ? 282 ASN A CG  1 
ATOM   874  O OD1 . ASN A 1 112 ? 8.592   -16.364 -15.985 1.00 80.10 ? 282 ASN A OD1 1 
ATOM   875  N ND2 . ASN A 1 112 ? 9.762   -14.827 -14.830 1.00 80.24 ? 282 ASN A ND2 1 
ATOM   876  N N   . GLN A 1 113 ? 5.824   -13.838 -12.301 1.00 79.20 ? 283 GLN A N   1 
ATOM   877  C CA  . GLN A 1 113 ? 4.549   -13.181 -12.606 1.00 79.14 ? 283 GLN A CA  1 
ATOM   878  C C   . GLN A 1 113 ? 4.707   -11.668 -12.507 1.00 79.00 ? 283 GLN A C   1 
ATOM   879  O O   . GLN A 1 113 ? 3.867   -10.992 -11.905 1.00 79.30 ? 283 GLN A O   1 
ATOM   880  C CB  . GLN A 1 113 ? 3.423   -13.670 -11.673 1.00 78.99 ? 283 GLN A CB  1 
ATOM   881  C CG  . GLN A 1 113 ? 3.103   -15.161 -11.781 1.00 79.13 ? 283 GLN A CG  1 
ATOM   882  C CD  . GLN A 1 113 ? 2.502   -15.573 -13.133 1.00 80.12 ? 283 GLN A CD  1 
ATOM   883  O OE1 . GLN A 1 113 ? 2.433   -14.786 -14.080 1.00 80.61 ? 283 GLN A OE1 1 
ATOM   884  N NE2 . GLN A 1 113 ? 2.061   -16.820 -13.219 1.00 80.92 ? 283 GLN A NE2 1 
ATOM   885  N N   . GLU A 1 114 ? 5.787   -11.150 -13.100 1.00 78.64 ? 284 GLU A N   1 
ATOM   886  C CA  . GLU A 1 114 ? 6.112   -9.722  -13.023 1.00 78.28 ? 284 GLU A CA  1 
ATOM   887  C C   . GLU A 1 114 ? 4.931   -8.856  -13.498 1.00 77.95 ? 284 GLU A C   1 
ATOM   888  O O   . GLU A 1 114 ? 4.708   -7.751  -12.996 1.00 77.69 ? 284 GLU A O   1 
ATOM   889  C CB  . GLU A 1 114 ? 7.426   -9.409  -13.777 1.00 78.33 ? 284 GLU A CB  1 
ATOM   890  C CG  . GLU A 1 114 ? 7.995   -7.986  -13.532 1.00 78.52 ? 284 GLU A CG  1 
ATOM   891  C CD  . GLU A 1 114 ? 9.508   -7.890  -13.678 1.00 78.31 ? 284 GLU A CD  1 
ATOM   892  O OE1 . GLU A 1 114 ? 10.148  -8.898  -14.084 0.00 78.21 ? 284 GLU A OE1 1 
ATOM   893  O OE2 . GLU A 1 114 ? 10.056  -6.803  -13.381 0.00 78.18 ? 284 GLU A OE2 1 
ATOM   894  N N   . SER A 1 115 ? 4.148   -9.386  -14.428 1.00 77.67 ? 285 SER A N   1 
ATOM   895  C CA  . SER A 1 115 ? 3.090   -8.612  -15.047 1.00 77.85 ? 285 SER A CA  1 
ATOM   896  C C   . SER A 1 115 ? 1.801   -8.555  -14.232 1.00 77.82 ? 285 SER A C   1 
ATOM   897  O O   . SER A 1 115 ? 0.884   -7.832  -14.598 1.00 78.18 ? 285 SER A O   1 
ATOM   898  C CB  . SER A 1 115 ? 2.816   -9.121  -16.454 1.00 77.88 ? 285 SER A CB  1 
ATOM   899  O OG  . SER A 1 115 ? 2.412   -10.477 -16.427 1.00 78.86 ? 285 SER A OG  1 
ATOM   900  N N   . CYS A 1 116 ? 1.727   -9.310  -13.139 1.00 77.84 ? 286 CYS A N   1 
ATOM   901  C CA  . CYS A 1 116 ? 0.595   -9.215  -12.200 1.00 77.67 ? 286 CYS A CA  1 
ATOM   902  C C   . CYS A 1 116 ? 0.791   -8.111  -11.193 1.00 77.50 ? 286 CYS A C   1 
ATOM   903  O O   . CYS A 1 116 ? -0.101  -7.826  -10.380 1.00 77.79 ? 286 CYS A O   1 
ATOM   904  C CB  . CYS A 1 116 ? 0.385   -10.517 -11.442 1.00 77.82 ? 286 CYS A CB  1 
ATOM   905  S SG  . CYS A 1 116 ? -0.769  -11.537 -12.255 1.00 78.15 ? 286 CYS A SG  1 
ATOM   906  N N   . ILE A 1 117 ? 1.966   -7.495  -11.249 1.00 77.05 ? 287 ILE A N   1 
ATOM   907  C CA  . ILE A 1 117 ? 2.328   -6.426  -10.330 1.00 76.30 ? 287 ILE A CA  1 
ATOM   908  C C   . ILE A 1 117 ? 1.539   -5.131  -10.629 1.00 76.04 ? 287 ILE A C   1 
ATOM   909  O O   . ILE A 1 117 ? 1.119   -4.439  -9.698  1.00 75.86 ? 287 ILE A O   1 
ATOM   910  C CB  . ILE A 1 117 ? 3.870   -6.243  -10.287 1.00 76.19 ? 287 ILE A CB  1 
ATOM   911  C CG1 . ILE A 1 117 ? 4.538   -7.621  -10.176 1.00 76.02 ? 287 ILE A CG1 1 
ATOM   912  C CG2 . ILE A 1 117 ? 4.280   -5.352  -9.129  1.00 75.27 ? 287 ILE A CG2 1 
ATOM   913  C CD1 . ILE A 1 117 ? 6.025   -7.597  -10.007 1.00 75.96 ? 287 ILE A CD1 1 
ATOM   914  N N   . GLU A 1 118 ? 1.311   -4.833  -11.916 1.00 75.58 ? 288 GLU A N   1 
ATOM   915  C CA  . GLU A 1 118 ? 0.493   -3.678  -12.302 1.00 75.19 ? 288 GLU A CA  1 
ATOM   916  C C   . GLU A 1 118 ? -1.015  -3.830  -11.978 1.00 75.32 ? 288 GLU A C   1 
ATOM   917  O O   . GLU A 1 118 ? -1.623  -2.894  -11.440 1.00 75.34 ? 288 GLU A O   1 
ATOM   918  C CB  . GLU A 1 118 ? 0.748   -3.254  -13.754 1.00 75.04 ? 288 GLU A CB  1 
ATOM   919  C CG  . GLU A 1 118 ? 2.056   -2.489  -13.943 0.00 75.07 ? 288 GLU A CG  1 
ATOM   920  C CD  . GLU A 1 118 ? 2.159   -1.792  -15.288 0.00 75.06 ? 288 GLU A CD  1 
ATOM   921  O OE1 . GLU A 1 118 ? 1.560   -2.277  -16.274 0.00 74.88 ? 288 GLU A OE1 1 
ATOM   922  O OE2 . GLU A 1 118 ? 2.851   -0.755  -15.359 0.00 74.86 ? 288 GLU A OE2 1 
ATOM   923  N N   . PRO A 1 119 ? -1.634  -4.995  -12.291 1.00 75.32 ? 289 PRO A N   1 
ATOM   924  C CA  . PRO A 1 119 ? -3.015  -5.192  -11.821 1.00 75.37 ? 289 PRO A CA  1 
ATOM   925  C C   . PRO A 1 119 ? -3.144  -5.045  -10.304 1.00 75.53 ? 289 PRO A C   1 
ATOM   926  O O   . PRO A 1 119 ? -4.173  -4.577  -9.813  1.00 75.45 ? 289 PRO A O   1 
ATOM   927  C CB  . PRO A 1 119 ? -3.323  -6.635  -12.231 1.00 75.29 ? 289 PRO A CB  1 
ATOM   928  C CG  . PRO A 1 119 ? -2.407  -6.913  -13.342 1.00 74.94 ? 289 PRO A CG  1 
ATOM   929  C CD  . PRO A 1 119 ? -1.167  -6.144  -13.089 1.00 75.00 ? 289 PRO A CD  1 
ATOM   930  N N   . LEU A 1 120 ? -2.098  -5.442  -9.585  1.00 75.70 ? 290 LEU A N   1 
ATOM   931  C CA  . LEU A 1 120 ? -2.061  -5.380  -8.128  1.00 76.31 ? 290 LEU A CA  1 
ATOM   932  C C   . LEU A 1 120 ? -2.070  -3.933  -7.583  1.00 76.95 ? 290 LEU A C   1 
ATOM   933  O O   . LEU A 1 120 ? -2.801  -3.596  -6.627  1.00 76.46 ? 290 LEU A O   1 
ATOM   934  C CB  . LEU A 1 120 ? -0.834  -6.155  -7.637  1.00 76.16 ? 290 LEU A CB  1 
ATOM   935  C CG  . LEU A 1 120 ? -0.463  -6.049  -6.164  1.00 76.23 ? 290 LEU A CG  1 
ATOM   936  C CD1 . LEU A 1 120 ? -1.615  -6.546  -5.311  1.00 76.18 ? 290 LEU A CD1 1 
ATOM   937  C CD2 . LEU A 1 120 ? 0.817   -6.800  -5.869  1.00 76.08 ? 290 LEU A CD2 1 
ATOM   938  N N   . ALA A 1 121 ? -1.237  -3.097  -8.210  1.00 77.93 ? 291 ALA A N   1 
ATOM   939  C CA  . ALA A 1 121 ? -1.147  -1.669  -7.927  1.00 78.65 ? 291 ALA A CA  1 
ATOM   940  C C   . ALA A 1 121 ? -2.485  -0.967  -8.154  1.00 79.31 ? 291 ALA A C   1 
ATOM   941  O O   . ALA A 1 121 ? -2.938  -0.227  -7.283  1.00 79.77 ? 291 ALA A O   1 
ATOM   942  C CB  . ALA A 1 121 ? -0.055  -1.033  -8.771  1.00 78.26 ? 291 ALA A CB  1 
ATOM   943  N N   . GLU A 1 122 ? -3.114  -1.217  -9.309  1.00 79.98 ? 292 GLU A N   1 
ATOM   944  C CA  . GLU A 1 122 ? -4.422  -0.636  -9.648  1.00 80.58 ? 292 GLU A CA  1 
ATOM   945  C C   . GLU A 1 122 ? -5.521  -0.922  -8.627  1.00 81.04 ? 292 GLU A C   1 
ATOM   946  O O   . GLU A 1 122 ? -6.238  -0.007  -8.220  1.00 81.38 ? 292 GLU A O   1 
ATOM   947  C CB  . GLU A 1 122 ? -4.881  -1.089  -11.026 1.00 80.35 ? 292 GLU A CB  1 
ATOM   948  C CG  . GLU A 1 122 ? -4.420  -0.178  -12.109 1.00 81.06 ? 292 GLU A CG  1 
ATOM   949  C CD  . GLU A 1 122 ? -4.275  -0.898  -13.423 1.00 82.62 ? 292 GLU A CD  1 
ATOM   950  O OE1 . GLU A 1 122 ? -5.022  -1.878  -13.622 1.00 83.49 ? 292 GLU A OE1 1 
ATOM   951  O OE2 . GLU A 1 122 ? -3.422  -0.500  -14.253 1.00 82.28 ? 292 GLU A OE2 1 
ATOM   952  N N   . SER A 1 123 ? -5.651  -2.187  -8.226  1.00 81.52 ? 293 SER A N   1 
ATOM   953  C CA  . SER A 1 123 ? -6.643  -2.594  -7.228  1.00 81.64 ? 293 SER A CA  1 
ATOM   954  C C   . SER A 1 123 ? -6.407  -1.853  -5.909  1.00 81.26 ? 293 SER A C   1 
ATOM   955  O O   . SER A 1 123 ? -7.314  -1.189  -5.403  1.00 81.25 ? 293 SER A O   1 
ATOM   956  C CB  . SER A 1 123 ? -6.584  -4.098  -7.001  1.00 81.70 ? 293 SER A CB  1 
ATOM   957  O OG  . SER A 1 123 ? -5.451  -4.400  -6.205  1.00 83.56 ? 293 SER A OG  1 
ATOM   958  N N   . ILE A 1 124 ? -5.192  -1.946  -5.371  1.00 80.68 ? 294 ILE A N   1 
ATOM   959  C CA  . ILE A 1 124 ? -4.870  -1.199  -4.164  1.00 80.85 ? 294 ILE A CA  1 
ATOM   960  C C   . ILE A 1 124 ? -5.332  0.262   -4.291  1.00 80.76 ? 294 ILE A C   1 
ATOM   961  O O   . ILE A 1 124 ? -5.998  0.780   -3.390  1.00 80.87 ? 294 ILE A O   1 
ATOM   962  C CB  . ILE A 1 124 ? -3.364  -1.326  -3.757  1.00 81.02 ? 294 ILE A CB  1 
ATOM   963  C CG1 . ILE A 1 124 ? -3.056  -2.779  -3.337  1.00 81.41 ? 294 ILE A CG1 1 
ATOM   964  C CG2 . ILE A 1 124 ? -3.002  -0.338  -2.622  1.00 80.07 ? 294 ILE A CG2 1 
ATOM   965  C CD1 . ILE A 1 124 ? -1.579  -3.160  -3.240  1.00 81.06 ? 294 ILE A CD1 1 
ATOM   966  N N   . THR A 1 125 ? -5.026  0.894   -5.422  1.00 80.54 ? 295 THR A N   1 
ATOM   967  C CA  . THR A 1 125 ? -5.386  2.288   -5.647  1.00 80.69 ? 295 THR A CA  1 
ATOM   968  C C   . THR A 1 125 ? -6.883  2.412   -5.744  1.00 81.44 ? 295 THR A C   1 
ATOM   969  O O   . THR A 1 125 ? -7.497  3.336   -5.195  1.00 81.32 ? 295 THR A O   1 
ATOM   970  C CB  . THR A 1 125 ? -4.818  2.803   -6.959  1.00 80.39 ? 295 THR A CB  1 
ATOM   971  O OG1 . THR A 1 125 ? -3.427  2.479   -7.034  1.00 80.13 ? 295 THR A OG1 1 
ATOM   972  C CG2 . THR A 1 125 ? -5.007  4.315   -7.060  1.00 79.93 ? 295 THR A CG2 1 
ATOM   973  N N   . ASP A 1 126 ? -7.454  1.462   -6.469  1.00 82.33 ? 296 ASP A N   1 
ATOM   974  C CA  . ASP A 1 126 ? -8.863  1.421   -6.725  1.00 82.99 ? 296 ASP A CA  1 
ATOM   975  C C   . ASP A 1 126 ? -9.564  1.207   -5.393  1.00 83.13 ? 296 ASP A C   1 
ATOM   976  O O   . ASP A 1 126 ? -10.481 1.927   -5.071  1.00 83.26 ? 296 ASP A O   1 
ATOM   977  C CB  . ASP A 1 126 ? -9.164  0.310   -7.723  1.00 83.07 ? 296 ASP A CB  1 
ATOM   978  C CG  . ASP A 1 126 ? -10.600 0.277   -8.122  1.00 84.63 ? 296 ASP A CG  1 
ATOM   979  O OD1 . ASP A 1 126 ? -11.007 1.157   -8.914  1.00 87.46 ? 296 ASP A OD1 1 
ATOM   980  O OD2 . ASP A 1 126 ? -11.331 -0.624  -7.646  1.00 86.32 ? 296 ASP A OD2 1 
ATOM   981  N N   . VAL A 1 127 ? -9.101  0.249   -4.600  1.00 83.75 ? 297 VAL A N   1 
ATOM   982  C CA  . VAL A 1 127 ? -9.667  0.028   -3.268  1.00 84.63 ? 297 VAL A CA  1 
ATOM   983  C C   . VAL A 1 127 ? -9.814  1.337   -2.515  1.00 84.77 ? 297 VAL A C   1 
ATOM   984  O O   . VAL A 1 127 ? -10.935 1.816   -2.325  1.00 84.68 ? 297 VAL A O   1 
ATOM   985  C CB  . VAL A 1 127 ? -8.797  -0.943  -2.416  1.00 85.13 ? 297 VAL A CB  1 
ATOM   986  C CG1 . VAL A 1 127 ? -9.104  -0.830  -0.873  1.00 84.28 ? 297 VAL A CG1 1 
ATOM   987  C CG2 . VAL A 1 127 ? -8.960  -2.378  -2.933  1.00 85.76 ? 297 VAL A CG2 1 
ATOM   988  N N   . LEU A 1 128 ? -8.672  1.896   -2.101  1.00 84.81 ? 298 LEU A N   1 
ATOM   989  C CA  . LEU A 1 128 ? -8.611  3.127   -1.317  1.00 84.83 ? 298 LEU A CA  1 
ATOM   990  C C   . LEU A 1 128 ? -9.490  4.215   -1.890  1.00 84.65 ? 298 LEU A C   1 
ATOM   991  O O   . LEU A 1 128 ? -10.453 4.627   -1.252  1.00 84.92 ? 298 LEU A O   1 
ATOM   992  C CB  . LEU A 1 128 ? -7.181  3.650   -1.274  1.00 84.92 ? 298 LEU A CB  1 
ATOM   993  C CG  . LEU A 1 128 ? -6.259  3.297   -0.111  1.00 86.71 ? 298 LEU A CG  1 
ATOM   994  C CD1 . LEU A 1 128 ? -6.596  1.950   0.604   1.00 87.58 ? 298 LEU A CD1 1 
ATOM   995  C CD2 . LEU A 1 128 ? -4.809  3.326   -0.620  1.00 87.63 ? 298 LEU A CD2 1 
ATOM   996  N N   . VAL A 1 129 ? -9.163  4.648   -3.108  1.00 84.10 ? 299 VAL A N   1 
ATOM   997  C CA  . VAL A 1 129 ? -9.722  5.851   -3.698  1.00 83.34 ? 299 VAL A CA  1 
ATOM   998  C C   . VAL A 1 129 ? -11.198 5.698   -4.055  1.00 83.35 ? 299 VAL A C   1 
ATOM   999  O O   . VAL A 1 129 ? -11.954 6.669   -3.995  1.00 83.40 ? 299 VAL A O   1 
ATOM   1000 C CB  . VAL A 1 129 ? -8.900  6.277   -4.919  1.00 83.19 ? 299 VAL A CB  1 
ATOM   1001 C CG1 . VAL A 1 129 ? -9.536  7.459   -5.625  1.00 83.31 ? 299 VAL A CG1 1 
ATOM   1002 C CG2 . VAL A 1 129 ? -7.500  6.636   -4.486  1.00 82.73 ? 299 VAL A CG2 1 
ATOM   1003 N N   . ARG A 1 130 ? -11.607 4.481   -4.402  1.00 83.13 ? 300 ARG A N   1 
ATOM   1004 C CA  . ARG A 1 130 ? -12.989 4.219   -4.793  1.00 83.23 ? 300 ARG A CA  1 
ATOM   1005 C C   . ARG A 1 130 ? -13.878 3.936   -3.582  1.00 82.35 ? 300 ARG A C   1 
ATOM   1006 O O   . ARG A 1 130 ? -15.103 4.069   -3.654  1.00 82.39 ? 300 ARG A O   1 
ATOM   1007 C CB  . ARG A 1 130 ? -13.058 3.068   -5.799  1.00 83.06 ? 300 ARG A CB  1 
ATOM   1008 C CG  . ARG A 1 130 ? -14.234 3.138   -6.767  1.00 84.64 ? 300 ARG A CG  1 
ATOM   1009 C CD  . ARG A 1 130 ? -14.415 1.824   -7.530  1.00 85.22 ? 300 ARG A CD  1 
ATOM   1010 N NE  . ARG A 1 130 ? -14.621 0.668   -6.642  1.00 89.06 ? 300 ARG A NE  1 
ATOM   1011 C CZ  . ARG A 1 130 ? -15.727 -0.082  -6.605  1.00 90.00 ? 300 ARG A CZ  1 
ATOM   1012 N NH1 . ARG A 1 130 ? -16.763 0.174   -7.412  1.00 89.25 ? 300 ARG A NH1 1 
ATOM   1013 N NH2 . ARG A 1 130 ? -15.786 -1.107  -5.758  1.00 90.83 ? 300 ARG A NH2 1 
ATOM   1014 N N   . THR A 1 131 ? -13.264 3.566   -2.465  1.00 81.64 ? 301 THR A N   1 
ATOM   1015 C CA  . THR A 1 131 ? -14.044 3.250   -1.271  1.00 81.25 ? 301 THR A CA  1 
ATOM   1016 C C   . THR A 1 131 ? -13.871 4.257   -0.133  1.00 80.87 ? 301 THR A C   1 
ATOM   1017 O O   . THR A 1 131 ? -14.732 4.353   0.740   1.00 81.02 ? 301 THR A O   1 
ATOM   1018 C CB  . THR A 1 131 ? -13.756 1.828   -0.740  1.00 81.22 ? 301 THR A CB  1 
ATOM   1019 O OG1 . THR A 1 131 ? -12.421 1.765   -0.232  1.00 81.36 ? 301 THR A OG1 1 
ATOM   1020 C CG2 . THR A 1 131 ? -13.918 0.801   -1.836  1.00 81.37 ? 301 THR A CG2 1 
ATOM   1021 N N   . LYS A 1 132 ? -12.758 4.991   -0.138  1.00 80.33 ? 302 LYS A N   1 
ATOM   1022 C CA  . LYS A 1 132 ? -12.412 5.908   0.957   1.00 79.71 ? 302 LYS A CA  1 
ATOM   1023 C C   . LYS A 1 132 ? -12.116 7.322   0.459   1.00 79.58 ? 302 LYS A C   1 
ATOM   1024 O O   . LYS A 1 132 ? -11.358 8.059   1.092   1.00 79.39 ? 302 LYS A O   1 
ATOM   1025 C CB  . LYS A 1 132 ? -11.232 5.354   1.781   1.00 79.68 ? 302 LYS A CB  1 
ATOM   1026 C CG  . LYS A 1 132 ? -11.584 4.174   2.698   1.00 79.20 ? 302 LYS A CG  1 
ATOM   1027 C CD  . LYS A 1 132 ? -12.663 4.578   3.690   1.00 79.58 ? 302 LYS A CD  1 
ATOM   1028 C CE  . LYS A 1 132 ? -13.062 3.451   4.597   1.00 79.86 ? 302 LYS A CE  1 
ATOM   1029 N NZ  . LYS A 1 132 ? -13.629 3.981   5.869   1.00 79.35 ? 302 LYS A NZ  1 
ATOM   1030 N N   . ARG A 1 133 ? -12.735 7.680   -0.672  1.00 79.55 ? 303 ARG A N   1 
ATOM   1031 C CA  . ARG A 1 133 ? -12.624 8.993   -1.323  1.00 79.37 ? 303 ARG A CA  1 
ATOM   1032 C C   . ARG A 1 133 ? -12.724 10.170  -0.354  1.00 79.14 ? 303 ARG A C   1 
ATOM   1033 O O   . ARG A 1 133 ? -11.862 11.050  -0.364  1.00 78.92 ? 303 ARG A O   1 
ATOM   1034 C CB  . ARG A 1 133 ? -13.686 9.108   -2.434  1.00 79.62 ? 303 ARG A CB  1 
ATOM   1035 C CG  . ARG A 1 133 ? -14.052 10.532  -2.934  1.00 80.42 ? 303 ARG A CG  1 
ATOM   1036 C CD  . ARG A 1 133 ? -13.111 11.092  -4.008  1.00 81.55 ? 303 ARG A CD  1 
ATOM   1037 N NE  . ARG A 1 133 ? -12.795 10.119  -5.058  1.00 83.20 ? 303 ARG A NE  1 
ATOM   1038 C CZ  . ARG A 1 133 ? -12.346 10.425  -6.279  1.00 84.14 ? 303 ARG A CZ  1 
ATOM   1039 N NH1 . ARG A 1 133 ? -12.166 11.697  -6.645  1.00 84.10 ? 303 ARG A NH1 1 
ATOM   1040 N NH2 . ARG A 1 133 ? -12.082 9.450   -7.147  1.00 84.12 ? 303 ARG A NH2 1 
ATOM   1041 N N   . ASP A 1 134 ? -13.754 10.165  0.493   1.00 78.99 ? 304 ASP A N   1 
ATOM   1042 C CA  . ASP A 1 134 ? -14.044 11.312  1.369   1.00 78.90 ? 304 ASP A CA  1 
ATOM   1043 C C   . ASP A 1 134 ? -13.219 11.379  2.639   1.00 78.99 ? 304 ASP A C   1 
ATOM   1044 O O   . ASP A 1 134 ? -13.009 12.478  3.175   1.00 78.80 ? 304 ASP A O   1 
ATOM   1045 C CB  . ASP A 1 134 ? -15.522 11.377  1.702   1.00 78.70 ? 304 ASP A CB  1 
ATOM   1046 C CG  . ASP A 1 134 ? -16.365 11.150  0.491   1.00 78.96 ? 304 ASP A CG  1 
ATOM   1047 O OD1 . ASP A 1 134 ? -16.939 12.134  -0.028  1.00 79.14 ? 304 ASP A OD1 1 
ATOM   1048 O OD2 . ASP A 1 134 ? -16.401 9.984   0.028   1.00 79.25 ? 304 ASP A OD2 1 
ATOM   1049 N N   . TRP A 1 135 ? -12.765 10.221  3.127   1.00 79.01 ? 305 TRP A N   1 
ATOM   1050 C CA  . TRP A 1 135 ? -11.770 10.224  4.192   1.00 79.08 ? 305 TRP A CA  1 
ATOM   1051 C C   . TRP A 1 135 ? -10.481 10.852  3.651   1.00 79.55 ? 305 TRP A C   1 
ATOM   1052 O O   . TRP A 1 135 ? -10.024 11.869  4.178   1.00 79.56 ? 305 TRP A O   1 
ATOM   1053 C CB  . TRP A 1 135 ? -11.522 8.829   4.771   1.00 78.54 ? 305 TRP A CB  1 
ATOM   1054 C CG  . TRP A 1 135 ? -10.753 8.880   6.064   1.00 78.04 ? 305 TRP A CG  1 
ATOM   1055 C CD1 . TRP A 1 135 ? -11.270 9.054   7.322   1.00 77.69 ? 305 TRP A CD1 1 
ATOM   1056 C CD2 . TRP A 1 135 ? -9.330  8.781   6.227   1.00 77.74 ? 305 TRP A CD2 1 
ATOM   1057 N NE1 . TRP A 1 135 ? -10.260 9.059   8.255   1.00 78.12 ? 305 TRP A NE1 1 
ATOM   1058 C CE2 . TRP A 1 135 ? -9.058  8.893   7.610   1.00 78.25 ? 305 TRP A CE2 1 
ATOM   1059 C CE3 . TRP A 1 135 ? -8.256  8.606   5.340   1.00 77.05 ? 305 TRP A CE3 1 
ATOM   1060 C CZ2 . TRP A 1 135 ? -7.749  8.833   8.126   1.00 77.87 ? 305 TRP A CZ2 1 
ATOM   1061 C CZ3 . TRP A 1 135 ? -6.960  8.554   5.858   1.00 77.37 ? 305 TRP A CZ3 1 
ATOM   1062 C CH2 . TRP A 1 135 ? -6.723  8.665   7.237   1.00 77.30 ? 305 TRP A CH2 1 
ATOM   1063 N N   . LEU A 1 136 ? -9.938  10.266  2.578   1.00 80.16 ? 306 LEU A N   1 
ATOM   1064 C CA  . LEU A 1 136 ? -8.725  10.758  1.894   1.00 80.53 ? 306 LEU A CA  1 
ATOM   1065 C C   . LEU A 1 136 ? -8.733  12.270  1.677   1.00 80.45 ? 306 LEU A C   1 
ATOM   1066 O O   . LEU A 1 136 ? -7.738  12.954  1.955   1.00 80.36 ? 306 LEU A O   1 
ATOM   1067 C CB  . LEU A 1 136 ? -8.542  10.042  0.544   1.00 80.77 ? 306 LEU A CB  1 
ATOM   1068 C CG  . LEU A 1 136 ? -7.817  8.684   0.519   1.00 81.93 ? 306 LEU A CG  1 
ATOM   1069 C CD1 . LEU A 1 136 ? -8.240  7.811   -0.681  1.00 82.28 ? 306 LEU A CD1 1 
ATOM   1070 C CD2 . LEU A 1 136 ? -6.292  8.868   0.551   1.00 82.64 ? 306 LEU A CD2 1 
ATOM   1071 N N   . VAL A 1 137 ? -9.866  12.774  1.185   1.00 80.31 ? 307 VAL A N   1 
ATOM   1072 C CA  . VAL A 1 137 ? -10.050 14.197  0.931   1.00 80.30 ? 307 VAL A CA  1 
ATOM   1073 C C   . VAL A 1 137 ? -9.982  15.024  2.224   1.00 80.34 ? 307 VAL A C   1 
ATOM   1074 O O   . VAL A 1 137 ? -9.344  16.075  2.238   1.00 80.39 ? 307 VAL A O   1 
ATOM   1075 C CB  . VAL A 1 137 ? -11.352 14.478  0.106   1.00 80.40 ? 307 VAL A CB  1 
ATOM   1076 C CG1 . VAL A 1 137 ? -11.761 15.956  0.160   1.00 80.16 ? 307 VAL A CG1 1 
ATOM   1077 C CG2 . VAL A 1 137 ? -11.177 14.032  -1.347  1.00 80.12 ? 307 VAL A CG2 1 
ATOM   1078 N N   . LYS A 1 138 ? -10.601 14.547  3.307   1.00 80.35 ? 308 LYS A N   1 
ATOM   1079 C CA  . LYS A 1 138 ? -10.600 15.290  4.580   1.00 80.50 ? 308 LYS A CA  1 
ATOM   1080 C C   . LYS A 1 138 ? -9.206  15.442  5.217   1.00 80.69 ? 308 LYS A C   1 
ATOM   1081 O O   . LYS A 1 138 ? -9.062  16.141  6.216   1.00 80.57 ? 308 LYS A O   1 
ATOM   1082 C CB  . LYS A 1 138 ? -11.601 14.694  5.593   1.00 80.56 ? 308 LYS A CB  1 
ATOM   1083 C CG  . LYS A 1 138 ? -13.062 15.074  5.350   1.00 80.41 ? 308 LYS A CG  1 
ATOM   1084 C CD  . LYS A 1 138 ? -13.890 15.089  6.641   1.00 80.29 ? 308 LYS A CD  1 
ATOM   1085 C CE  . LYS A 1 138 ? -15.364 15.436  6.340   1.00 80.68 ? 308 LYS A CE  1 
ATOM   1086 N NZ  . LYS A 1 138 ? -16.127 16.123  7.448   1.00 79.97 ? 308 LYS A NZ  1 
ATOM   1087 N N   . GLN A 1 139 ? -8.192  14.799  4.631   1.00 81.20 ? 309 GLN A N   1 
ATOM   1088 C CA  . GLN A 1 139 ? -6.809  14.814  5.158   1.00 81.62 ? 309 GLN A CA  1 
ATOM   1089 C C   . GLN A 1 139 ? -5.824  15.580  4.266   1.00 81.78 ? 309 GLN A C   1 
ATOM   1090 O O   . GLN A 1 139 ? -4.604  15.434  4.414   1.00 81.84 ? 309 GLN A O   1 
ATOM   1091 C CB  . GLN A 1 139 ? -6.286  13.384  5.343   1.00 81.43 ? 309 GLN A CB  1 
ATOM   1092 C CG  . GLN A 1 139 ? -7.341  12.387  5.761   1.00 82.33 ? 309 GLN A CG  1 
ATOM   1093 C CD  . GLN A 1 139 ? -7.610  12.376  7.257   1.00 83.15 ? 309 GLN A CD  1 
ATOM   1094 O OE1 . GLN A 1 139 ? -6.724  12.040  8.054   1.00 83.92 ? 309 GLN A OE1 1 
ATOM   1095 N NE2 . GLN A 1 139 ? -8.848  12.712  7.646   1.00 82.79 ? 309 GLN A NE2 1 
ATOM   1096 N N   . ARG A 1 140 ? -6.360  16.392  3.353   1.00 81.98 ? 310 ARG A N   1 
ATOM   1097 C CA  . ARG A 1 140 ? -5.583  17.020  2.281   1.00 82.24 ? 310 ARG A CA  1 
ATOM   1098 C C   . ARG A 1 140 ? -4.810  15.941  1.504   1.00 82.43 ? 310 ARG A C   1 
ATOM   1099 O O   . ARG A 1 140 ? -3.686  16.153  1.039   1.00 82.61 ? 310 ARG A O   1 
ATOM   1100 C CB  . ARG A 1 140 ? -4.652  18.109  2.832   1.00 82.19 ? 310 ARG A CB  1 
ATOM   1101 C CG  . ARG A 1 140 ? -5.358  19.148  3.685   1.00 82.77 ? 310 ARG A CG  1 
ATOM   1102 C CD  . ARG A 1 140 ? -4.546  19.478  4.914   1.00 84.07 ? 310 ARG A CD  1 
ATOM   1103 N NE  . ARG A 1 140 ? -4.262  18.276  5.701   1.00 85.77 ? 310 ARG A NE  1 
ATOM   1104 C CZ  . ARG A 1 140 ? -3.315  18.197  6.631   1.00 86.59 ? 310 ARG A CZ  1 
ATOM   1105 N NH1 . ARG A 1 140 ? -2.548  19.254  6.897   1.00 86.85 ? 310 ARG A NH1 1 
ATOM   1106 N NH2 . ARG A 1 140 ? -3.127  17.056  7.291   1.00 86.24 ? 310 ARG A NH2 1 
ATOM   1107 N N   . GLY A 1 141 ? -5.426  14.772  1.381   1.00 82.38 ? 311 GLY A N   1 
ATOM   1108 C CA  . GLY A 1 141 ? -4.846  13.683  0.615   1.00 82.87 ? 311 GLY A CA  1 
ATOM   1109 C C   . GLY A 1 141 ? -3.433  13.254  0.986   1.00 82.99 ? 311 GLY A C   1 
ATOM   1110 O O   . GLY A 1 141 ? -3.121  12.996  2.158   1.00 83.11 ? 311 GLY A O   1 
ATOM   1111 N N   . TRP A 1 142 ? -2.579  13.176  -0.031  1.00 82.98 ? 312 TRP A N   1 
ATOM   1112 C CA  . TRP A 1 142 ? -1.238  12.633  0.128   1.00 82.76 ? 312 TRP A CA  1 
ATOM   1113 C C   . TRP A 1 142 ? -0.382  13.516  1.003   1.00 82.11 ? 312 TRP A C   1 
ATOM   1114 O O   . TRP A 1 142 ? 0.635   13.067  1.528   1.00 81.83 ? 312 TRP A O   1 
ATOM   1115 C CB  . TRP A 1 142 ? -0.580  12.400  -1.239  1.00 83.51 ? 312 TRP A CB  1 
ATOM   1116 C CG  . TRP A 1 142 ? -0.997  11.071  -1.865  1.00 84.43 ? 312 TRP A CG  1 
ATOM   1117 C CD1 . TRP A 1 142 ? -1.765  10.887  -2.989  1.00 84.81 ? 312 TRP A CD1 1 
ATOM   1118 C CD2 . TRP A 1 142 ? -0.685  9.755   -1.378  1.00 84.33 ? 312 TRP A CD2 1 
ATOM   1119 N NE1 . TRP A 1 142 ? -1.940  9.543   -3.232  1.00 83.71 ? 312 TRP A NE1 1 
ATOM   1120 C CE2 . TRP A 1 142 ? -1.292  8.827   -2.259  1.00 84.18 ? 312 TRP A CE2 1 
ATOM   1121 C CE3 . TRP A 1 142 ? 0.050   9.270   -0.286  1.00 84.52 ? 312 TRP A CE3 1 
ATOM   1122 C CZ2 . TRP A 1 142 ? -1.185  7.442   -2.078  1.00 84.90 ? 312 TRP A CZ2 1 
ATOM   1123 C CZ3 . TRP A 1 142 ? 0.156   7.892   -0.107  1.00 84.66 ? 312 TRP A CZ3 1 
ATOM   1124 C CH2 . TRP A 1 142 ? -0.462  6.993   -1.000  1.00 84.75 ? 312 TRP A CH2 1 
ATOM   1125 N N   . ASP A 1 143 ? -0.815  14.766  1.160   1.00 81.34 ? 313 ASP A N   1 
ATOM   1126 C CA  . ASP A 1 143 ? -0.152  15.721  2.029   1.00 80.78 ? 313 ASP A CA  1 
ATOM   1127 C C   . ASP A 1 143 ? -0.294  15.299  3.480   1.00 80.34 ? 313 ASP A C   1 
ATOM   1128 O O   . ASP A 1 143 ? 0.661   15.382  4.248   1.00 79.94 ? 313 ASP A O   1 
ATOM   1129 C CB  . ASP A 1 143 ? -0.715  17.130  1.816   1.00 80.98 ? 313 ASP A CB  1 
ATOM   1130 C CG  . ASP A 1 143 ? -0.511  17.646  0.384   1.00 81.41 ? 313 ASP A CG  1 
ATOM   1131 O OD1 . ASP A 1 143 ? 0.246   17.019  -0.397  1.00 82.14 ? 313 ASP A OD1 1 
ATOM   1132 O OD2 . ASP A 1 143 ? -1.111  18.688  0.037   1.00 81.46 ? 313 ASP A OD2 1 
ATOM   1133 N N   . GLY A 1 144 ? -1.488  14.835  3.841   1.00 80.10 ? 314 GLY A N   1 
ATOM   1134 C CA  . GLY A 1 144 ? -1.753  14.319  5.179   1.00 80.10 ? 314 GLY A CA  1 
ATOM   1135 C C   . GLY A 1 144 ? -0.913  13.096  5.492   1.00 80.11 ? 314 GLY A C   1 
ATOM   1136 O O   . GLY A 1 144 ? -0.341  12.979  6.576   1.00 79.99 ? 314 GLY A O   1 
ATOM   1137 N N   . PHE A 1 145 ? -0.841  12.179  4.534   1.00 80.29 ? 315 PHE A N   1 
ATOM   1138 C CA  . PHE A 1 145 ? 0.027   11.011  4.645   1.00 80.73 ? 315 PHE A CA  1 
ATOM   1139 C C   . PHE A 1 145 ? 1.454   11.403  5.084   1.00 81.06 ? 315 PHE A C   1 
ATOM   1140 O O   . PHE A 1 145 ? 2.012   10.829  6.027   1.00 81.04 ? 315 PHE A O   1 
ATOM   1141 C CB  . PHE A 1 145 ? 0.040   10.257  3.308   1.00 80.59 ? 315 PHE A CB  1 
ATOM   1142 C CG  . PHE A 1 145 ? 1.004   9.100   3.260   1.00 80.77 ? 315 PHE A CG  1 
ATOM   1143 C CD1 . PHE A 1 145 ? 0.756   7.932   3.971   1.00 81.41 ? 315 PHE A CD1 1 
ATOM   1144 C CD2 . PHE A 1 145 ? 2.157   9.171   2.487   1.00 81.19 ? 315 PHE A CD2 1 
ATOM   1145 C CE1 . PHE A 1 145 ? 1.656   6.855   3.917   1.00 81.30 ? 315 PHE A CE1 1 
ATOM   1146 C CE2 . PHE A 1 145 ? 3.050   8.104   2.429   1.00 80.81 ? 315 PHE A CE2 1 
ATOM   1147 C CZ  . PHE A 1 145 ? 2.801   6.950   3.151   1.00 80.40 ? 315 PHE A CZ  1 
ATOM   1148 N N   . VAL A 1 146 ? 2.011   12.407  4.406   1.00 81.50 ? 316 VAL A N   1 
ATOM   1149 C CA  . VAL A 1 146 ? 3.385   12.892  4.616   1.00 81.74 ? 316 VAL A CA  1 
ATOM   1150 C C   . VAL A 1 146 ? 3.593   13.565  5.977   1.00 81.75 ? 316 VAL A C   1 
ATOM   1151 O O   . VAL A 1 146 ? 4.672   13.447  6.579   1.00 81.62 ? 316 VAL A O   1 
ATOM   1152 C CB  . VAL A 1 146 ? 3.798   13.868  3.475   1.00 81.89 ? 316 VAL A CB  1 
ATOM   1153 C CG1 . VAL A 1 146 ? 5.188   14.462  3.716   1.00 82.08 ? 316 VAL A CG1 1 
ATOM   1154 C CG2 . VAL A 1 146 ? 3.740   13.163  2.119   1.00 81.96 ? 316 VAL A CG2 1 
ATOM   1155 N N   . GLU A 1 147 ? 2.563   14.271  6.442   1.00 81.96 ? 317 GLU A N   1 
ATOM   1156 C CA  . GLU A 1 147 ? 2.581   14.922  7.762   1.00 82.15 ? 317 GLU A CA  1 
ATOM   1157 C C   . GLU A 1 147 ? 2.320   13.931  8.907   1.00 81.98 ? 317 GLU A C   1 
ATOM   1158 O O   . GLU A 1 147 ? 2.854   14.087  10.014  1.00 81.80 ? 317 GLU A O   1 
ATOM   1159 C CB  . GLU A 1 147 ? 1.561   16.058  7.821   1.00 82.33 ? 317 GLU A CB  1 
ATOM   1160 C CG  . GLU A 1 147 ? 1.745   17.154  6.783   1.00 82.94 ? 317 GLU A CG  1 
ATOM   1161 C CD  . GLU A 1 147 ? 0.443   17.879  6.512   1.00 84.32 ? 317 GLU A CD  1 
ATOM   1162 O OE1 . GLU A 1 147 ? -0.615  17.386  6.981   1.00 84.12 ? 317 GLU A OE1 1 
ATOM   1163 O OE2 . GLU A 1 147 ? 0.478   18.936  5.833   1.00 85.16 ? 317 GLU A OE2 1 
ATOM   1164 N N   . PHE A 1 148 ? 1.497   12.917  8.644   1.00 81.77 ? 318 PHE A N   1 
ATOM   1165 C CA  . PHE A 1 148 ? 1.353   11.843  9.603   1.00 81.71 ? 318 PHE A CA  1 
ATOM   1166 C C   . PHE A 1 148 ? 2.700   11.166  9.870   1.00 81.20 ? 318 PHE A C   1 
ATOM   1167 O O   . PHE A 1 148 ? 3.117   11.062  11.021  1.00 81.52 ? 318 PHE A O   1 
ATOM   1168 C CB  . PHE A 1 148 ? 0.309   10.810  9.176   1.00 82.13 ? 318 PHE A CB  1 
ATOM   1169 C CG  . PHE A 1 148 ? 0.016   9.795   10.251  1.00 83.42 ? 318 PHE A CG  1 
ATOM   1170 C CD1 . PHE A 1 148 ? -0.643  10.183  11.434  1.00 83.47 ? 318 PHE A CD1 1 
ATOM   1171 C CD2 . PHE A 1 148 ? 0.432   8.462   10.107  1.00 84.13 ? 318 PHE A CD2 1 
ATOM   1172 C CE1 . PHE A 1 148 ? -0.904  9.257   12.451  1.00 83.85 ? 318 PHE A CE1 1 
ATOM   1173 C CE2 . PHE A 1 148 ? 0.179   7.517   11.116  1.00 84.83 ? 318 PHE A CE2 1 
ATOM   1174 C CZ  . PHE A 1 148 ? -0.495  7.918   12.295  1.00 84.58 ? 318 PHE A CZ  1 
ATOM   1175 N N   . PHE A 1 149 ? 3.392   10.747  8.812   1.00 80.29 ? 319 PHE A N   1 
ATOM   1176 C CA  . PHE A 1 149 ? 4.652   10.027  8.969   1.00 79.47 ? 319 PHE A CA  1 
ATOM   1177 C C   . PHE A 1 149 ? 5.942   10.888  9.035   1.00 79.51 ? 319 PHE A C   1 
ATOM   1178 O O   . PHE A 1 149 ? 7.052   10.354  9.058   1.00 79.51 ? 319 PHE A O   1 
ATOM   1179 C CB  . PHE A 1 149 ? 4.757   8.912   7.921   1.00 79.03 ? 319 PHE A CB  1 
ATOM   1180 C CG  . PHE A 1 149 ? 3.756   7.819   8.107   1.00 78.02 ? 319 PHE A CG  1 
ATOM   1181 C CD1 . PHE A 1 149 ? 2.626   7.749   7.302   1.00 77.99 ? 319 PHE A CD1 1 
ATOM   1182 C CD2 . PHE A 1 149 ? 3.928   6.860   9.095   1.00 76.94 ? 319 PHE A CD2 1 
ATOM   1183 C CE1 . PHE A 1 149 ? 1.673   6.727   7.481   1.00 77.91 ? 319 PHE A CE1 1 
ATOM   1184 C CE2 . PHE A 1 149 ? 2.992   5.840   9.280   1.00 76.98 ? 319 PHE A CE2 1 
ATOM   1185 C CZ  . PHE A 1 149 ? 1.859   5.773   8.472   1.00 77.92 ? 319 PHE A CZ  1 
ATOM   1186 N N   . HIS A 1 150 ? 5.806   12.208  9.081   1.00 79.47 ? 320 HIS A N   1 
ATOM   1187 C CA  . HIS A 1 150 ? 6.959   13.053  9.361   1.00 79.75 ? 320 HIS A CA  1 
ATOM   1188 C C   . HIS A 1 150 ? 7.484   12.706  10.764  1.00 79.97 ? 320 HIS A C   1 
ATOM   1189 O O   . HIS A 1 150 ? 6.816   12.991  11.771  1.00 80.11 ? 320 HIS A O   1 
ATOM   1190 C CB  . HIS A 1 150 ? 6.573   14.534  9.257   1.00 79.91 ? 320 HIS A CB  1 
ATOM   1191 C CG  . HIS A 1 150 ? 7.701   15.489  9.527   1.00 79.57 ? 320 HIS A CG  1 
ATOM   1192 N ND1 . HIS A 1 150 ? 8.395   16.123  8.519   1.00 79.27 ? 320 HIS A ND1 1 
ATOM   1193 C CD2 . HIS A 1 150 ? 8.238   15.935  10.688  1.00 79.08 ? 320 HIS A CD2 1 
ATOM   1194 C CE1 . HIS A 1 150 ? 9.315   16.910  9.046   1.00 79.15 ? 320 HIS A CE1 1 
ATOM   1195 N NE2 . HIS A 1 150 ? 9.246   16.808  10.360  1.00 79.15 ? 320 HIS A NE2 1 
ATOM   1196 N N   . VAL A 1 151 ? 8.660   12.064  10.797  1.00 80.10 ? 321 VAL A N   1 
ATOM   1197 C CA  . VAL A 1 151 ? 9.370   11.594  12.018  1.00 80.02 ? 321 VAL A CA  1 
ATOM   1198 C C   . VAL A 1 151 ? 10.340  10.430  11.651  1.00 80.28 ? 321 VAL A C   1 
ATOM   1199 O O   . VAL A 1 151 ? 11.067  9.859   12.488  1.00 79.98 ? 321 VAL A O   1 
ATOM   1200 C CB  . VAL A 1 151 ? 8.401   11.176  13.175  1.00 80.06 ? 321 VAL A CB  1 
ATOM   1201 C CG1 . VAL A 1 151 ? 7.876   9.755   12.970  1.00 79.34 ? 321 VAL A CG1 1 
ATOM   1202 C CG2 . VAL A 1 151 ? 9.053   11.359  14.563  1.00 79.29 ? 321 VAL A CG2 1 
ATOM   1203 N N   . ASP B 2 6   ? -9.130  -12.823 4.991   1.00 81.13 ? 73  ASP B N   1 
ATOM   1204 C CA  . ASP B 2 6   ? -8.278  -12.557 6.192   1.00 81.42 ? 73  ASP B CA  1 
ATOM   1205 C C   . ASP B 2 6   ? -9.086  -12.845 7.460   1.00 81.83 ? 73  ASP B C   1 
ATOM   1206 O O   . ASP B 2 6   ? -9.420  -11.919 8.211   1.00 81.89 ? 73  ASP B O   1 
ATOM   1207 C CB  . ASP B 2 6   ? -7.771  -11.103 6.202   1.00 81.28 ? 73  ASP B CB  1 
ATOM   1208 C CG  . ASP B 2 6   ? -6.585  -10.881 7.156   1.00 80.72 ? 73  ASP B CG  1 
ATOM   1209 O OD1 . ASP B 2 6   ? -5.854  -11.850 7.457   0.00 80.60 ? 73  ASP B OD1 1 
ATOM   1210 O OD2 . ASP B 2 6   ? -6.384  -9.725  7.589   0.00 80.31 ? 73  ASP B OD2 1 
ATOM   1211 N N   . GLU B 2 7   ? -9.395  -14.131 7.680   1.00 81.97 ? 74  GLU B N   1 
ATOM   1212 C CA  . GLU B 2 7   ? -10.235 -14.600 8.798   1.00 81.98 ? 74  GLU B CA  1 
ATOM   1213 C C   . GLU B 2 7   ? -9.907  -13.933 10.148  1.00 82.03 ? 74  GLU B C   1 
ATOM   1214 O O   . GLU B 2 7   ? -10.818 -13.448 10.844  1.00 81.99 ? 74  GLU B O   1 
ATOM   1215 C CB  . GLU B 2 7   ? -10.191 -16.142 8.919   1.00 82.11 ? 74  GLU B CB  1 
ATOM   1216 C CG  . GLU B 2 7   ? -11.196 -16.898 8.038   1.00 81.75 ? 74  GLU B CG  1 
ATOM   1217 C CD  . GLU B 2 7   ? -10.972 -18.399 8.046   0.00 81.85 ? 74  GLU B CD  1 
ATOM   1218 O OE1 . GLU B 2 7   ? -9.842  -18.842 7.746   0.00 81.69 ? 74  GLU B OE1 1 
ATOM   1219 O OE2 . GLU B 2 7   ? -11.933 -19.140 8.343   0.00 81.69 ? 74  GLU B OE2 1 
ATOM   1220 N N   . CYS B 2 8   ? -8.617  -13.940 10.511  1.00 81.85 ? 75  CYS B N   1 
ATOM   1221 C CA  . CYS B 2 8   ? -8.103  -13.182 11.662  1.00 81.73 ? 75  CYS B CA  1 
ATOM   1222 C C   . CYS B 2 8   ? -7.685  -11.834 11.104  1.00 81.83 ? 75  CYS B C   1 
ATOM   1223 O O   . CYS B 2 8   ? -6.929  -11.765 10.104  1.00 82.26 ? 75  CYS B O   1 
ATOM   1224 C CB  . CYS B 2 8   ? -6.920  -13.889 12.342  1.00 81.47 ? 75  CYS B CB  1 
ATOM   1225 S SG  . CYS B 2 8   ? -7.227  -15.643 12.865  1.00 82.09 ? 75  CYS B SG  1 
ATOM   1226 N N   . ALA B 2 9   ? -8.191  -10.769 11.725  1.00 81.26 ? 76  ALA B N   1 
ATOM   1227 C CA  . ALA B 2 9   ? -8.079  -9.429  11.161  1.00 80.76 ? 76  ALA B CA  1 
ATOM   1228 C C   . ALA B 2 9   ? -6.630  -8.905  11.129  1.00 80.62 ? 76  ALA B C   1 
ATOM   1229 O O   . ALA B 2 9   ? -6.353  -7.836  11.681  1.00 80.95 ? 76  ALA B O   1 
ATOM   1230 C CB  . ALA B 2 9   ? -8.995  -8.475  11.918  1.00 80.41 ? 76  ALA B CB  1 
ATOM   1231 N N   . GLN B 2 10  ? -5.723  -9.634  10.460  1.00 80.27 ? 77  GLN B N   1 
ATOM   1232 C CA  . GLN B 2 10  ? -4.257  -9.403  10.592  1.00 79.94 ? 77  GLN B CA  1 
ATOM   1233 C C   . GLN B 2 10  ? -3.812  -8.058  10.076  1.00 79.43 ? 77  GLN B C   1 
ATOM   1234 O O   . GLN B 2 10  ? -3.137  -7.310  10.784  1.00 79.33 ? 77  GLN B O   1 
ATOM   1235 C CB  . GLN B 2 10  ? -3.433  -10.479 9.893   1.00 79.95 ? 77  GLN B CB  1 
ATOM   1236 C CG  . GLN B 2 10  ? -3.131  -11.688 10.727  1.00 81.01 ? 77  GLN B CG  1 
ATOM   1237 C CD  . GLN B 2 10  ? -1.726  -12.194 10.507  1.00 81.98 ? 77  GLN B CD  1 
ATOM   1238 O OE1 . GLN B 2 10  ? -0.760  -11.502 10.841  1.00 82.56 ? 77  GLN B OE1 1 
ATOM   1239 N NE2 . GLN B 2 10  ? -1.595  -13.413 9.960   1.00 81.80 ? 77  GLN B NE2 1 
ATOM   1240 N N   . LEU B 2 11  ? -4.199  -7.772  8.835   1.00 78.96 ? 78  LEU B N   1 
ATOM   1241 C CA  . LEU B 2 11  ? -3.862  -6.517  8.181   1.00 78.87 ? 78  LEU B CA  1 
ATOM   1242 C C   . LEU B 2 11  ? -4.476  -5.293  8.875   1.00 78.61 ? 78  LEU B C   1 
ATOM   1243 O O   . LEU B 2 11  ? -3.846  -4.227  8.953   1.00 78.55 ? 78  LEU B O   1 
ATOM   1244 C CB  . LEU B 2 11  ? -4.277  -6.544  6.692   1.00 79.18 ? 78  LEU B CB  1 
ATOM   1245 C CG  . LEU B 2 11  ? -3.405  -7.189  5.602   1.00 78.64 ? 78  LEU B CG  1 
ATOM   1246 C CD1 . LEU B 2 11  ? -4.206  -7.463  4.318   1.00 77.91 ? 78  LEU B CD1 1 
ATOM   1247 C CD2 . LEU B 2 11  ? -2.194  -6.335  5.296   1.00 78.27 ? 78  LEU B CD2 1 
ATOM   1248 N N   . ARG B 2 12  ? -5.711  -5.424  9.343   1.00 78.18 ? 79  ARG B N   1 
ATOM   1249 C CA  . ARG B 2 12  ? -6.322  -4.317  10.027  1.00 78.27 ? 79  ARG B CA  1 
ATOM   1250 C C   . ARG B 2 12  ? -5.434  -4.030  11.241  1.00 78.39 ? 79  ARG B C   1 
ATOM   1251 O O   . ARG B 2 12  ? -4.915  -2.910  11.416  1.00 77.94 ? 79  ARG B O   1 
ATOM   1252 C CB  . ARG B 2 12  ? -7.742  -4.671  10.442  1.00 78.20 ? 79  ARG B CB  1 
ATOM   1253 C CG  . ARG B 2 12  ? -8.410  -3.591  11.245  1.00 78.86 ? 79  ARG B CG  1 
ATOM   1254 C CD  . ARG B 2 12  ? -9.694  -4.088  11.820  1.00 80.97 ? 79  ARG B CD  1 
ATOM   1255 N NE  . ARG B 2 12  ? -10.597 -4.597  10.788  1.00 82.75 ? 79  ARG B NE  1 
ATOM   1256 C CZ  . ARG B 2 12  ? -11.757 -5.210  11.028  1.00 83.76 ? 79  ARG B CZ  1 
ATOM   1257 N NH1 . ARG B 2 12  ? -12.195 -5.415  12.277  1.00 83.51 ? 79  ARG B NH1 1 
ATOM   1258 N NH2 . ARG B 2 12  ? -12.492 -5.628  10.007  1.00 84.10 ? 79  ARG B NH2 1 
ATOM   1259 N N   . ARG B 2 13  ? -5.226  -5.087  12.030  1.00 78.43 ? 80  ARG B N   1 
ATOM   1260 C CA  . ARG B 2 13  ? -4.530  -5.025  13.309  1.00 78.33 ? 80  ARG B CA  1 
ATOM   1261 C C   . ARG B 2 13  ? -3.083  -4.531  13.202  1.00 77.90 ? 80  ARG B C   1 
ATOM   1262 O O   . ARG B 2 13  ? -2.581  -3.856  14.107  1.00 77.75 ? 80  ARG B O   1 
ATOM   1263 C CB  . ARG B 2 13  ? -4.604  -6.384  14.007  1.00 78.20 ? 80  ARG B CB  1 
ATOM   1264 C CG  . ARG B 2 13  ? -5.991  -6.721  14.585  1.00 79.08 ? 80  ARG B CG  1 
ATOM   1265 C CD  . ARG B 2 13  ? -6.067  -8.152  15.165  1.00 78.61 ? 80  ARG B CD  1 
ATOM   1266 N NE  . ARG B 2 13  ? -4.739  -8.675  15.522  1.00 78.75 ? 80  ARG B NE  1 
ATOM   1267 C CZ  . ARG B 2 13  ? -4.096  -8.430  16.664  0.50 77.33 ? 80  ARG B CZ  1 
ATOM   1268 N NH1 . ARG B 2 13  ? -4.646  -7.663  17.591  0.50 76.82 ? 80  ARG B NH1 1 
ATOM   1269 N NH2 . ARG B 2 13  ? -2.896  -8.952  16.877  0.50 76.41 ? 80  ARG B NH2 1 
ATOM   1270 N N   . ILE B 2 14  ? -2.423  -4.876  12.105  1.00 77.46 ? 81  ILE B N   1 
ATOM   1271 C CA  . ILE B 2 14  ? -1.117  -4.319  11.814  1.00 77.51 ? 81  ILE B CA  1 
ATOM   1272 C C   . ILE B 2 14  ? -1.295  -2.833  11.454  1.00 78.44 ? 81  ILE B C   1 
ATOM   1273 O O   . ILE B 2 14  ? -0.596  -1.962  11.979  1.00 78.74 ? 81  ILE B O   1 
ATOM   1274 C CB  . ILE B 2 14  ? -0.397  -5.110  10.690  1.00 77.44 ? 81  ILE B CB  1 
ATOM   1275 C CG1 . ILE B 2 14  ? -0.206  -6.574  11.111  1.00 76.73 ? 81  ILE B CG1 1 
ATOM   1276 C CG2 . ILE B 2 14  ? 0.944   -4.462  10.327  1.00 76.47 ? 81  ILE B CG2 1 
ATOM   1277 C CD1 . ILE B 2 14  ? 0.335   -7.485  10.021  1.00 76.70 ? 81  ILE B CD1 1 
ATOM   1278 N N   . GLY B 2 15  ? -2.257  -2.543  10.578  1.00 79.07 ? 82  GLY B N   1 
ATOM   1279 C CA  . GLY B 2 15  ? -2.587  -1.169  10.224  1.00 78.79 ? 82  GLY B CA  1 
ATOM   1280 C C   . GLY B 2 15  ? -2.745  -0.343  11.475  1.00 78.57 ? 82  GLY B C   1 
ATOM   1281 O O   . GLY B 2 15  ? -2.151  0.718   11.587  1.00 78.65 ? 82  GLY B O   1 
ATOM   1282 N N   . ASP B 2 16  ? -3.509  -0.851  12.433  1.00 78.42 ? 83  ASP B N   1 
ATOM   1283 C CA  . ASP B 2 16  ? -3.743  -0.105  13.654  1.00 78.97 ? 83  ASP B CA  1 
ATOM   1284 C C   . ASP B 2 16  ? -2.505  0.017   14.538  1.00 79.64 ? 83  ASP B C   1 
ATOM   1285 O O   . ASP B 2 16  ? -2.347  1.017   15.249  1.00 79.54 ? 83  ASP B O   1 
ATOM   1286 C CB  . ASP B 2 16  ? -4.920  -0.677  14.426  1.00 78.78 ? 83  ASP B CB  1 
ATOM   1287 C CG  . ASP B 2 16  ? -6.233  -0.491  13.694  1.00 78.87 ? 83  ASP B CG  1 
ATOM   1288 O OD1 . ASP B 2 16  ? -6.378  0.501   12.945  1.00 78.40 ? 83  ASP B OD1 1 
ATOM   1289 O OD2 . ASP B 2 16  ? -7.126  -1.345  13.859  1.00 79.42 ? 83  ASP B OD2 1 
ATOM   1290 N N   . LYS B 2 17  ? -1.627  -0.984  14.477  1.00 80.48 ? 84  LYS B N   1 
ATOM   1291 C CA  . LYS B 2 17  ? -0.351  -0.947  15.208  1.00 81.42 ? 84  LYS B CA  1 
ATOM   1292 C C   . LYS B 2 17  ? 0.613   0.077   14.626  1.00 81.73 ? 84  LYS B C   1 
ATOM   1293 O O   . LYS B 2 17  ? 1.276   0.815   15.365  1.00 82.02 ? 84  LYS B O   1 
ATOM   1294 C CB  . LYS B 2 17  ? 0.318   -2.314  15.211  1.00 81.56 ? 84  LYS B CB  1 
ATOM   1295 C CG  . LYS B 2 17  ? -0.083  -3.180  16.383  1.00 84.07 ? 84  LYS B CG  1 
ATOM   1296 C CD  . LYS B 2 17  ? 0.210   -4.648  16.118  1.00 86.57 ? 84  LYS B CD  1 
ATOM   1297 C CE  . LYS B 2 17  ? -0.669  -5.539  16.983  1.00 88.28 ? 84  LYS B CE  1 
ATOM   1298 N NZ  . LYS B 2 17  ? -0.826  -6.876  16.338  1.00 90.04 ? 84  LYS B NZ  1 
ATOM   1299 N N   . VAL B 2 18  ? 0.694   0.104   13.298  1.00 82.07 ? 85  VAL B N   1 
ATOM   1300 C CA  . VAL B 2 18  ? 1.491   1.092   12.583  1.00 82.30 ? 85  VAL B CA  1 
ATOM   1301 C C   . VAL B 2 18  ? 0.934   2.483   12.883  1.00 82.52 ? 85  VAL B C   1 
ATOM   1302 O O   . VAL B 2 18  ? 1.698   3.437   13.070  1.00 82.68 ? 85  VAL B O   1 
ATOM   1303 C CB  . VAL B 2 18  ? 1.552   0.777   11.049  1.00 82.48 ? 85  VAL B CB  1 
ATOM   1304 C CG1 . VAL B 2 18  ? 2.053   1.983   10.222  1.00 81.94 ? 85  VAL B CG1 1 
ATOM   1305 C CG2 . VAL B 2 18  ? 2.413   -0.466  10.796  1.00 81.75 ? 85  VAL B CG2 1 
ATOM   1306 N N   . ASN B 2 19  ? -0.394  2.585   12.956  1.00 82.48 ? 86  ASN B N   1 
ATOM   1307 C CA  . ASN B 2 19  ? -1.022  3.829   13.377  1.00 82.53 ? 86  ASN B CA  1 
ATOM   1308 C C   . ASN B 2 19  ? -0.707  4.148   14.845  1.00 82.72 ? 86  ASN B C   1 
ATOM   1309 O O   . ASN B 2 19  ? -0.377  5.293   15.158  1.00 83.12 ? 86  ASN B O   1 
ATOM   1310 C CB  . ASN B 2 19  ? -2.534  3.861   13.083  1.00 82.30 ? 86  ASN B CB  1 
ATOM   1311 C CG  . ASN B 2 19  ? -3.037  5.271   12.737  1.00 81.33 ? 86  ASN B CG  1 
ATOM   1312 O OD1 . ASN B 2 19  ? -2.805  5.753   11.639  1.00 82.27 ? 86  ASN B OD1 1 
ATOM   1313 N ND2 . ASN B 2 19  ? -3.728  5.923   13.667  1.00 78.51 ? 86  ASN B ND2 1 
ATOM   1314 N N   . LEU B 2 20  ? -0.757  3.150   15.730  1.00 82.49 ? 87  LEU B N   1 
ATOM   1315 C CA  . LEU B 2 20  ? -0.444  3.390   17.153  1.00 82.43 ? 87  LEU B CA  1 
ATOM   1316 C C   . LEU B 2 20  ? 0.979   3.920   17.364  1.00 82.21 ? 87  LEU B C   1 
ATOM   1317 O O   . LEU B 2 20  ? 1.150   4.964   18.000  1.00 81.92 ? 87  LEU B O   1 
ATOM   1318 C CB  . LEU B 2 20  ? -0.700  2.147   18.032  1.00 82.62 ? 87  LEU B CB  1 
ATOM   1319 C CG  . LEU B 2 20  ? -0.682  2.307   19.557  0.00 82.39 ? 87  LEU B CG  1 
ATOM   1320 C CD1 . LEU B 2 20  ? -1.951  2.986   20.058  0.00 82.22 ? 87  LEU B CD1 1 
ATOM   1321 C CD2 . LEU B 2 20  ? -0.504  0.955   20.224  0.00 82.38 ? 87  LEU B CD2 1 
ATOM   1322 N N   . ARG B 2 21  ? 1.978   3.208   16.822  1.00 82.20 ? 88  ARG B N   1 
ATOM   1323 C CA  . ARG B 2 21  ? 3.415   3.576   16.962  1.00 82.15 ? 88  ARG B CA  1 
ATOM   1324 C C   . ARG B 2 21  ? 3.716   5.028   16.537  1.00 82.36 ? 88  ARG B C   1 
ATOM   1325 O O   . ARG B 2 21  ? 4.387   5.782   17.279  1.00 82.19 ? 88  ARG B O   1 
ATOM   1326 C CB  . ARG B 2 21  ? 4.344   2.576   16.241  1.00 81.51 ? 88  ARG B CB  1 
ATOM   1327 C CG  . ARG B 2 21  ? 4.469   1.240   16.962  0.00 81.62 ? 88  ARG B CG  1 
ATOM   1328 C CD  . ARG B 2 21  ? 5.685   0.447   16.507  0.00 81.03 ? 88  ARG B CD  1 
ATOM   1329 N NE  . ARG B 2 21  ? 5.769   -0.848  17.185  0.00 80.58 ? 88  ARG B NE  1 
ATOM   1330 C CZ  . ARG B 2 21  ? 6.734   -1.744  16.994  0.00 80.26 ? 88  ARG B CZ  1 
ATOM   1331 N NH1 . ARG B 2 21  ? 7.722   -1.502  16.141  0.00 80.04 ? 88  ARG B NH1 1 
ATOM   1332 N NH2 . ARG B 2 21  ? 6.714   -2.887  17.662  0.00 80.14 ? 88  ARG B NH2 1 
ATOM   1333 N N   . GLN B 2 22  ? 3.203   5.404   15.358  1.00 82.18 ? 89  GLN B N   1 
ATOM   1334 C CA  . GLN B 2 22  ? 3.245   6.778   14.879  1.00 81.89 ? 89  GLN B CA  1 
ATOM   1335 C C   . GLN B 2 22  ? 2.524   7.768   15.773  1.00 81.56 ? 89  GLN B C   1 
ATOM   1336 O O   . GLN B 2 22  ? 3.098   8.798   16.106  1.00 81.70 ? 89  GLN B O   1 
ATOM   1337 C CB  . GLN B 2 22  ? 2.678   6.878   13.480  1.00 81.91 ? 89  GLN B CB  1 
ATOM   1338 C CG  . GLN B 2 22  ? 3.749   6.914   12.436  1.00 83.28 ? 89  GLN B CG  1 
ATOM   1339 C CD  . GLN B 2 22  ? 4.567   8.176   12.471  1.00 83.68 ? 89  GLN B CD  1 
ATOM   1340 O OE1 . GLN B 2 22  ? 5.773   8.135   12.296  1.00 84.82 ? 89  GLN B OE1 1 
ATOM   1341 N NE2 . GLN B 2 22  ? 3.918   9.306   12.699  1.00 84.28 ? 89  GLN B NE2 1 
ATOM   1342 N N   . LYS B 2 23  ? 1.275   7.468   16.142  1.00 81.14 ? 90  LYS B N   1 
ATOM   1343 C CA  . LYS B 2 23  ? 0.511   8.313   17.068  1.00 80.69 ? 90  LYS B CA  1 
ATOM   1344 C C   . LYS B 2 23  ? 1.367   8.687   18.287  1.00 80.43 ? 90  LYS B C   1 
ATOM   1345 O O   . LYS B 2 23  ? 1.443   9.867   18.662  1.00 80.41 ? 90  LYS B O   1 
ATOM   1346 C CB  . LYS B 2 23  ? -0.788  7.633   17.526  1.00 80.71 ? 90  LYS B CB  1 
ATOM   1347 C CG  . LYS B 2 23  ? -2.027  7.866   16.652  1.00 80.98 ? 90  LYS B CG  1 
ATOM   1348 C CD  . LYS B 2 23  ? -3.311  7.780   17.514  1.00 82.18 ? 90  LYS B CD  1 
ATOM   1349 C CE  . LYS B 2 23  ? -4.562  7.401   16.717  1.00 82.04 ? 90  LYS B CE  1 
ATOM   1350 N NZ  . LYS B 2 23  ? -4.533  5.966   16.302  1.00 82.17 ? 90  LYS B NZ  1 
ATOM   1351 N N   . LEU B 2 24  ? 2.028   7.677   18.870  1.00 80.00 ? 91  LEU B N   1 
ATOM   1352 C CA  . LEU B 2 24  ? 2.900   7.835   20.054  1.00 79.43 ? 91  LEU B CA  1 
ATOM   1353 C C   . LEU B 2 24  ? 4.246   8.502   19.727  1.00 79.12 ? 91  LEU B C   1 
ATOM   1354 O O   . LEU B 2 24  ? 5.021   8.823   20.629  1.00 78.96 ? 91  LEU B O   1 
ATOM   1355 C CB  . LEU B 2 24  ? 3.129   6.477   20.749  1.00 79.42 ? 91  LEU B CB  1 
ATOM   1356 C CG  . LEU B 2 24  ? 2.075   5.899   21.705  1.00 78.72 ? 91  LEU B CG  1 
ATOM   1357 C CD1 . LEU B 2 24  ? 1.914   4.399   21.484  1.00 78.06 ? 91  LEU B CD1 1 
ATOM   1358 C CD2 . LEU B 2 24  ? 2.412   6.214   23.170  1.00 78.93 ? 91  LEU B CD2 1 
ATOM   1359 N N   . LEU B 2 25  ? 4.510   8.690   18.433  1.00 78.70 ? 92  LEU B N   1 
ATOM   1360 C CA  . LEU B 2 25  ? 5.681   9.419   17.951  1.00 78.23 ? 92  LEU B CA  1 
ATOM   1361 C C   . LEU B 2 25  ? 5.372   10.870  17.570  1.00 77.93 ? 92  LEU B C   1 
ATOM   1362 O O   . LEU B 2 25  ? 6.281   11.699  17.557  1.00 77.79 ? 92  LEU B O   1 
ATOM   1363 C CB  . LEU B 2 25  ? 6.297   8.683   16.755  1.00 78.30 ? 92  LEU B CB  1 
ATOM   1364 C CG  . LEU B 2 25  ? 7.530   7.794   16.947  1.00 77.97 ? 92  LEU B CG  1 
ATOM   1365 C CD1 . LEU B 2 25  ? 7.784   7.419   18.411  1.00 76.91 ? 92  LEU B CD1 1 
ATOM   1366 C CD2 . LEU B 2 25  ? 7.434   6.557   16.036  1.00 77.62 ? 92  LEU B CD2 1 
ATOM   1367 N N   . ASN B 2 26  ? 4.102   11.164  17.260  1.00 77.63 ? 93  ASN B N   1 
ATOM   1368 C CA  . ASN B 2 26  ? 3.650   12.513  16.872  1.00 77.62 ? 93  ASN B CA  1 
ATOM   1369 C C   . ASN B 2 26  ? 3.262   13.452  18.051  1.00 78.01 ? 93  ASN B C   1 
ATOM   1370 O O   . ASN B 2 26  ? 3.098   14.684  17.892  1.00 77.82 ? 93  ASN B O   1 
ATOM   1371 C CB  . ASN B 2 26  ? 2.471   12.439  15.882  1.00 77.31 ? 93  ASN B CB  1 
ATOM   1372 C CG  . ASN B 2 26  ? 2.855   11.883  14.519  1.00 75.88 ? 93  ASN B CG  1 
ATOM   1373 O OD1 . ASN B 2 26  ? 1.990   11.362  13.817  1.00 74.91 ? 93  ASN B OD1 1 
ATOM   1374 N ND2 . ASN B 2 26  ? 4.122   12.018  14.122  1.00 73.63 ? 93  ASN B ND2 1 
ATOM   1375 O OXT . ASN B 2 26  ? 3.081   13.000  19.197  1.00 78.20 ? 93  ASN B OXT 1 
HETATM 1376 O O   . HOH C 3 .   ? -5.257  24.400  -13.500 1.00 82.00 ? 3   HOH A O   1 
HETATM 1377 O O   . HOH C 3 .   ? -3.767  14.417  -17.402 1.00 82.98 ? 4   HOH A O   1 
HETATM 1378 O O   . HOH C 3 .   ? -9.140  -7.319  -16.309 1.00 42.90 ? 7   HOH A O   1 
HETATM 1379 O O   . HOH C 3 .   ? 2.863   -5.649  -14.084 1.00 60.59 ? 8   HOH A O   1 
HETATM 1380 O O   . HOH C 3 .   ? 14.376  -1.381  -3.393  1.00 43.44 ? 9   HOH A O   1 
HETATM 1381 O O   . HOH C 3 .   ? 5.387   16.516  12.833  1.00 83.05 ? 10  HOH A O   1 
HETATM 1382 O O   . HOH C 3 .   ? 11.978  1.244   -3.263  1.00 62.37 ? 11  HOH A O   1 
HETATM 1383 O O   . HOH C 3 .   ? -6.603  -4.290  -10.246 1.00 83.27 ? 13  HOH A O   1 
HETATM 1384 O O   . HOH C 3 .   ? 7.298   2.222   -12.786 1.00 86.28 ? 14  HOH A O   1 
HETATM 1385 O O   . HOH C 3 .   ? -16.001 -0.280  -3.518  1.00 97.68 ? 15  HOH A O   1 
HETATM 1386 O O   . HOH C 3 .   ? -10.920 15.178  -10.033 1.00 81.93 ? 16  HOH A O   1 
HETATM 1387 O O   . HOH C 3 .   ? 11.072  -7.239  4.704   1.00 70.04 ? 17  HOH A O   1 
HETATM 1388 O O   . HOH C 3 .   ? 7.971   -15.386 -2.819  1.00 74.09 ? 18  HOH A O   1 
HETATM 1389 O O   . HOH C 3 .   ? 7.332   13.516  13.983  1.00 51.55 ? 19  HOH A O   1 
HETATM 1390 O O   . HOH C 3 .   ? -18.843 -0.644  11.675  1.00 54.25 ? 20  HOH A O   1 
HETATM 1391 O O   . HOH C 3 .   ? 13.984  -4.455  -3.046  1.00 52.20 ? 21  HOH A O   1 
HETATM 1392 O O   . HOH C 3 .   ? -3.744  14.205  -8.155  1.00 77.14 ? 22  HOH A O   1 
HETATM 1393 O O   . HOH C 3 .   ? 17.931  -0.060  -4.814  1.00 83.22 ? 23  HOH A O   1 
HETATM 1394 O O   . HOH C 3 .   ? 17.451  -2.736  8.381   1.00 70.30 ? 24  HOH A O   1 
HETATM 1395 O O   . HOH C 3 .   ? 13.253  -3.159  11.462  1.00 68.87 ? 25  HOH A O   1 
HETATM 1396 O O   . HOH C 3 .   ? 12.101  10.881  9.225   1.00 62.24 ? 26  HOH A O   1 
HETATM 1397 O O   . HOH C 3 .   ? -5.709  17.786  -8.040  1.00 73.85 ? 28  HOH A O   1 
HETATM 1398 O O   . HOH C 3 .   ? 14.689  0.368   -4.437  1.00 75.66 ? 29  HOH A O   1 
HETATM 1399 O O   . HOH C 3 .   ? -9.596  12.167  -8.303  1.00 82.45 ? 30  HOH A O   1 
HETATM 1400 O O   . HOH C 3 .   ? -7.341  -12.356 -15.299 1.00 64.70 ? 31  HOH A O   1 
HETATM 1401 O O   . HOH D 3 .   ? -6.721  -3.486  15.225  1.00 55.38 ? 1   HOH B O   1 
HETATM 1402 O O   . HOH D 3 .   ? 5.923   -1.738  13.842  1.00 69.54 ? 2   HOH B O   1 
HETATM 1403 O O   . HOH D 3 .   ? -3.404  8.255   10.245  1.00 74.42 ? 5   HOH B O   1 
HETATM 1404 O O   . HOH D 3 .   ? -4.943  3.178   16.130  1.00 53.44 ? 6   HOH B O   1 
HETATM 1405 O O   . HOH D 3 .   ? -4.853  8.586   12.330  1.00 62.50 ? 12  HOH B O   1 
HETATM 1406 O O   . HOH D 3 .   ? -7.397  -7.235  8.440   1.00 76.24 ? 27  HOH B O   1 
# 
